data_7IBB
# 
_entry.id   7IBB 
# 
_audit_conform.dict_name       mmcif_pdbx.dic 
_audit_conform.dict_version    5.408 
_audit_conform.dict_location   http://mmcif.pdb.org/dictionaries/ascii/mmcif_pdbx.dic 
# 
loop_
_database_2.database_id 
_database_2.database_code 
_database_2.pdbx_database_accession 
_database_2.pdbx_DOI 
PDB   7IBB         pdb_00007ibb 10.2210/pdb7ibb/pdb 
WWPDB D_1001408550 ?            ?                   
# 
loop_
_pdbx_audit_revision_history.ordinal 
_pdbx_audit_revision_history.data_content_type 
_pdbx_audit_revision_history.major_revision 
_pdbx_audit_revision_history.minor_revision 
_pdbx_audit_revision_history.revision_date 
_pdbx_audit_revision_history.part_number 
1 'Structure model' 1 0 2025-10-22 ? 
2 'Structure model' 1 1 2025-12-10 ? 
# 
_pdbx_audit_revision_details.ordinal             1 
_pdbx_audit_revision_details.revision_ordinal    1 
_pdbx_audit_revision_details.data_content_type   'Structure model' 
_pdbx_audit_revision_details.provider            repository 
_pdbx_audit_revision_details.type                'Initial release' 
_pdbx_audit_revision_details.description         ? 
_pdbx_audit_revision_details.details             ? 
# 
_pdbx_audit_revision_group.ordinal             1 
_pdbx_audit_revision_group.revision_ordinal    2 
_pdbx_audit_revision_group.data_content_type   'Structure model' 
_pdbx_audit_revision_group.group               'Database references' 
# 
_pdbx_audit_revision_category.ordinal             1 
_pdbx_audit_revision_category.revision_ordinal    2 
_pdbx_audit_revision_category.data_content_type   'Structure model' 
_pdbx_audit_revision_category.category            citation 
# 
loop_
_pdbx_audit_revision_item.ordinal 
_pdbx_audit_revision_item.revision_ordinal 
_pdbx_audit_revision_item.data_content_type 
_pdbx_audit_revision_item.item 
1 2 'Structure model' '_citation.journal_volume' 
2 2 'Structure model' '_citation.page_first'     
3 2 'Structure model' '_citation.page_last'      
# 
_database_PDB_caveat.id     1 
_database_PDB_caveat.text   
'ARG A 124 and LYS A 125 that are next to each other in the sample sequence are not properly linked in conformers C and D.' 
# 
_pdbx_database_status.entry_id                        7IBB 
_pdbx_database_status.status_code                     REL 
_pdbx_database_status.status_code_sf                  REL 
_pdbx_database_status.status_code_mr                  ? 
_pdbx_database_status.status_code_cs                  ? 
_pdbx_database_status.recvd_initial_deposition_date   2025-05-27 
_pdbx_database_status.status_code_nmr_data            ? 
_pdbx_database_status.deposit_site                    RCSB 
_pdbx_database_status.process_site                    RCSB 
_pdbx_database_status.SG_entry                        ? 
_pdbx_database_status.pdb_format_compatible           N 
_pdbx_database_status.methods_development_category    ? 
# 
_pdbx_contact_author.id                 2 
_pdbx_contact_author.name_last          Weiss 
_pdbx_contact_author.name_first         Manfred 
_pdbx_contact_author.name_mi            S. 
_pdbx_contact_author.email              manfred.weiss@helmholtz-berlin.de 
_pdbx_contact_author.identifier_ORCID   0000-0002-2362-7047 
_pdbx_contact_author.role               'principal investigator/group leader' 
# 
loop_
_audit_author.pdbx_ordinal 
_audit_author.name 
_audit_author.identifier_ORCID 
1 'Lennartz, F.' 0000-0001-5617-5502 
2 'Weiss, M.S.'  0000-0002-2362-7047 
# 
_citation.id                        primary 
_citation.title                     
;Crystallographic fragment screening against SARS-CoV-2 nonstructural protein 1 using the F2X-Entry Screen and a newly developed fragment library.
;
_citation.journal_abbrev            'Acta Crystallogr D Struct Biol' 
_citation.journal_volume            81 
_citation.page_first                630 
_citation.page_last                 645 
_citation.year                      2025 
_citation.journal_id_ASTM           ? 
_citation.country                   ? 
_citation.journal_id_ISSN           2059-7983 
_citation.journal_id_CSD            ? 
_citation.book_publisher            ? 
_citation.pdbx_database_id_PubMed   41081353 
_citation.pdbx_database_id_DOI      10.1107/S2059798325008563 
# 
loop_
_citation_author.ordinal 
_citation_author.citation_id 
_citation_author.name 
_citation_author.identifier_ORCID 
1  primary 'Lennartz, F.'    ?                   
2  primary 'Wollenhaupt, J.' 0000-0002-3418-5213 
3  primary 'Oelker, M.'      0000-0001-7301-8445 
4  primary 'Froling, P.'     ?                   
5  primary 'Mueller, U.'     0000-0002-7139-0718 
6  primary 'Deckers, A.'     ?                   
7  primary 'Grathwol, C.'    ?                   
8  primary 'Brase, S.'       ?                   
9  primary 'Jung, N.'        0000-0001-9513-2468 
10 primary 'Weiss, M.S.'     0000-0002-2362-7047 
# 
loop_
_entity.id 
_entity.type 
_entity.src_method 
_entity.pdbx_description 
_entity.formula_weight 
_entity.pdbx_number_of_molecules 
_entity.pdbx_ec 
_entity.pdbx_mutation 
_entity.pdbx_fragment 
_entity.details 
1 polymer     man 'Host translation inhibitor nsp1'   12863.854 1  ? ? ? ? 
2 non-polymer syn '(2-bromo-1,4-phenylene)dimethanol' 217.060   1  ? ? ? ? 
3 water       nat water                               18.015    81 ? ? ? ? 
# 
_entity_name_com.entity_id   1 
_entity_name_com.name        'Leader protein,Non-structural protein 1,nsp1' 
# 
_entity_poly.entity_id                      1 
_entity_poly.type                           'polypeptide(L)' 
_entity_poly.nstd_linkage                   no 
_entity_poly.nstd_monomer                   no 
_entity_poly.pdbx_seq_one_letter_code       
;EKTHVQLSLPVLQVRDVLVRGFGDSVEEVLSEARQHLKDGTCGLVEVEKGVLPQLEQPYVFIKRSDARTAPHGHVMVELV
AELEGIQYGRSGETLGVLVPHVGEIPVAYRKVLLRK
;
_entity_poly.pdbx_seq_one_letter_code_can   
;EKTHVQLSLPVLQVRDVLVRGFGDSVEEVLSEARQHLKDGTCGLVEVEKGVLPQLEQPYVFIKRSDARTAPHGHVMVELV
AELEGIQYGRSGETLGVLVPHVGEIPVAYRKVLLRK
;
_entity_poly.pdbx_strand_id                 A 
_entity_poly.pdbx_target_identifier         ? 
# 
loop_
_pdbx_entity_nonpoly.entity_id 
_pdbx_entity_nonpoly.name 
_pdbx_entity_nonpoly.comp_id 
2 '(2-bromo-1,4-phenylene)dimethanol' A1CS0 
3 water                               HOH   
# 
loop_
_entity_poly_seq.entity_id 
_entity_poly_seq.num 
_entity_poly_seq.mon_id 
_entity_poly_seq.hetero 
1 1   GLU n 
1 2   LYS n 
1 3   THR n 
1 4   HIS n 
1 5   VAL n 
1 6   GLN n 
1 7   LEU n 
1 8   SER n 
1 9   LEU n 
1 10  PRO n 
1 11  VAL n 
1 12  LEU n 
1 13  GLN n 
1 14  VAL n 
1 15  ARG n 
1 16  ASP n 
1 17  VAL n 
1 18  LEU n 
1 19  VAL n 
1 20  ARG n 
1 21  GLY n 
1 22  PHE n 
1 23  GLY n 
1 24  ASP n 
1 25  SER n 
1 26  VAL n 
1 27  GLU n 
1 28  GLU n 
1 29  VAL n 
1 30  LEU n 
1 31  SER n 
1 32  GLU n 
1 33  ALA n 
1 34  ARG n 
1 35  GLN n 
1 36  HIS n 
1 37  LEU n 
1 38  LYS n 
1 39  ASP n 
1 40  GLY n 
1 41  THR n 
1 42  CYS n 
1 43  GLY n 
1 44  LEU n 
1 45  VAL n 
1 46  GLU n 
1 47  VAL n 
1 48  GLU n 
1 49  LYS n 
1 50  GLY n 
1 51  VAL n 
1 52  LEU n 
1 53  PRO n 
1 54  GLN n 
1 55  LEU n 
1 56  GLU n 
1 57  GLN n 
1 58  PRO n 
1 59  TYR n 
1 60  VAL n 
1 61  PHE n 
1 62  ILE n 
1 63  LYS n 
1 64  ARG n 
1 65  SER n 
1 66  ASP n 
1 67  ALA n 
1 68  ARG n 
1 69  THR n 
1 70  ALA n 
1 71  PRO n 
1 72  HIS n 
1 73  GLY n 
1 74  HIS n 
1 75  VAL n 
1 76  MET n 
1 77  VAL n 
1 78  GLU n 
1 79  LEU n 
1 80  VAL n 
1 81  ALA n 
1 82  GLU n 
1 83  LEU n 
1 84  GLU n 
1 85  GLY n 
1 86  ILE n 
1 87  GLN n 
1 88  TYR n 
1 89  GLY n 
1 90  ARG n 
1 91  SER n 
1 92  GLY n 
1 93  GLU n 
1 94  THR n 
1 95  LEU n 
1 96  GLY n 
1 97  VAL n 
1 98  LEU n 
1 99  VAL n 
1 100 PRO n 
1 101 HIS n 
1 102 VAL n 
1 103 GLY n 
1 104 GLU n 
1 105 ILE n 
1 106 PRO n 
1 107 VAL n 
1 108 ALA n 
1 109 TYR n 
1 110 ARG n 
1 111 LYS n 
1 112 VAL n 
1 113 LEU n 
1 114 LEU n 
1 115 ARG n 
1 116 LYS n 
# 
_entity_src_gen.entity_id                          1 
_entity_src_gen.pdbx_src_id                        1 
_entity_src_gen.pdbx_alt_source_flag               sample 
_entity_src_gen.pdbx_seq_type                      'Biological sequence' 
_entity_src_gen.pdbx_beg_seq_num                   1 
_entity_src_gen.pdbx_end_seq_num                   116 
_entity_src_gen.gene_src_common_name               ? 
_entity_src_gen.gene_src_genus                     ? 
_entity_src_gen.pdbx_gene_src_gene                 'rep, 1a-1b' 
_entity_src_gen.gene_src_species                   ? 
_entity_src_gen.gene_src_strain                    ? 
_entity_src_gen.gene_src_tissue                    ? 
_entity_src_gen.gene_src_tissue_fraction           ? 
_entity_src_gen.gene_src_details                   ? 
_entity_src_gen.pdbx_gene_src_fragment             ? 
_entity_src_gen.pdbx_gene_src_scientific_name      'Severe acute respiratory syndrome coronavirus 2' 
_entity_src_gen.pdbx_gene_src_ncbi_taxonomy_id     2697049 
_entity_src_gen.pdbx_gene_src_variant              ? 
_entity_src_gen.pdbx_gene_src_cell_line            ? 
_entity_src_gen.pdbx_gene_src_atcc                 ? 
_entity_src_gen.pdbx_gene_src_organ                ? 
_entity_src_gen.pdbx_gene_src_organelle            ? 
_entity_src_gen.pdbx_gene_src_cell                 ? 
_entity_src_gen.pdbx_gene_src_cellular_location    ? 
_entity_src_gen.host_org_common_name               ? 
_entity_src_gen.pdbx_host_org_scientific_name      'Escherichia coli BL21(DE3)' 
_entity_src_gen.pdbx_host_org_ncbi_taxonomy_id     469008 
_entity_src_gen.host_org_genus                     ? 
_entity_src_gen.pdbx_host_org_gene                 ? 
_entity_src_gen.pdbx_host_org_organ                ? 
_entity_src_gen.host_org_species                   ? 
_entity_src_gen.pdbx_host_org_tissue               ? 
_entity_src_gen.pdbx_host_org_tissue_fraction      ? 
_entity_src_gen.pdbx_host_org_strain               ? 
_entity_src_gen.pdbx_host_org_variant              ? 
_entity_src_gen.pdbx_host_org_cell_line            ? 
_entity_src_gen.pdbx_host_org_atcc                 ? 
_entity_src_gen.pdbx_host_org_culture_collection   ? 
_entity_src_gen.pdbx_host_org_cell                 ? 
_entity_src_gen.pdbx_host_org_organelle            ? 
_entity_src_gen.pdbx_host_org_cellular_location    ? 
_entity_src_gen.pdbx_host_org_vector_type          plasmid 
_entity_src_gen.pdbx_host_org_vector               ? 
_entity_src_gen.host_org_details                   ? 
_entity_src_gen.expression_system_id               ? 
_entity_src_gen.plasmid_name                       pET15b 
_entity_src_gen.plasmid_details                    ? 
_entity_src_gen.pdbx_description                   ? 
# 
loop_
_chem_comp.id 
_chem_comp.type 
_chem_comp.mon_nstd_flag 
_chem_comp.name 
_chem_comp.pdbx_synonyms 
_chem_comp.formula 
_chem_comp.formula_weight 
A1CS0 non-polymer         . '(2-bromo-1,4-phenylene)dimethanol' ? 'C8 H9 Br O2'    217.060 
ALA   'L-peptide linking' y ALANINE                             ? 'C3 H7 N O2'     89.093  
ARG   'L-peptide linking' y ARGININE                            ? 'C6 H15 N4 O2 1' 175.209 
ASP   'L-peptide linking' y 'ASPARTIC ACID'                     ? 'C4 H7 N O4'     133.103 
CYS   'L-peptide linking' y CYSTEINE                            ? 'C3 H7 N O2 S'   121.158 
GLN   'L-peptide linking' y GLUTAMINE                           ? 'C5 H10 N2 O3'   146.144 
GLU   'L-peptide linking' y 'GLUTAMIC ACID'                     ? 'C5 H9 N O4'     147.129 
GLY   'peptide linking'   y GLYCINE                             ? 'C2 H5 N O2'     75.067  
HIS   'L-peptide linking' y HISTIDINE                           ? 'C6 H10 N3 O2 1' 156.162 
HOH   non-polymer         . WATER                               ? 'H2 O'           18.015  
ILE   'L-peptide linking' y ISOLEUCINE                          ? 'C6 H13 N O2'    131.173 
LEU   'L-peptide linking' y LEUCINE                             ? 'C6 H13 N O2'    131.173 
LYS   'L-peptide linking' y LYSINE                              ? 'C6 H15 N2 O2 1' 147.195 
MET   'L-peptide linking' y METHIONINE                          ? 'C5 H11 N O2 S'  149.211 
PHE   'L-peptide linking' y PHENYLALANINE                       ? 'C9 H11 N O2'    165.189 
PRO   'L-peptide linking' y PROLINE                             ? 'C5 H9 N O2'     115.130 
SER   'L-peptide linking' y SERINE                              ? 'C3 H7 N O3'     105.093 
THR   'L-peptide linking' y THREONINE                           ? 'C4 H9 N O3'     119.119 
TYR   'L-peptide linking' y TYROSINE                            ? 'C9 H11 N O3'    181.189 
VAL   'L-peptide linking' y VALINE                              ? 'C5 H11 N O2'    117.146 
# 
loop_
_pdbx_poly_seq_scheme.asym_id 
_pdbx_poly_seq_scheme.entity_id 
_pdbx_poly_seq_scheme.seq_id 
_pdbx_poly_seq_scheme.mon_id 
_pdbx_poly_seq_scheme.ndb_seq_num 
_pdbx_poly_seq_scheme.pdb_seq_num 
_pdbx_poly_seq_scheme.auth_seq_num 
_pdbx_poly_seq_scheme.pdb_mon_id 
_pdbx_poly_seq_scheme.auth_mon_id 
_pdbx_poly_seq_scheme.pdb_strand_id 
_pdbx_poly_seq_scheme.pdb_ins_code 
_pdbx_poly_seq_scheme.hetero 
A 1 1   GLU 1   10  ?   ?   ?   A . n 
A 1 2   LYS 2   11  11  LYS LYS A . n 
A 1 3   THR 3   12  12  THR THR A . n 
A 1 4   HIS 4   13  13  HIS HIS A . n 
A 1 5   VAL 5   14  14  VAL VAL A . n 
A 1 6   GLN 6   15  15  GLN GLN A . n 
A 1 7   LEU 7   16  16  LEU LEU A . n 
A 1 8   SER 8   17  17  SER SER A . n 
A 1 9   LEU 9   18  18  LEU LEU A . n 
A 1 10  PRO 10  19  19  PRO PRO A . n 
A 1 11  VAL 11  20  20  VAL VAL A . n 
A 1 12  LEU 12  21  21  LEU LEU A . n 
A 1 13  GLN 13  22  22  GLN GLN A . n 
A 1 14  VAL 14  23  23  VAL VAL A . n 
A 1 15  ARG 15  24  24  ARG ARG A . n 
A 1 16  ASP 16  25  25  ASP ASP A . n 
A 1 17  VAL 17  26  26  VAL VAL A . n 
A 1 18  LEU 18  27  27  LEU LEU A . n 
A 1 19  VAL 19  28  28  VAL VAL A . n 
A 1 20  ARG 20  29  29  ARG ARG A . n 
A 1 21  GLY 21  30  30  GLY GLY A . n 
A 1 22  PHE 22  31  31  PHE PHE A . n 
A 1 23  GLY 23  32  32  GLY GLY A . n 
A 1 24  ASP 24  33  33  ASP ASP A . n 
A 1 25  SER 25  34  34  SER SER A . n 
A 1 26  VAL 26  35  35  VAL VAL A . n 
A 1 27  GLU 27  36  36  GLU GLU A . n 
A 1 28  GLU 28  37  37  GLU GLU A . n 
A 1 29  VAL 29  38  38  VAL VAL A . n 
A 1 30  LEU 30  39  39  LEU LEU A . n 
A 1 31  SER 31  40  40  SER SER A . n 
A 1 32  GLU 32  41  41  GLU GLU A . n 
A 1 33  ALA 33  42  42  ALA ALA A . n 
A 1 34  ARG 34  43  43  ARG ARG A . n 
A 1 35  GLN 35  44  44  GLN GLN A . n 
A 1 36  HIS 36  45  45  HIS HIS A . n 
A 1 37  LEU 37  46  46  LEU LEU A . n 
A 1 38  LYS 38  47  47  LYS LYS A . n 
A 1 39  ASP 39  48  48  ASP ASP A . n 
A 1 40  GLY 40  49  49  GLY GLY A . n 
A 1 41  THR 41  50  50  THR THR A . n 
A 1 42  CYS 42  51  51  CYS CYS A . n 
A 1 43  GLY 43  52  52  GLY GLY A . n 
A 1 44  LEU 44  53  53  LEU LEU A . n 
A 1 45  VAL 45  54  54  VAL VAL A . n 
A 1 46  GLU 46  55  55  GLU GLU A . n 
A 1 47  VAL 47  56  56  VAL VAL A . n 
A 1 48  GLU 48  57  57  GLU GLU A . n 
A 1 49  LYS 49  58  58  LYS LYS A . n 
A 1 50  GLY 50  59  59  GLY GLY A . n 
A 1 51  VAL 51  60  60  VAL VAL A . n 
A 1 52  LEU 52  61  61  LEU LEU A . n 
A 1 53  PRO 53  62  62  PRO PRO A . n 
A 1 54  GLN 54  63  63  GLN GLN A . n 
A 1 55  LEU 55  64  64  LEU LEU A . n 
A 1 56  GLU 56  65  65  GLU GLU A . n 
A 1 57  GLN 57  66  66  GLN GLN A . n 
A 1 58  PRO 58  67  67  PRO PRO A . n 
A 1 59  TYR 59  68  68  TYR TYR A . n 
A 1 60  VAL 60  69  69  VAL VAL A . n 
A 1 61  PHE 61  70  70  PHE PHE A . n 
A 1 62  ILE 62  71  71  ILE ILE A . n 
A 1 63  LYS 63  72  72  LYS LYS A . n 
A 1 64  ARG 64  73  73  ARG ARG A . n 
A 1 65  SER 65  74  74  SER SER A . n 
A 1 66  ASP 66  75  75  ASP ASP A . n 
A 1 67  ALA 67  76  76  ALA ALA A . n 
A 1 68  ARG 68  77  ?   ?   ?   A . n 
A 1 69  THR 69  78  ?   ?   ?   A . n 
A 1 70  ALA 70  79  79  ALA ALA A . n 
A 1 71  PRO 71  80  80  PRO PRO A . n 
A 1 72  HIS 72  81  81  HIS HIS A . n 
A 1 73  GLY 73  82  82  GLY GLY A . n 
A 1 74  HIS 74  83  83  HIS HIS A . n 
A 1 75  VAL 75  84  84  VAL VAL A . n 
A 1 76  MET 76  85  85  MET MET A . n 
A 1 77  VAL 77  86  86  VAL VAL A . n 
A 1 78  GLU 78  87  87  GLU GLU A . n 
A 1 79  LEU 79  88  88  LEU LEU A . n 
A 1 80  VAL 80  89  89  VAL VAL A . n 
A 1 81  ALA 81  90  90  ALA ALA A . n 
A 1 82  GLU 82  91  91  GLU GLU A . n 
A 1 83  LEU 83  92  92  LEU LEU A . n 
A 1 84  GLU 84  93  93  GLU GLU A . n 
A 1 85  GLY 85  94  94  GLY GLY A . n 
A 1 86  ILE 86  95  95  ILE ILE A . n 
A 1 87  GLN 87  96  96  GLN GLN A . n 
A 1 88  TYR 88  97  97  TYR TYR A . n 
A 1 89  GLY 89  98  98  GLY GLY A . n 
A 1 90  ARG 90  99  99  ARG ARG A . n 
A 1 91  SER 91  100 100 SER SER A . n 
A 1 92  GLY 92  101 101 GLY GLY A . n 
A 1 93  GLU 93  102 102 GLU GLU A . n 
A 1 94  THR 94  103 103 THR THR A . n 
A 1 95  LEU 95  104 104 LEU LEU A . n 
A 1 96  GLY 96  105 105 GLY GLY A . n 
A 1 97  VAL 97  106 106 VAL VAL A . n 
A 1 98  LEU 98  107 107 LEU LEU A . n 
A 1 99  VAL 99  108 108 VAL VAL A . n 
A 1 100 PRO 100 109 109 PRO PRO A . n 
A 1 101 HIS 101 110 110 HIS HIS A . n 
A 1 102 VAL 102 111 111 VAL VAL A . n 
A 1 103 GLY 103 112 112 GLY GLY A . n 
A 1 104 GLU 104 113 113 GLU GLU A . n 
A 1 105 ILE 105 114 114 ILE ILE A . n 
A 1 106 PRO 106 115 115 PRO PRO A . n 
A 1 107 VAL 107 116 116 VAL VAL A . n 
A 1 108 ALA 108 117 117 ALA ALA A . n 
A 1 109 TYR 109 118 118 TYR TYR A . n 
A 1 110 ARG 110 119 119 ARG ARG A . n 
A 1 111 LYS 111 120 120 LYS LYS A . n 
A 1 112 VAL 112 121 121 VAL VAL A . n 
A 1 113 LEU 113 122 122 LEU LEU A . n 
A 1 114 LEU 114 123 123 LEU LEU A . n 
A 1 115 ARG 115 124 124 ARG ARG A . n 
A 1 116 LYS 116 125 125 LYS LYS A . n 
# 
loop_
_pdbx_nonpoly_scheme.asym_id 
_pdbx_nonpoly_scheme.entity_id 
_pdbx_nonpoly_scheme.mon_id 
_pdbx_nonpoly_scheme.ndb_seq_num 
_pdbx_nonpoly_scheme.pdb_seq_num 
_pdbx_nonpoly_scheme.auth_seq_num 
_pdbx_nonpoly_scheme.pdb_mon_id 
_pdbx_nonpoly_scheme.auth_mon_id 
_pdbx_nonpoly_scheme.pdb_strand_id 
_pdbx_nonpoly_scheme.pdb_ins_code 
B 2 A1CS0 1  201 210 A1CS0 LIG A . 
C 3 HOH   1  301 42  HOH   HOH A . 
C 3 HOH   2  302 48  HOH   HOH A . 
C 3 HOH   3  303 52  HOH   HOH A . 
C 3 HOH   4  304 28  HOH   HOH A . 
C 3 HOH   5  305 68  HOH   HOH A . 
C 3 HOH   6  306 56  HOH   HOH A . 
C 3 HOH   7  307 64  HOH   HOH A . 
C 3 HOH   8  308 40  HOH   HOH A . 
C 3 HOH   9  309 66  HOH   HOH A . 
C 3 HOH   10 310 35  HOH   HOH A . 
C 3 HOH   11 311 69  HOH   HOH A . 
C 3 HOH   12 312 43  HOH   HOH A . 
C 3 HOH   13 313 44  HOH   HOH A . 
C 3 HOH   14 314 72  HOH   HOH A . 
C 3 HOH   15 315 25  HOH   HOH A . 
C 3 HOH   16 316 37  HOH   HOH A . 
C 3 HOH   17 317 46  HOH   HOH A . 
C 3 HOH   18 318 76  HOH   HOH A . 
C 3 HOH   19 319 3   HOH   HOH A . 
C 3 HOH   20 320 19  HOH   HOH A . 
C 3 HOH   21 321 16  HOH   HOH A . 
C 3 HOH   22 322 14  HOH   HOH A . 
C 3 HOH   23 323 10  HOH   HOH A . 
C 3 HOH   24 324 6   HOH   HOH A . 
C 3 HOH   25 325 21  HOH   HOH A . 
C 3 HOH   26 326 80  HOH   HOH A . 
C 3 HOH   27 327 30  HOH   HOH A . 
C 3 HOH   28 328 9   HOH   HOH A . 
C 3 HOH   29 329 1   HOH   HOH A . 
C 3 HOH   30 330 2   HOH   HOH A . 
C 3 HOH   31 331 15  HOH   HOH A . 
C 3 HOH   32 332 39  HOH   HOH A . 
C 3 HOH   33 333 22  HOH   HOH A . 
C 3 HOH   34 334 77  HOH   HOH A . 
C 3 HOH   35 335 51  HOH   HOH A . 
C 3 HOH   36 336 45  HOH   HOH A . 
C 3 HOH   37 337 36  HOH   HOH A . 
C 3 HOH   38 338 4   HOH   HOH A . 
C 3 HOH   39 339 67  HOH   HOH A . 
C 3 HOH   40 340 26  HOH   HOH A . 
C 3 HOH   41 341 12  HOH   HOH A . 
C 3 HOH   42 342 7   HOH   HOH A . 
C 3 HOH   43 343 8   HOH   HOH A . 
C 3 HOH   44 344 24  HOH   HOH A . 
C 3 HOH   45 345 13  HOH   HOH A . 
C 3 HOH   46 346 20  HOH   HOH A . 
C 3 HOH   47 347 60  HOH   HOH A . 
C 3 HOH   48 348 50  HOH   HOH A . 
C 3 HOH   49 349 73  HOH   HOH A . 
C 3 HOH   50 350 33  HOH   HOH A . 
C 3 HOH   51 351 29  HOH   HOH A . 
C 3 HOH   52 352 57  HOH   HOH A . 
C 3 HOH   53 353 74  HOH   HOH A . 
C 3 HOH   54 354 27  HOH   HOH A . 
C 3 HOH   55 355 34  HOH   HOH A . 
C 3 HOH   56 356 32  HOH   HOH A . 
C 3 HOH   57 357 18  HOH   HOH A . 
C 3 HOH   58 358 55  HOH   HOH A . 
C 3 HOH   59 359 71  HOH   HOH A . 
C 3 HOH   60 360 5   HOH   HOH A . 
C 3 HOH   61 361 81  HOH   HOH A . 
C 3 HOH   62 362 49  HOH   HOH A . 
C 3 HOH   63 363 62  HOH   HOH A . 
C 3 HOH   64 364 78  HOH   HOH A . 
C 3 HOH   65 365 17  HOH   HOH A . 
C 3 HOH   66 366 23  HOH   HOH A . 
C 3 HOH   67 367 58  HOH   HOH A . 
C 3 HOH   68 368 11  HOH   HOH A . 
C 3 HOH   69 369 38  HOH   HOH A . 
C 3 HOH   70 370 31  HOH   HOH A . 
C 3 HOH   71 371 65  HOH   HOH A . 
C 3 HOH   72 372 63  HOH   HOH A . 
C 3 HOH   73 373 47  HOH   HOH A . 
C 3 HOH   74 374 79  HOH   HOH A . 
C 3 HOH   75 375 61  HOH   HOH A . 
C 3 HOH   76 376 53  HOH   HOH A . 
C 3 HOH   77 377 41  HOH   HOH A . 
C 3 HOH   78 378 59  HOH   HOH A . 
C 3 HOH   79 379 54  HOH   HOH A . 
C 3 HOH   80 380 70  HOH   HOH A . 
C 3 HOH   81 381 75  HOH   HOH A . 
# 
loop_
_software.classification 
_software.name 
_software.version 
_software.citation_id 
_software.pdbx_ordinal 
refinement       REFMAC 5.8.0267 ? 1 
phasing          PHASER .        ? 2 
'data scaling'   XDS    .        ? 3 
'data reduction' XDS    .        ? 4 
# 
_cell.entry_id           7IBB 
_cell.length_a           36.710 
_cell.length_b           36.710 
_cell.length_c           142.630 
_cell.angle_alpha        90.00 
_cell.angle_beta         90.00 
_cell.angle_gamma        90.00 
_cell.Z_PDB              8 
_cell.pdbx_unique_axis   ? 
# 
_symmetry.entry_id                         7IBB 
_symmetry.space_group_name_H-M             'P 43 21 2' 
_symmetry.pdbx_full_space_group_name_H-M   ? 
_symmetry.cell_setting                     ? 
_symmetry.Int_Tables_number                96 
# 
_exptl.entry_id          7IBB 
_exptl.method            'X-RAY DIFFRACTION' 
_exptl.crystals_number   1 
# 
_exptl_crystal.id                    1 
_exptl_crystal.density_Matthews      1.87 
_exptl_crystal.density_percent_sol   34.29 
_exptl_crystal.density_meas          ? 
_exptl_crystal.description           ? 
# 
_exptl_crystal_grow.crystal_id      1 
_exptl_crystal_grow.method          'VAPOR DIFFUSION, SITTING DROP' 
_exptl_crystal_grow.pdbx_details    '0.1 M HEPES pH 7.5 and 25% (w/v) PEG 3350. Reproducibility was improved by seeding.' 
_exptl_crystal_grow.temp            293 
_exptl_crystal_grow.pH              7.5 
_exptl_crystal_grow.temp_details    ? 
_exptl_crystal_grow.pdbx_pH_range   ? 
# 
_diffrn.id                     1 
_diffrn.ambient_temp           100 
_diffrn.crystal_id             1 
_diffrn.ambient_temp_details   ? 
# 
_diffrn_detector.diffrn_id              1 
_diffrn_detector.detector               PIXEL 
_diffrn_detector.pdbx_collection_date   2023-05-02 
_diffrn_detector.type                   'DECTRIS PILATUS3 6M' 
_diffrn_detector.id                     1 
_diffrn_detector.details                ? 
# 
_diffrn_radiation.diffrn_id                        1 
_diffrn_radiation.pdbx_diffrn_protocol             'SINGLE WAVELENGTH' 
_diffrn_radiation.pdbx_monochromatic_or_laue_m_l   M 
_diffrn_radiation.pdbx_scattering_type             x-ray 
_diffrn_radiation.wavelength_id                    1 
_diffrn_radiation.monochromator                    ? 
# 
_diffrn_radiation_wavelength.id           1 
_diffrn_radiation_wavelength.wavelength   0.9184 
_diffrn_radiation_wavelength.wt           1.0 
# 
_diffrn_source.diffrn_id                   1 
_diffrn_source.pdbx_wavelength_list        0.9184 
_diffrn_source.source                      SYNCHROTRON 
_diffrn_source.type                        'BESSY BEAMLINE 14.1' 
_diffrn_source.pdbx_synchrotron_site       BESSY 
_diffrn_source.pdbx_synchrotron_beamline   14.1 
_diffrn_source.pdbx_wavelength             ? 
# 
_reflns.entry_id                     7IBB 
_reflns.pdbx_diffrn_id               1 
_reflns.pdbx_ordinal                 1 
_reflns.d_resolution_low             35.55 
_reflns.d_resolution_high            1.68 
_reflns.number_obs                   11908 
_reflns.percent_possible_obs         100.0 
_reflns.pdbx_Rmerge_I_obs            0.057 
_reflns.pdbx_netI_over_sigmaI        22.64 
_reflns.pdbx_Rrim_I_all              0.06 
_reflns.pdbx_CC_half                 1.0 
_reflns.pdbx_number_measured_all     145954 
_reflns.observed_criterion_sigma_I   ? 
_reflns.observed_criterion_sigma_F   ? 
_reflns.number_all                   ? 
_reflns.pdbx_Rsym_value              ? 
_reflns.B_iso_Wilson_estimate        ? 
_reflns.pdbx_redundancy              ? 
# 
loop_
_reflns_shell.pdbx_diffrn_id 
_reflns_shell.pdbx_ordinal 
_reflns_shell.d_res_high 
_reflns_shell.d_res_low 
_reflns_shell.number_measured_obs 
_reflns_shell.number_unique_obs 
_reflns_shell.Rmerge_I_obs 
_reflns_shell.percent_possible_obs 
_reflns_shell.pdbx_netI_over_sigmaI_obs 
_reflns_shell.pdbx_Rrim_I_all 
_reflns_shell.pdbx_CC_half 
_reflns_shell.percent_possible_all 
_reflns_shell.pdbx_Rsym_value 
_reflns_shell.meanI_over_sigI_obs 
_reflns_shell.pdbx_redundancy 
1 1 1.68 1.78 23713 1864 1.91                100.0 1.29  1.99                 0.563              ? ? ? ? 
1 2 1.78 1.9  20726 1745 0.9940000000000001  100.0 2.39  1.0390000000000001   0.797              ? ? ? ? 
1 3 1.90 2.06 21510 1655 0.479               100.0 5.27  0.498                0.9470000000000001 ? ? ? ? 
1 4 2.06 2.25 19316 1512 0.23800000000000002 99.9  10.53 0.248                0.986              ? ? ? ? 
1 5 2.25 2.52 16697 1394 0.147               100.0 16.22 0.153                0.995              ? ? ? ? 
1 6 2.52 2.9  16048 1261 0.083               100.0 28.75 0.086                0.9990000000000001 ? ? ? ? 
1 7 2.90 3.55 12145 1063 0.042               99.9  53.51 0.044000000000000004 0.9990000000000001 ? ? ? ? 
1 8 3.55 5.0  10349 867  0.025               100.0 87.92 0.026000000000000002 1.0                ? ? ? ? 
1 9 5.00 ?    5450  547  0.021               99.8  84.89 0.023                1.0                ? ? ? ? 
# 
_refine.pdbx_refine_id                           'X-RAY DIFFRACTION' 
_refine.entry_id                                 7IBB 
_refine.pdbx_diffrn_id                           1 
_refine.pdbx_TLS_residual_ADP_flag               ? 
_refine.ls_number_reflns_obs                     11312 
_refine.ls_number_reflns_all                     ? 
_refine.pdbx_ls_sigma_I                          ? 
_refine.pdbx_ls_sigma_F                          ? 
_refine.pdbx_data_cutoff_high_absF               ? 
_refine.pdbx_data_cutoff_low_absF                ? 
_refine.pdbx_data_cutoff_high_rms_absF           ? 
_refine.ls_d_res_low                             35.55 
_refine.ls_d_res_high                            1.68 
_refine.ls_percent_reflns_obs                    99.97 
_refine.ls_R_factor_obs                          0.20291 
_refine.ls_R_factor_all                          ? 
_refine.ls_R_factor_R_work                       0.20122 
_refine.ls_R_factor_R_free                       0.23645 
_refine.ls_R_factor_R_free_error                 ? 
_refine.ls_R_factor_R_free_error_details         ? 
_refine.ls_percent_reflns_R_free                 5.0 
_refine.ls_number_reflns_R_free                  596 
_refine.ls_number_parameters                     ? 
_refine.ls_number_restraints                     ? 
_refine.occupancy_min                            ? 
_refine.occupancy_max                            ? 
_refine.correlation_coeff_Fo_to_Fc               0.964 
_refine.correlation_coeff_Fo_to_Fc_free          0.948 
_refine.B_iso_mean                               37.973 
_refine.aniso_B[1][1]                            0.00 
_refine.aniso_B[2][2]                            0.00 
_refine.aniso_B[3][3]                            -0.01 
_refine.aniso_B[1][2]                            -0.00 
_refine.aniso_B[1][3]                            -0.00 
_refine.aniso_B[2][3]                            -0.00 
_refine.solvent_model_details                    MASK 
_refine.solvent_model_param_ksol                 ? 
_refine.solvent_model_param_bsol                 ? 
_refine.pdbx_solvent_vdw_probe_radii             1.20 
_refine.pdbx_solvent_ion_probe_radii             0.80 
_refine.pdbx_solvent_shrinkage_radii             0.80 
_refine.pdbx_ls_cross_valid_method               THROUGHOUT 
_refine.details                                  'HYDROGENS HAVE BEEN ADDED IN THE RIDING POSITIONS' 
_refine.pdbx_starting_model                      ? 
_refine.pdbx_method_to_determine_struct          'MOLECULAR REPLACEMENT' 
_refine.pdbx_isotropic_thermal_model             ? 
_refine.pdbx_stereochemistry_target_values       'MAXIMUM LIKELIHOOD' 
_refine.pdbx_stereochem_target_val_spec_case     ? 
_refine.pdbx_R_Free_selection_details            RANDOM 
_refine.pdbx_overall_ESU_R                       0.194 
_refine.pdbx_overall_ESU_R_Free                  0.151 
_refine.overall_SU_ML                            0.131 
_refine.pdbx_overall_phase_error                 ? 
_refine.overall_SU_B                             4.123 
_refine.overall_SU_R_Cruickshank_DPI             ? 
_refine.pdbx_overall_SU_R_free_Cruickshank_DPI   ? 
_refine.pdbx_overall_SU_R_Blow_DPI               ? 
_refine.pdbx_overall_SU_R_free_Blow_DPI          ? 
# 
_refine_hist.pdbx_refine_id                   'X-RAY DIFFRACTION' 
_refine_hist.cycle_id                         1 
_refine_hist.pdbx_number_atoms_protein        877 
_refine_hist.pdbx_number_atoms_nucleic_acid   0 
_refine_hist.pdbx_number_atoms_ligand         11 
_refine_hist.number_atoms_solvent             81 
_refine_hist.number_atoms_total               969 
_refine_hist.d_res_high                       1.68 
_refine_hist.d_res_low                        35.55 
# 
loop_
_refine_ls_restr.type 
_refine_ls_restr.dev_ideal 
_refine_ls_restr.dev_ideal_target 
_refine_ls_restr.weight 
_refine_ls_restr.number 
_refine_ls_restr.pdbx_refine_id 
_refine_ls_restr.pdbx_restraint_function 
r_bond_refined_d             0.007  0.015  ? 1921 'X-RAY DIFFRACTION' ? 
r_bond_other_d               0.001  0.017  ? 1557 'X-RAY DIFFRACTION' ? 
r_angle_refined_deg          1.418  1.639  ? 2080 'X-RAY DIFFRACTION' ? 
r_angle_other_deg            1.234  1.601  ? 3590 'X-RAY DIFFRACTION' ? 
r_dihedral_angle_1_deg       7.281  5.000  ? 199  'X-RAY DIFFRACTION' ? 
r_dihedral_angle_2_deg       26.164 20.933 ? 75   'X-RAY DIFFRACTION' ? 
r_dihedral_angle_3_deg       14.773 15.000 ? 287  'X-RAY DIFFRACTION' ? 
r_dihedral_angle_4_deg       8.311  15.000 ? 13   'X-RAY DIFFRACTION' ? 
r_chiral_restr               0.068  0.200  ? 183  'X-RAY DIFFRACTION' ? 
r_gen_planes_refined         0.006  0.020  ? 1742 'X-RAY DIFFRACTION' ? 
r_gen_planes_other           0.001  0.020  ? 332  'X-RAY DIFFRACTION' ? 
r_nbd_refined                ?      ?      ? ?    'X-RAY DIFFRACTION' ? 
r_nbd_other                  ?      ?      ? ?    'X-RAY DIFFRACTION' ? 
r_nbtor_refined              ?      ?      ? ?    'X-RAY DIFFRACTION' ? 
r_nbtor_other                ?      ?      ? ?    'X-RAY DIFFRACTION' ? 
r_xyhbond_nbd_refined        ?      ?      ? ?    'X-RAY DIFFRACTION' ? 
r_xyhbond_nbd_other          ?      ?      ? ?    'X-RAY DIFFRACTION' ? 
r_metal_ion_refined          ?      ?      ? ?    'X-RAY DIFFRACTION' ? 
r_metal_ion_other            ?      ?      ? ?    'X-RAY DIFFRACTION' ? 
r_symmetry_vdw_refined       ?      ?      ? ?    'X-RAY DIFFRACTION' ? 
r_symmetry_vdw_other         ?      ?      ? ?    'X-RAY DIFFRACTION' ? 
r_symmetry_hbond_refined     ?      ?      ? ?    'X-RAY DIFFRACTION' ? 
r_symmetry_hbond_other       ?      ?      ? ?    'X-RAY DIFFRACTION' ? 
r_symmetry_metal_ion_refined ?      ?      ? ?    'X-RAY DIFFRACTION' ? 
r_symmetry_metal_ion_other   ?      ?      ? ?    'X-RAY DIFFRACTION' ? 
r_mcbond_it                  2.227  3.633  ? 963  'X-RAY DIFFRACTION' ? 
r_mcbond_other               2.229  3.623  ? 959  'X-RAY DIFFRACTION' ? 
r_mcangle_it                 3.583  5.362  ? 973  'X-RAY DIFFRACTION' ? 
r_mcangle_other              3.582  5.365  ? 974  'X-RAY DIFFRACTION' ? 
r_scbond_it                  2.952  4.119  ? 958  'X-RAY DIFFRACTION' ? 
r_scbond_other               2.950  4.121  ? 959  'X-RAY DIFFRACTION' ? 
r_scangle_it                 ?      ?      ? ?    'X-RAY DIFFRACTION' ? 
r_scangle_other              5.142  5.972  ? 1108 'X-RAY DIFFRACTION' ? 
r_long_range_B_refined       6.953  41.970 ? 1561 'X-RAY DIFFRACTION' ? 
r_long_range_B_other         6.951  41.991 ? 1562 'X-RAY DIFFRACTION' ? 
r_rigid_bond_restr           ?      ?      ? ?    'X-RAY DIFFRACTION' ? 
r_sphericity_free            ?      ?      ? ?    'X-RAY DIFFRACTION' ? 
r_sphericity_bonded          ?      ?      ? ?    'X-RAY DIFFRACTION' ? 
# 
_refine_ls_shell.pdbx_refine_id                   'X-RAY DIFFRACTION' 
_refine_ls_shell.pdbx_total_number_of_bins_used   20 
_refine_ls_shell.d_res_high                       1.680 
_refine_ls_shell.d_res_low                        1.724 
_refine_ls_shell.number_reflns_R_work             796 
_refine_ls_shell.R_factor_R_work                  0.316 
_refine_ls_shell.percent_reflns_obs               100.00 
_refine_ls_shell.R_factor_R_free                  0.384 
_refine_ls_shell.R_factor_R_free_error            ? 
_refine_ls_shell.percent_reflns_R_free            ? 
_refine_ls_shell.number_reflns_R_free             42 
_refine_ls_shell.number_reflns_all                ? 
_refine_ls_shell.R_factor_all                     ? 
# 
_struct.entry_id                  7IBB 
_struct.title                     
'PanDDA analysis group deposition -- SARS-CoV-2 Nsp1 in complex with fragment X13458 (well B08) from the KIT library' 
_struct.pdbx_CASP_flag            N 
_struct.pdbx_model_details        ? 
_struct.pdbx_model_type_details   ? 
# 
_struct_keywords.entry_id        7IBB 
_struct_keywords.pdbx_keywords   'VIRAL PROTEIN' 
_struct_keywords.text            'SARS-CoV-2, fragment screen, Nsp1, KIT library, VIRAL PROTEIN' 
# 
loop_
_struct_asym.id 
_struct_asym.pdbx_blank_PDB_chainid_flag 
_struct_asym.pdbx_modified 
_struct_asym.entity_id 
_struct_asym.details 
A N N 1 ? 
B N N 2 ? 
C N N 3 ? 
# 
_struct_ref.id                         1 
_struct_ref.db_name                    UNP 
_struct_ref.db_code                    R1AB_SARS2 
_struct_ref.pdbx_db_accession          P0DTD1 
_struct_ref.pdbx_db_isoform            ? 
_struct_ref.entity_id                  1 
_struct_ref.pdbx_seq_one_letter_code   
;EKTHVQLSLPVLQVRDVLVRGFGDSVEEVLSEARQHLKDGTCGLVEVEKGVLPQLEQPYVFIKRSDARTAPHGHVMVELV
AELEGIQYGRSGETLGVLVPHVGEIPVAYRKVLLRK
;
_struct_ref.pdbx_align_begin           10 
# 
_struct_ref_seq.align_id                      1 
_struct_ref_seq.ref_id                        1 
_struct_ref_seq.pdbx_PDB_id_code              7IBB 
_struct_ref_seq.pdbx_strand_id                A 
_struct_ref_seq.seq_align_beg                 1 
_struct_ref_seq.pdbx_seq_align_beg_ins_code   ? 
_struct_ref_seq.seq_align_end                 116 
_struct_ref_seq.pdbx_seq_align_end_ins_code   ? 
_struct_ref_seq.pdbx_db_accession             P0DTD1 
_struct_ref_seq.db_align_beg                  10 
_struct_ref_seq.pdbx_db_align_beg_ins_code    ? 
_struct_ref_seq.db_align_end                  125 
_struct_ref_seq.pdbx_db_align_end_ins_code    ? 
_struct_ref_seq.pdbx_auth_seq_align_beg       10 
_struct_ref_seq.pdbx_auth_seq_align_end       125 
# 
_pdbx_struct_assembly.id                   1 
_pdbx_struct_assembly.details              author_and_software_defined_assembly 
_pdbx_struct_assembly.method_details       PISA 
_pdbx_struct_assembly.oligomeric_details   monomeric 
_pdbx_struct_assembly.oligomeric_count     1 
# 
loop_
_pdbx_struct_assembly_prop.biol_id 
_pdbx_struct_assembly_prop.type 
_pdbx_struct_assembly_prop.value 
_pdbx_struct_assembly_prop.details 
1 'ABSA (A^2)' 0    ? 
1 MORE         0    ? 
1 'SSA (A^2)'  6360 ? 
# 
_pdbx_struct_assembly_gen.assembly_id       1 
_pdbx_struct_assembly_gen.oper_expression   1 
_pdbx_struct_assembly_gen.asym_id_list      A,B,C 
# 
_pdbx_struct_oper_list.id                   1 
_pdbx_struct_oper_list.type                 'identity operation' 
_pdbx_struct_oper_list.name                 1_555 
_pdbx_struct_oper_list.symmetry_operation   x,y,z 
_pdbx_struct_oper_list.matrix[1][1]         1.0000000000 
_pdbx_struct_oper_list.matrix[1][2]         0.0000000000 
_pdbx_struct_oper_list.matrix[1][3]         0.0000000000 
_pdbx_struct_oper_list.vector[1]            0.0000000000 
_pdbx_struct_oper_list.matrix[2][1]         0.0000000000 
_pdbx_struct_oper_list.matrix[2][2]         1.0000000000 
_pdbx_struct_oper_list.matrix[2][3]         0.0000000000 
_pdbx_struct_oper_list.vector[2]            0.0000000000 
_pdbx_struct_oper_list.matrix[3][1]         0.0000000000 
_pdbx_struct_oper_list.matrix[3][2]         0.0000000000 
_pdbx_struct_oper_list.matrix[3][3]         1.0000000000 
_pdbx_struct_oper_list.vector[3]            0.0000000000 
# 
loop_
_struct_conf.conf_type_id 
_struct_conf.id 
_struct_conf.pdbx_PDB_helix_id 
_struct_conf.beg_label_comp_id 
_struct_conf.beg_label_asym_id 
_struct_conf.beg_label_seq_id 
_struct_conf.pdbx_beg_PDB_ins_code 
_struct_conf.end_label_comp_id 
_struct_conf.end_label_asym_id 
_struct_conf.end_label_seq_id 
_struct_conf.pdbx_end_PDB_ins_code 
_struct_conf.beg_auth_comp_id 
_struct_conf.beg_auth_asym_id 
_struct_conf.beg_auth_seq_id 
_struct_conf.end_auth_comp_id 
_struct_conf.end_auth_asym_id 
_struct_conf.end_auth_seq_id 
_struct_conf.pdbx_PDB_helix_class 
_struct_conf.details 
_struct_conf.pdbx_PDB_helix_length 
HELX_P HELX_P1 AA1 GLN A 13 ? VAL A 17 ? GLN A 22 VAL A 26 5 ? 5  
HELX_P HELX_P2 AA2 SER A 25 ? GLY A 40 ? SER A 34 GLY A 49 1 ? 16 
HELX_P HELX_P3 AA3 VAL A 51 ? LEU A 55 ? VAL A 60 LEU A 64 5 ? 5  
HELX_P HELX_P4 AA4 ALA A 70 ? HIS A 74 ? ALA A 79 HIS A 83 5 ? 5  
# 
_struct_conf_type.id          HELX_P 
_struct_conf_type.criteria    ? 
_struct_conf_type.reference   ? 
# 
_struct_mon_prot_cis.pdbx_id                1 
_struct_mon_prot_cis.label_comp_id          GLN 
_struct_mon_prot_cis.label_seq_id           57 
_struct_mon_prot_cis.label_asym_id          A 
_struct_mon_prot_cis.label_alt_id           . 
_struct_mon_prot_cis.pdbx_PDB_ins_code      ? 
_struct_mon_prot_cis.auth_comp_id           GLN 
_struct_mon_prot_cis.auth_seq_id            66 
_struct_mon_prot_cis.auth_asym_id           A 
_struct_mon_prot_cis.pdbx_label_comp_id_2   PRO 
_struct_mon_prot_cis.pdbx_label_seq_id_2    58 
_struct_mon_prot_cis.pdbx_label_asym_id_2   A 
_struct_mon_prot_cis.pdbx_PDB_ins_code_2    ? 
_struct_mon_prot_cis.pdbx_auth_comp_id_2    PRO 
_struct_mon_prot_cis.pdbx_auth_seq_id_2     67 
_struct_mon_prot_cis.pdbx_auth_asym_id_2    A 
_struct_mon_prot_cis.pdbx_PDB_model_num     1 
_struct_mon_prot_cis.pdbx_omega_angle       -7.60 
# 
_struct_sheet.id               AA1 
_struct_sheet.type             ? 
_struct_sheet.number_strands   8 
_struct_sheet.details          ? 
# 
loop_
_struct_sheet_order.sheet_id 
_struct_sheet_order.range_id_1 
_struct_sheet_order.range_id_2 
_struct_sheet_order.offset 
_struct_sheet_order.sense 
AA1 1 2 ? anti-parallel 
AA1 2 3 ? parallel      
AA1 3 4 ? anti-parallel 
AA1 4 5 ? parallel      
AA1 5 6 ? anti-parallel 
AA1 6 7 ? anti-parallel 
AA1 7 8 ? anti-parallel 
# 
loop_
_struct_sheet_range.sheet_id 
_struct_sheet_range.id 
_struct_sheet_range.beg_label_comp_id 
_struct_sheet_range.beg_label_asym_id 
_struct_sheet_range.beg_label_seq_id 
_struct_sheet_range.pdbx_beg_PDB_ins_code 
_struct_sheet_range.end_label_comp_id 
_struct_sheet_range.end_label_asym_id 
_struct_sheet_range.end_label_seq_id 
_struct_sheet_range.pdbx_end_PDB_ins_code 
_struct_sheet_range.beg_auth_comp_id 
_struct_sheet_range.beg_auth_asym_id 
_struct_sheet_range.beg_auth_seq_id 
_struct_sheet_range.end_auth_comp_id 
_struct_sheet_range.end_auth_asym_id 
_struct_sheet_range.end_auth_seq_id 
AA1 1 ILE A 86  ? TYR A 88  ? ILE A 95  TYR A 97  
AA1 2 VAL A 75  ? LEU A 83  ? VAL A 84  LEU A 92  
AA1 3 ALA A 108 ? ARG A 115 ? ALA A 117 ARG A 124 
AA1 4 HIS A 4   ? VAL A 11  ? HIS A 13  VAL A 20  
AA1 5 CYS A 42  ? VAL A 45  ? CYS A 51  VAL A 54  
AA1 6 THR A 94  ? PRO A 100 ? THR A 103 PRO A 109 
AA1 7 TYR A 59  ? ARG A 64  ? TYR A 68  ARG A 73  
AA1 8 VAL A 75  ? LEU A 83  ? VAL A 84  LEU A 92  
# 
loop_
_pdbx_struct_sheet_hbond.sheet_id 
_pdbx_struct_sheet_hbond.range_id_1 
_pdbx_struct_sheet_hbond.range_id_2 
_pdbx_struct_sheet_hbond.range_1_label_atom_id 
_pdbx_struct_sheet_hbond.range_1_label_comp_id 
_pdbx_struct_sheet_hbond.range_1_label_asym_id 
_pdbx_struct_sheet_hbond.range_1_label_seq_id 
_pdbx_struct_sheet_hbond.range_1_PDB_ins_code 
_pdbx_struct_sheet_hbond.range_1_auth_atom_id 
_pdbx_struct_sheet_hbond.range_1_auth_comp_id 
_pdbx_struct_sheet_hbond.range_1_auth_asym_id 
_pdbx_struct_sheet_hbond.range_1_auth_seq_id 
_pdbx_struct_sheet_hbond.range_2_label_atom_id 
_pdbx_struct_sheet_hbond.range_2_label_comp_id 
_pdbx_struct_sheet_hbond.range_2_label_asym_id 
_pdbx_struct_sheet_hbond.range_2_label_seq_id 
_pdbx_struct_sheet_hbond.range_2_PDB_ins_code 
_pdbx_struct_sheet_hbond.range_2_auth_atom_id 
_pdbx_struct_sheet_hbond.range_2_auth_comp_id 
_pdbx_struct_sheet_hbond.range_2_auth_asym_id 
_pdbx_struct_sheet_hbond.range_2_auth_seq_id 
AA1 1 2 O ILE A 86  ? O ILE A 95  N LEU A 83  ? N LEU A 92  
AA1 2 3 N VAL A 75  ? N VAL A 84  O LEU A 113 ? O LEU A 122 
AA1 3 4 O ALA A 108 ? O ALA A 117 N VAL A 11  ? N VAL A 20  
AA1 4 5 N PRO A 10  ? N PRO A 19  O LEU A 44  ? O LEU A 53  
AA1 5 6 N VAL A 45  ? N VAL A 54  O VAL A 97  ? O VAL A 106 
AA1 6 7 O LEU A 95  ? O LEU A 104 N ILE A 62  ? N ILE A 71  
AA1 7 8 N PHE A 61  ? N PHE A 70  O VAL A 80  ? O VAL A 89  
# 
_pdbx_entry_details.entry_id                   7IBB 
_pdbx_entry_details.has_ligand_of_interest     Y 
_pdbx_entry_details.compound_details           ? 
_pdbx_entry_details.source_details             ? 
_pdbx_entry_details.nonpolymer_details         ? 
_pdbx_entry_details.sequence_details           ? 
_pdbx_entry_details.has_protein_modification   N 
# 
_pdbx_validate_close_contact.id               1 
_pdbx_validate_close_contact.PDB_model_num    1 
_pdbx_validate_close_contact.auth_atom_id_1   O 
_pdbx_validate_close_contact.auth_asym_id_1   A 
_pdbx_validate_close_contact.auth_comp_id_1   HOH 
_pdbx_validate_close_contact.auth_seq_id_1    302 
_pdbx_validate_close_contact.PDB_ins_code_1   ? 
_pdbx_validate_close_contact.label_alt_id_1   ? 
_pdbx_validate_close_contact.auth_atom_id_2   O 
_pdbx_validate_close_contact.auth_asym_id_2   A 
_pdbx_validate_close_contact.auth_comp_id_2   HOH 
_pdbx_validate_close_contact.auth_seq_id_2    303 
_pdbx_validate_close_contact.PDB_ins_code_2   ? 
_pdbx_validate_close_contact.label_alt_id_2   ? 
_pdbx_validate_close_contact.dist             2.12 
# 
loop_
_pdbx_validate_symm_contact.id 
_pdbx_validate_symm_contact.PDB_model_num 
_pdbx_validate_symm_contact.auth_atom_id_1 
_pdbx_validate_symm_contact.auth_asym_id_1 
_pdbx_validate_symm_contact.auth_comp_id_1 
_pdbx_validate_symm_contact.auth_seq_id_1 
_pdbx_validate_symm_contact.PDB_ins_code_1 
_pdbx_validate_symm_contact.label_alt_id_1 
_pdbx_validate_symm_contact.site_symmetry_1 
_pdbx_validate_symm_contact.auth_atom_id_2 
_pdbx_validate_symm_contact.auth_asym_id_2 
_pdbx_validate_symm_contact.auth_comp_id_2 
_pdbx_validate_symm_contact.auth_seq_id_2 
_pdbx_validate_symm_contact.PDB_ins_code_2 
_pdbx_validate_symm_contact.label_alt_id_2 
_pdbx_validate_symm_contact.site_symmetry_2 
_pdbx_validate_symm_contact.dist 
1 1 NZ A LYS 11 ? C 1_555 O A VAL 56 ? ? 7_655 2.14 
2 1 NZ A LYS 11 ? D 1_555 O A VAL 56 ? ? 7_655 2.14 
# 
_pdbx_validate_torsion.id              1 
_pdbx_validate_torsion.PDB_model_num   1 
_pdbx_validate_torsion.auth_comp_id    ASP 
_pdbx_validate_torsion.auth_asym_id    A 
_pdbx_validate_torsion.auth_seq_id     75 
_pdbx_validate_torsion.PDB_ins_code    ? 
_pdbx_validate_torsion.label_alt_id    ? 
_pdbx_validate_torsion.phi             178.99 
_pdbx_validate_torsion.psi             163.66 
# 
loop_
_pdbx_validate_polymer_linkage.id 
_pdbx_validate_polymer_linkage.PDB_model_num 
_pdbx_validate_polymer_linkage.auth_atom_id_1 
_pdbx_validate_polymer_linkage.auth_asym_id_1 
_pdbx_validate_polymer_linkage.auth_comp_id_1 
_pdbx_validate_polymer_linkage.auth_seq_id_1 
_pdbx_validate_polymer_linkage.PDB_ins_code_1 
_pdbx_validate_polymer_linkage.label_alt_id_1 
_pdbx_validate_polymer_linkage.auth_atom_id_2 
_pdbx_validate_polymer_linkage.auth_asym_id_2 
_pdbx_validate_polymer_linkage.auth_comp_id_2 
_pdbx_validate_polymer_linkage.auth_seq_id_2 
_pdbx_validate_polymer_linkage.PDB_ins_code_2 
_pdbx_validate_polymer_linkage.label_alt_id_2 
_pdbx_validate_polymer_linkage.dist 
1 1 C A ARG 124 ? C N A LYS 125 ? C 2.37 
2 1 C A ARG 124 ? D N A LYS 125 ? D 2.37 
# 
loop_
_pdbx_struct_special_symmetry.id 
_pdbx_struct_special_symmetry.PDB_model_num 
_pdbx_struct_special_symmetry.auth_asym_id 
_pdbx_struct_special_symmetry.auth_comp_id 
_pdbx_struct_special_symmetry.auth_seq_id 
_pdbx_struct_special_symmetry.PDB_ins_code 
_pdbx_struct_special_symmetry.label_asym_id 
_pdbx_struct_special_symmetry.label_comp_id 
_pdbx_struct_special_symmetry.label_seq_id 
1 1 A HOH 301 ? C HOH . 
2 1 A HOH 313 ? C HOH . 
3 1 A HOH 339 ? C HOH . 
# 
loop_
_pdbx_unobs_or_zero_occ_residues.id 
_pdbx_unobs_or_zero_occ_residues.PDB_model_num 
_pdbx_unobs_or_zero_occ_residues.polymer_flag 
_pdbx_unobs_or_zero_occ_residues.occupancy_flag 
_pdbx_unobs_or_zero_occ_residues.auth_asym_id 
_pdbx_unobs_or_zero_occ_residues.auth_comp_id 
_pdbx_unobs_or_zero_occ_residues.auth_seq_id 
_pdbx_unobs_or_zero_occ_residues.PDB_ins_code 
_pdbx_unobs_or_zero_occ_residues.label_asym_id 
_pdbx_unobs_or_zero_occ_residues.label_comp_id 
_pdbx_unobs_or_zero_occ_residues.label_seq_id 
1 1 Y 1 A GLU 10 ? A GLU 1  
2 1 Y 1 A ARG 77 ? A ARG 68 
3 1 Y 1 A THR 78 ? A THR 69 
# 
loop_
_chem_comp_atom.comp_id 
_chem_comp_atom.atom_id 
_chem_comp_atom.type_symbol 
_chem_comp_atom.pdbx_aromatic_flag 
_chem_comp_atom.pdbx_stereo_config 
_chem_comp_atom.pdbx_ordinal 
A1CS0 C10  C  N N 1   
A1CS0 O01  O  N N 2   
A1CS0 C02  C  N N 3   
A1CS0 C03  C  Y N 4   
A1CS0 C04  C  Y N 5   
A1CS0 C05  C  Y N 6   
A1CS0 C06  C  Y N 7   
A1CS0 C07  C  Y N 8   
A1CS0 C08  C  Y N 9   
A1CS0 BR9  BR N N 10  
A1CS0 O11  O  N N 11  
A1CS0 H1   H  N N 12  
A1CS0 H2   H  N N 13  
A1CS0 H3   H  N N 14  
A1CS0 H4   H  N N 15  
A1CS0 H5   H  N N 16  
A1CS0 H6   H  N N 17  
A1CS0 H7   H  N N 18  
A1CS0 H8   H  N N 19  
A1CS0 H9   H  N N 20  
ALA   N    N  N N 21  
ALA   CA   C  N S 22  
ALA   C    C  N N 23  
ALA   O    O  N N 24  
ALA   CB   C  N N 25  
ALA   OXT  O  N N 26  
ALA   H    H  N N 27  
ALA   H2   H  N N 28  
ALA   HA   H  N N 29  
ALA   HB1  H  N N 30  
ALA   HB2  H  N N 31  
ALA   HB3  H  N N 32  
ALA   HXT  H  N N 33  
ARG   N    N  N N 34  
ARG   CA   C  N S 35  
ARG   C    C  N N 36  
ARG   O    O  N N 37  
ARG   CB   C  N N 38  
ARG   CG   C  N N 39  
ARG   CD   C  N N 40  
ARG   NE   N  N N 41  
ARG   CZ   C  N N 42  
ARG   NH1  N  N N 43  
ARG   NH2  N  N N 44  
ARG   OXT  O  N N 45  
ARG   H    H  N N 46  
ARG   H2   H  N N 47  
ARG   HA   H  N N 48  
ARG   HB2  H  N N 49  
ARG   HB3  H  N N 50  
ARG   HG2  H  N N 51  
ARG   HG3  H  N N 52  
ARG   HD2  H  N N 53  
ARG   HD3  H  N N 54  
ARG   HE   H  N N 55  
ARG   HH11 H  N N 56  
ARG   HH12 H  N N 57  
ARG   HH21 H  N N 58  
ARG   HH22 H  N N 59  
ARG   HXT  H  N N 60  
ASP   N    N  N N 61  
ASP   CA   C  N S 62  
ASP   C    C  N N 63  
ASP   O    O  N N 64  
ASP   CB   C  N N 65  
ASP   CG   C  N N 66  
ASP   OD1  O  N N 67  
ASP   OD2  O  N N 68  
ASP   OXT  O  N N 69  
ASP   H    H  N N 70  
ASP   H2   H  N N 71  
ASP   HA   H  N N 72  
ASP   HB2  H  N N 73  
ASP   HB3  H  N N 74  
ASP   HD2  H  N N 75  
ASP   HXT  H  N N 76  
CYS   N    N  N N 77  
CYS   CA   C  N R 78  
CYS   C    C  N N 79  
CYS   O    O  N N 80  
CYS   CB   C  N N 81  
CYS   SG   S  N N 82  
CYS   OXT  O  N N 83  
CYS   H    H  N N 84  
CYS   H2   H  N N 85  
CYS   HA   H  N N 86  
CYS   HB2  H  N N 87  
CYS   HB3  H  N N 88  
CYS   HG   H  N N 89  
CYS   HXT  H  N N 90  
GLN   N    N  N N 91  
GLN   CA   C  N S 92  
GLN   C    C  N N 93  
GLN   O    O  N N 94  
GLN   CB   C  N N 95  
GLN   CG   C  N N 96  
GLN   CD   C  N N 97  
GLN   OE1  O  N N 98  
GLN   NE2  N  N N 99  
GLN   OXT  O  N N 100 
GLN   H    H  N N 101 
GLN   H2   H  N N 102 
GLN   HA   H  N N 103 
GLN   HB2  H  N N 104 
GLN   HB3  H  N N 105 
GLN   HG2  H  N N 106 
GLN   HG3  H  N N 107 
GLN   HE21 H  N N 108 
GLN   HE22 H  N N 109 
GLN   HXT  H  N N 110 
GLU   N    N  N N 111 
GLU   CA   C  N S 112 
GLU   C    C  N N 113 
GLU   O    O  N N 114 
GLU   CB   C  N N 115 
GLU   CG   C  N N 116 
GLU   CD   C  N N 117 
GLU   OE1  O  N N 118 
GLU   OE2  O  N N 119 
GLU   OXT  O  N N 120 
GLU   H    H  N N 121 
GLU   H2   H  N N 122 
GLU   HA   H  N N 123 
GLU   HB2  H  N N 124 
GLU   HB3  H  N N 125 
GLU   HG2  H  N N 126 
GLU   HG3  H  N N 127 
GLU   HE2  H  N N 128 
GLU   HXT  H  N N 129 
GLY   N    N  N N 130 
GLY   CA   C  N N 131 
GLY   C    C  N N 132 
GLY   O    O  N N 133 
GLY   OXT  O  N N 134 
GLY   H    H  N N 135 
GLY   H2   H  N N 136 
GLY   HA2  H  N N 137 
GLY   HA3  H  N N 138 
GLY   HXT  H  N N 139 
HIS   N    N  N N 140 
HIS   CA   C  N S 141 
HIS   C    C  N N 142 
HIS   O    O  N N 143 
HIS   CB   C  N N 144 
HIS   CG   C  Y N 145 
HIS   ND1  N  Y N 146 
HIS   CD2  C  Y N 147 
HIS   CE1  C  Y N 148 
HIS   NE2  N  Y N 149 
HIS   OXT  O  N N 150 
HIS   H    H  N N 151 
HIS   H2   H  N N 152 
HIS   HA   H  N N 153 
HIS   HB2  H  N N 154 
HIS   HB3  H  N N 155 
HIS   HD1  H  N N 156 
HIS   HD2  H  N N 157 
HIS   HE1  H  N N 158 
HIS   HE2  H  N N 159 
HIS   HXT  H  N N 160 
HOH   O    O  N N 161 
HOH   H1   H  N N 162 
HOH   H2   H  N N 163 
ILE   N    N  N N 164 
ILE   CA   C  N S 165 
ILE   C    C  N N 166 
ILE   O    O  N N 167 
ILE   CB   C  N S 168 
ILE   CG1  C  N N 169 
ILE   CG2  C  N N 170 
ILE   CD1  C  N N 171 
ILE   OXT  O  N N 172 
ILE   H    H  N N 173 
ILE   H2   H  N N 174 
ILE   HA   H  N N 175 
ILE   HB   H  N N 176 
ILE   HG12 H  N N 177 
ILE   HG13 H  N N 178 
ILE   HG21 H  N N 179 
ILE   HG22 H  N N 180 
ILE   HG23 H  N N 181 
ILE   HD11 H  N N 182 
ILE   HD12 H  N N 183 
ILE   HD13 H  N N 184 
ILE   HXT  H  N N 185 
LEU   N    N  N N 186 
LEU   CA   C  N S 187 
LEU   C    C  N N 188 
LEU   O    O  N N 189 
LEU   CB   C  N N 190 
LEU   CG   C  N N 191 
LEU   CD1  C  N N 192 
LEU   CD2  C  N N 193 
LEU   OXT  O  N N 194 
LEU   H    H  N N 195 
LEU   H2   H  N N 196 
LEU   HA   H  N N 197 
LEU   HB2  H  N N 198 
LEU   HB3  H  N N 199 
LEU   HG   H  N N 200 
LEU   HD11 H  N N 201 
LEU   HD12 H  N N 202 
LEU   HD13 H  N N 203 
LEU   HD21 H  N N 204 
LEU   HD22 H  N N 205 
LEU   HD23 H  N N 206 
LEU   HXT  H  N N 207 
LYS   N    N  N N 208 
LYS   CA   C  N S 209 
LYS   C    C  N N 210 
LYS   O    O  N N 211 
LYS   CB   C  N N 212 
LYS   CG   C  N N 213 
LYS   CD   C  N N 214 
LYS   CE   C  N N 215 
LYS   NZ   N  N N 216 
LYS   OXT  O  N N 217 
LYS   H    H  N N 218 
LYS   H2   H  N N 219 
LYS   HA   H  N N 220 
LYS   HB2  H  N N 221 
LYS   HB3  H  N N 222 
LYS   HG2  H  N N 223 
LYS   HG3  H  N N 224 
LYS   HD2  H  N N 225 
LYS   HD3  H  N N 226 
LYS   HE2  H  N N 227 
LYS   HE3  H  N N 228 
LYS   HZ1  H  N N 229 
LYS   HZ2  H  N N 230 
LYS   HZ3  H  N N 231 
LYS   HXT  H  N N 232 
MET   N    N  N N 233 
MET   CA   C  N S 234 
MET   C    C  N N 235 
MET   O    O  N N 236 
MET   CB   C  N N 237 
MET   CG   C  N N 238 
MET   SD   S  N N 239 
MET   CE   C  N N 240 
MET   OXT  O  N N 241 
MET   H    H  N N 242 
MET   H2   H  N N 243 
MET   HA   H  N N 244 
MET   HB2  H  N N 245 
MET   HB3  H  N N 246 
MET   HG2  H  N N 247 
MET   HG3  H  N N 248 
MET   HE1  H  N N 249 
MET   HE2  H  N N 250 
MET   HE3  H  N N 251 
MET   HXT  H  N N 252 
PHE   N    N  N N 253 
PHE   CA   C  N S 254 
PHE   C    C  N N 255 
PHE   O    O  N N 256 
PHE   CB   C  N N 257 
PHE   CG   C  Y N 258 
PHE   CD1  C  Y N 259 
PHE   CD2  C  Y N 260 
PHE   CE1  C  Y N 261 
PHE   CE2  C  Y N 262 
PHE   CZ   C  Y N 263 
PHE   OXT  O  N N 264 
PHE   H    H  N N 265 
PHE   H2   H  N N 266 
PHE   HA   H  N N 267 
PHE   HB2  H  N N 268 
PHE   HB3  H  N N 269 
PHE   HD1  H  N N 270 
PHE   HD2  H  N N 271 
PHE   HE1  H  N N 272 
PHE   HE2  H  N N 273 
PHE   HZ   H  N N 274 
PHE   HXT  H  N N 275 
PRO   N    N  N N 276 
PRO   CA   C  N S 277 
PRO   C    C  N N 278 
PRO   O    O  N N 279 
PRO   CB   C  N N 280 
PRO   CG   C  N N 281 
PRO   CD   C  N N 282 
PRO   OXT  O  N N 283 
PRO   H    H  N N 284 
PRO   HA   H  N N 285 
PRO   HB2  H  N N 286 
PRO   HB3  H  N N 287 
PRO   HG2  H  N N 288 
PRO   HG3  H  N N 289 
PRO   HD2  H  N N 290 
PRO   HD3  H  N N 291 
PRO   HXT  H  N N 292 
SER   N    N  N N 293 
SER   CA   C  N S 294 
SER   C    C  N N 295 
SER   O    O  N N 296 
SER   CB   C  N N 297 
SER   OG   O  N N 298 
SER   OXT  O  N N 299 
SER   H    H  N N 300 
SER   H2   H  N N 301 
SER   HA   H  N N 302 
SER   HB2  H  N N 303 
SER   HB3  H  N N 304 
SER   HG   H  N N 305 
SER   HXT  H  N N 306 
THR   N    N  N N 307 
THR   CA   C  N S 308 
THR   C    C  N N 309 
THR   O    O  N N 310 
THR   CB   C  N R 311 
THR   OG1  O  N N 312 
THR   CG2  C  N N 313 
THR   OXT  O  N N 314 
THR   H    H  N N 315 
THR   H2   H  N N 316 
THR   HA   H  N N 317 
THR   HB   H  N N 318 
THR   HG1  H  N N 319 
THR   HG21 H  N N 320 
THR   HG22 H  N N 321 
THR   HG23 H  N N 322 
THR   HXT  H  N N 323 
TYR   N    N  N N 324 
TYR   CA   C  N S 325 
TYR   C    C  N N 326 
TYR   O    O  N N 327 
TYR   CB   C  N N 328 
TYR   CG   C  Y N 329 
TYR   CD1  C  Y N 330 
TYR   CD2  C  Y N 331 
TYR   CE1  C  Y N 332 
TYR   CE2  C  Y N 333 
TYR   CZ   C  Y N 334 
TYR   OH   O  N N 335 
TYR   OXT  O  N N 336 
TYR   H    H  N N 337 
TYR   H2   H  N N 338 
TYR   HA   H  N N 339 
TYR   HB2  H  N N 340 
TYR   HB3  H  N N 341 
TYR   HD1  H  N N 342 
TYR   HD2  H  N N 343 
TYR   HE1  H  N N 344 
TYR   HE2  H  N N 345 
TYR   HH   H  N N 346 
TYR   HXT  H  N N 347 
VAL   N    N  N N 348 
VAL   CA   C  N S 349 
VAL   C    C  N N 350 
VAL   O    O  N N 351 
VAL   CB   C  N N 352 
VAL   CG1  C  N N 353 
VAL   CG2  C  N N 354 
VAL   OXT  O  N N 355 
VAL   H    H  N N 356 
VAL   H2   H  N N 357 
VAL   HA   H  N N 358 
VAL   HB   H  N N 359 
VAL   HG11 H  N N 360 
VAL   HG12 H  N N 361 
VAL   HG13 H  N N 362 
VAL   HG21 H  N N 363 
VAL   HG22 H  N N 364 
VAL   HG23 H  N N 365 
VAL   HXT  H  N N 366 
# 
loop_
_chem_comp_bond.comp_id 
_chem_comp_bond.atom_id_1 
_chem_comp_bond.atom_id_2 
_chem_comp_bond.value_order 
_chem_comp_bond.pdbx_aromatic_flag 
_chem_comp_bond.pdbx_stereo_config 
_chem_comp_bond.pdbx_ordinal 
A1CS0 O01 C02  sing N N 1   
A1CS0 C02 C03  sing N N 2   
A1CS0 C03 C04  doub Y N 3   
A1CS0 C03 C08  sing Y N 4   
A1CS0 C04 C05  sing Y N 5   
A1CS0 C08 C07  doub Y N 6   
A1CS0 C05 C06  doub Y N 7   
A1CS0 C07 C06  sing Y N 8   
A1CS0 C07 BR9  sing N N 9   
A1CS0 C06 C10  sing N N 10  
A1CS0 C10 O11  sing N N 11  
A1CS0 C10 H1   sing N N 12  
A1CS0 C10 H2   sing N N 13  
A1CS0 O01 H3   sing N N 14  
A1CS0 C02 H4   sing N N 15  
A1CS0 C02 H5   sing N N 16  
A1CS0 C04 H6   sing N N 17  
A1CS0 C05 H7   sing N N 18  
A1CS0 C08 H8   sing N N 19  
A1CS0 O11 H9   sing N N 20  
ALA   N   CA   sing N N 21  
ALA   N   H    sing N N 22  
ALA   N   H2   sing N N 23  
ALA   CA  C    sing N N 24  
ALA   CA  CB   sing N N 25  
ALA   CA  HA   sing N N 26  
ALA   C   O    doub N N 27  
ALA   C   OXT  sing N N 28  
ALA   CB  HB1  sing N N 29  
ALA   CB  HB2  sing N N 30  
ALA   CB  HB3  sing N N 31  
ALA   OXT HXT  sing N N 32  
ARG   N   CA   sing N N 33  
ARG   N   H    sing N N 34  
ARG   N   H2   sing N N 35  
ARG   CA  C    sing N N 36  
ARG   CA  CB   sing N N 37  
ARG   CA  HA   sing N N 38  
ARG   C   O    doub N N 39  
ARG   C   OXT  sing N N 40  
ARG   CB  CG   sing N N 41  
ARG   CB  HB2  sing N N 42  
ARG   CB  HB3  sing N N 43  
ARG   CG  CD   sing N N 44  
ARG   CG  HG2  sing N N 45  
ARG   CG  HG3  sing N N 46  
ARG   CD  NE   sing N N 47  
ARG   CD  HD2  sing N N 48  
ARG   CD  HD3  sing N N 49  
ARG   NE  CZ   sing N N 50  
ARG   NE  HE   sing N N 51  
ARG   CZ  NH1  sing N N 52  
ARG   CZ  NH2  doub N N 53  
ARG   NH1 HH11 sing N N 54  
ARG   NH1 HH12 sing N N 55  
ARG   NH2 HH21 sing N N 56  
ARG   NH2 HH22 sing N N 57  
ARG   OXT HXT  sing N N 58  
ASP   N   CA   sing N N 59  
ASP   N   H    sing N N 60  
ASP   N   H2   sing N N 61  
ASP   CA  C    sing N N 62  
ASP   CA  CB   sing N N 63  
ASP   CA  HA   sing N N 64  
ASP   C   O    doub N N 65  
ASP   C   OXT  sing N N 66  
ASP   CB  CG   sing N N 67  
ASP   CB  HB2  sing N N 68  
ASP   CB  HB3  sing N N 69  
ASP   CG  OD1  doub N N 70  
ASP   CG  OD2  sing N N 71  
ASP   OD2 HD2  sing N N 72  
ASP   OXT HXT  sing N N 73  
CYS   N   CA   sing N N 74  
CYS   N   H    sing N N 75  
CYS   N   H2   sing N N 76  
CYS   CA  C    sing N N 77  
CYS   CA  CB   sing N N 78  
CYS   CA  HA   sing N N 79  
CYS   C   O    doub N N 80  
CYS   C   OXT  sing N N 81  
CYS   CB  SG   sing N N 82  
CYS   CB  HB2  sing N N 83  
CYS   CB  HB3  sing N N 84  
CYS   SG  HG   sing N N 85  
CYS   OXT HXT  sing N N 86  
GLN   N   CA   sing N N 87  
GLN   N   H    sing N N 88  
GLN   N   H2   sing N N 89  
GLN   CA  C    sing N N 90  
GLN   CA  CB   sing N N 91  
GLN   CA  HA   sing N N 92  
GLN   C   O    doub N N 93  
GLN   C   OXT  sing N N 94  
GLN   CB  CG   sing N N 95  
GLN   CB  HB2  sing N N 96  
GLN   CB  HB3  sing N N 97  
GLN   CG  CD   sing N N 98  
GLN   CG  HG2  sing N N 99  
GLN   CG  HG3  sing N N 100 
GLN   CD  OE1  doub N N 101 
GLN   CD  NE2  sing N N 102 
GLN   NE2 HE21 sing N N 103 
GLN   NE2 HE22 sing N N 104 
GLN   OXT HXT  sing N N 105 
GLU   N   CA   sing N N 106 
GLU   N   H    sing N N 107 
GLU   N   H2   sing N N 108 
GLU   CA  C    sing N N 109 
GLU   CA  CB   sing N N 110 
GLU   CA  HA   sing N N 111 
GLU   C   O    doub N N 112 
GLU   C   OXT  sing N N 113 
GLU   CB  CG   sing N N 114 
GLU   CB  HB2  sing N N 115 
GLU   CB  HB3  sing N N 116 
GLU   CG  CD   sing N N 117 
GLU   CG  HG2  sing N N 118 
GLU   CG  HG3  sing N N 119 
GLU   CD  OE1  doub N N 120 
GLU   CD  OE2  sing N N 121 
GLU   OE2 HE2  sing N N 122 
GLU   OXT HXT  sing N N 123 
GLY   N   CA   sing N N 124 
GLY   N   H    sing N N 125 
GLY   N   H2   sing N N 126 
GLY   CA  C    sing N N 127 
GLY   CA  HA2  sing N N 128 
GLY   CA  HA3  sing N N 129 
GLY   C   O    doub N N 130 
GLY   C   OXT  sing N N 131 
GLY   OXT HXT  sing N N 132 
HIS   N   CA   sing N N 133 
HIS   N   H    sing N N 134 
HIS   N   H2   sing N N 135 
HIS   CA  C    sing N N 136 
HIS   CA  CB   sing N N 137 
HIS   CA  HA   sing N N 138 
HIS   C   O    doub N N 139 
HIS   C   OXT  sing N N 140 
HIS   CB  CG   sing N N 141 
HIS   CB  HB2  sing N N 142 
HIS   CB  HB3  sing N N 143 
HIS   CG  ND1  sing Y N 144 
HIS   CG  CD2  doub Y N 145 
HIS   ND1 CE1  doub Y N 146 
HIS   ND1 HD1  sing N N 147 
HIS   CD2 NE2  sing Y N 148 
HIS   CD2 HD2  sing N N 149 
HIS   CE1 NE2  sing Y N 150 
HIS   CE1 HE1  sing N N 151 
HIS   NE2 HE2  sing N N 152 
HIS   OXT HXT  sing N N 153 
HOH   O   H1   sing N N 154 
HOH   O   H2   sing N N 155 
ILE   N   CA   sing N N 156 
ILE   N   H    sing N N 157 
ILE   N   H2   sing N N 158 
ILE   CA  C    sing N N 159 
ILE   CA  CB   sing N N 160 
ILE   CA  HA   sing N N 161 
ILE   C   O    doub N N 162 
ILE   C   OXT  sing N N 163 
ILE   CB  CG1  sing N N 164 
ILE   CB  CG2  sing N N 165 
ILE   CB  HB   sing N N 166 
ILE   CG1 CD1  sing N N 167 
ILE   CG1 HG12 sing N N 168 
ILE   CG1 HG13 sing N N 169 
ILE   CG2 HG21 sing N N 170 
ILE   CG2 HG22 sing N N 171 
ILE   CG2 HG23 sing N N 172 
ILE   CD1 HD11 sing N N 173 
ILE   CD1 HD12 sing N N 174 
ILE   CD1 HD13 sing N N 175 
ILE   OXT HXT  sing N N 176 
LEU   N   CA   sing N N 177 
LEU   N   H    sing N N 178 
LEU   N   H2   sing N N 179 
LEU   CA  C    sing N N 180 
LEU   CA  CB   sing N N 181 
LEU   CA  HA   sing N N 182 
LEU   C   O    doub N N 183 
LEU   C   OXT  sing N N 184 
LEU   CB  CG   sing N N 185 
LEU   CB  HB2  sing N N 186 
LEU   CB  HB3  sing N N 187 
LEU   CG  CD1  sing N N 188 
LEU   CG  CD2  sing N N 189 
LEU   CG  HG   sing N N 190 
LEU   CD1 HD11 sing N N 191 
LEU   CD1 HD12 sing N N 192 
LEU   CD1 HD13 sing N N 193 
LEU   CD2 HD21 sing N N 194 
LEU   CD2 HD22 sing N N 195 
LEU   CD2 HD23 sing N N 196 
LEU   OXT HXT  sing N N 197 
LYS   N   CA   sing N N 198 
LYS   N   H    sing N N 199 
LYS   N   H2   sing N N 200 
LYS   CA  C    sing N N 201 
LYS   CA  CB   sing N N 202 
LYS   CA  HA   sing N N 203 
LYS   C   O    doub N N 204 
LYS   C   OXT  sing N N 205 
LYS   CB  CG   sing N N 206 
LYS   CB  HB2  sing N N 207 
LYS   CB  HB3  sing N N 208 
LYS   CG  CD   sing N N 209 
LYS   CG  HG2  sing N N 210 
LYS   CG  HG3  sing N N 211 
LYS   CD  CE   sing N N 212 
LYS   CD  HD2  sing N N 213 
LYS   CD  HD3  sing N N 214 
LYS   CE  NZ   sing N N 215 
LYS   CE  HE2  sing N N 216 
LYS   CE  HE3  sing N N 217 
LYS   NZ  HZ1  sing N N 218 
LYS   NZ  HZ2  sing N N 219 
LYS   NZ  HZ3  sing N N 220 
LYS   OXT HXT  sing N N 221 
MET   N   CA   sing N N 222 
MET   N   H    sing N N 223 
MET   N   H2   sing N N 224 
MET   CA  C    sing N N 225 
MET   CA  CB   sing N N 226 
MET   CA  HA   sing N N 227 
MET   C   O    doub N N 228 
MET   C   OXT  sing N N 229 
MET   CB  CG   sing N N 230 
MET   CB  HB2  sing N N 231 
MET   CB  HB3  sing N N 232 
MET   CG  SD   sing N N 233 
MET   CG  HG2  sing N N 234 
MET   CG  HG3  sing N N 235 
MET   SD  CE   sing N N 236 
MET   CE  HE1  sing N N 237 
MET   CE  HE2  sing N N 238 
MET   CE  HE3  sing N N 239 
MET   OXT HXT  sing N N 240 
PHE   N   CA   sing N N 241 
PHE   N   H    sing N N 242 
PHE   N   H2   sing N N 243 
PHE   CA  C    sing N N 244 
PHE   CA  CB   sing N N 245 
PHE   CA  HA   sing N N 246 
PHE   C   O    doub N N 247 
PHE   C   OXT  sing N N 248 
PHE   CB  CG   sing N N 249 
PHE   CB  HB2  sing N N 250 
PHE   CB  HB3  sing N N 251 
PHE   CG  CD1  doub Y N 252 
PHE   CG  CD2  sing Y N 253 
PHE   CD1 CE1  sing Y N 254 
PHE   CD1 HD1  sing N N 255 
PHE   CD2 CE2  doub Y N 256 
PHE   CD2 HD2  sing N N 257 
PHE   CE1 CZ   doub Y N 258 
PHE   CE1 HE1  sing N N 259 
PHE   CE2 CZ   sing Y N 260 
PHE   CE2 HE2  sing N N 261 
PHE   CZ  HZ   sing N N 262 
PHE   OXT HXT  sing N N 263 
PRO   N   CA   sing N N 264 
PRO   N   CD   sing N N 265 
PRO   N   H    sing N N 266 
PRO   CA  C    sing N N 267 
PRO   CA  CB   sing N N 268 
PRO   CA  HA   sing N N 269 
PRO   C   O    doub N N 270 
PRO   C   OXT  sing N N 271 
PRO   CB  CG   sing N N 272 
PRO   CB  HB2  sing N N 273 
PRO   CB  HB3  sing N N 274 
PRO   CG  CD   sing N N 275 
PRO   CG  HG2  sing N N 276 
PRO   CG  HG3  sing N N 277 
PRO   CD  HD2  sing N N 278 
PRO   CD  HD3  sing N N 279 
PRO   OXT HXT  sing N N 280 
SER   N   CA   sing N N 281 
SER   N   H    sing N N 282 
SER   N   H2   sing N N 283 
SER   CA  C    sing N N 284 
SER   CA  CB   sing N N 285 
SER   CA  HA   sing N N 286 
SER   C   O    doub N N 287 
SER   C   OXT  sing N N 288 
SER   CB  OG   sing N N 289 
SER   CB  HB2  sing N N 290 
SER   CB  HB3  sing N N 291 
SER   OG  HG   sing N N 292 
SER   OXT HXT  sing N N 293 
THR   N   CA   sing N N 294 
THR   N   H    sing N N 295 
THR   N   H2   sing N N 296 
THR   CA  C    sing N N 297 
THR   CA  CB   sing N N 298 
THR   CA  HA   sing N N 299 
THR   C   O    doub N N 300 
THR   C   OXT  sing N N 301 
THR   CB  OG1  sing N N 302 
THR   CB  CG2  sing N N 303 
THR   CB  HB   sing N N 304 
THR   OG1 HG1  sing N N 305 
THR   CG2 HG21 sing N N 306 
THR   CG2 HG22 sing N N 307 
THR   CG2 HG23 sing N N 308 
THR   OXT HXT  sing N N 309 
TYR   N   CA   sing N N 310 
TYR   N   H    sing N N 311 
TYR   N   H2   sing N N 312 
TYR   CA  C    sing N N 313 
TYR   CA  CB   sing N N 314 
TYR   CA  HA   sing N N 315 
TYR   C   O    doub N N 316 
TYR   C   OXT  sing N N 317 
TYR   CB  CG   sing N N 318 
TYR   CB  HB2  sing N N 319 
TYR   CB  HB3  sing N N 320 
TYR   CG  CD1  doub Y N 321 
TYR   CG  CD2  sing Y N 322 
TYR   CD1 CE1  sing Y N 323 
TYR   CD1 HD1  sing N N 324 
TYR   CD2 CE2  doub Y N 325 
TYR   CD2 HD2  sing N N 326 
TYR   CE1 CZ   doub Y N 327 
TYR   CE1 HE1  sing N N 328 
TYR   CE2 CZ   sing Y N 329 
TYR   CE2 HE2  sing N N 330 
TYR   CZ  OH   sing N N 331 
TYR   OH  HH   sing N N 332 
TYR   OXT HXT  sing N N 333 
VAL   N   CA   sing N N 334 
VAL   N   H    sing N N 335 
VAL   N   H2   sing N N 336 
VAL   CA  C    sing N N 337 
VAL   CA  CB   sing N N 338 
VAL   CA  HA   sing N N 339 
VAL   C   O    doub N N 340 
VAL   C   OXT  sing N N 341 
VAL   CB  CG1  sing N N 342 
VAL   CB  CG2  sing N N 343 
VAL   CB  HB   sing N N 344 
VAL   CG1 HG11 sing N N 345 
VAL   CG1 HG12 sing N N 346 
VAL   CG1 HG13 sing N N 347 
VAL   CG2 HG21 sing N N 348 
VAL   CG2 HG22 sing N N 349 
VAL   CG2 HG23 sing N N 350 
VAL   OXT HXT  sing N N 351 
# 
_pdbx_audit_support.ordinal                1 
_pdbx_audit_support.funding_organization   'Helmholtz Association' 
_pdbx_audit_support.country                Germany 
# 
_pdbx_deposit_group.group_id            G_1002337 
_pdbx_deposit_group.group_title         
'PanDDA analysis group deposition of SARS-CoV-2 Nsp1 soaked with fragments from the KIT library' 
_pdbx_deposit_group.group_description   
;SARS-CoV-2 Nsp1 soaked with Fragments from the KIT library. Includes refined models for hit compounds with ligands placed into the PanDDA event-map, which is the primary evidence for ligand placement. The event-, average and Z-maps and the 2Fo-Fc and Fo-Fc maps are included in the mmcif file. 2Fo-Fc and Fo-Fc maps are not useful to consider as evidence for ligand placement.
;
_pdbx_deposit_group.group_type          'changed state' 
# 
_pdbx_initial_refinement_model.id               1 
_pdbx_initial_refinement_model.type             'experimental model' 
_pdbx_initial_refinement_model.accession_code   7EQ4 
_pdbx_initial_refinement_model.source_name      PDB 
# 
_atom_sites.entry_id                    7IBB 
_atom_sites.fract_transf_matrix[1][1]   -0.02278466 
_atom_sites.fract_transf_matrix[1][2]   0.00718114 
_atom_sites.fract_transf_matrix[1][3]   -0.01309056 
_atom_sites.fract_transf_matrix[2][1]   0.00971504 
_atom_sites.fract_transf_matrix[2][2]   0.02526647 
_atom_sites.fract_transf_matrix[2][3]   -0.00304890 
_atom_sites.fract_transf_matrix[3][1]   0.00291805 
_atom_sites.fract_transf_matrix[3][2]   -0.00185786 
_atom_sites.fract_transf_matrix[3][3]   -0.00609815 
_atom_sites.fract_transf_vector[1]      0.203364 
_atom_sites.fract_transf_vector[2]      -0.433380 
_atom_sites.fract_transf_vector[3]      0.052046 
# 
loop_
_atom_type.symbol 
BR 
C  
N  
O  
S  
# 
loop_
_atom_site.group_PDB 
_atom_site.id 
_atom_site.type_symbol 
_atom_site.label_atom_id 
_atom_site.label_alt_id 
_atom_site.label_comp_id 
_atom_site.label_asym_id 
_atom_site.label_entity_id 
_atom_site.label_seq_id 
_atom_site.pdbx_PDB_ins_code 
_atom_site.Cartn_x 
_atom_site.Cartn_y 
_atom_site.Cartn_z 
_atom_site.occupancy 
_atom_site.B_iso_or_equiv 
_atom_site.pdbx_formal_charge 
_atom_site.auth_seq_id 
_atom_site.auth_comp_id 
_atom_site.auth_asym_id 
_atom_site.auth_atom_id 
_atom_site.pdbx_PDB_model_num 
ATOM   1    N  N   A LYS   A 1 2   ? -9.600  13.875  1.035   0.30 49.62  ? 11  LYS   A N   1 
ATOM   2    N  N   B LYS   A 1 2   ? -9.599  13.875  1.035   0.29 49.62  ? 11  LYS   A N   1 
ATOM   3    N  N   C LYS   A 1 2   ? -9.598  14.402  1.241   0.21 54.45  ? 11  LYS   A N   1 
ATOM   4    N  N   D LYS   A 1 2   ? -9.598  14.403  1.241   0.20 54.39  ? 11  LYS   A N   1 
ATOM   5    C  CA  A LYS   A 1 2   ? -8.522  13.905  2.084   0.30 49.57  ? 11  LYS   A CA  1 
ATOM   6    C  CA  B LYS   A 1 2   ? -8.522  13.905  2.084   0.29 49.55  ? 11  LYS   A CA  1 
ATOM   7    C  CA  C LYS   A 1 2   ? -8.477  14.313  2.234   0.21 53.61  ? 11  LYS   A CA  1 
ATOM   8    C  CA  D LYS   A 1 2   ? -8.477  14.314  2.234   0.20 53.58  ? 11  LYS   A CA  1 
ATOM   9    C  C   A LYS   A 1 2   ? -7.180  13.480  1.478   0.30 44.97  ? 11  LYS   A C   1 
ATOM   10   C  C   B LYS   A 1 2   ? -7.180  13.480  1.477   0.29 44.97  ? 11  LYS   A C   1 
ATOM   11   C  C   C LYS   A 1 2   ? -7.184  13.898  1.522   0.21 50.34  ? 11  LYS   A C   1 
ATOM   12   C  C   D LYS   A 1 2   ? -7.183  13.900  1.520   0.20 50.37  ? 11  LYS   A C   1 
ATOM   13   O  O   A LYS   A 1 2   ? -7.143  12.452  0.771   0.30 43.79  ? 11  LYS   A O   1 
ATOM   14   O  O   B LYS   A 1 2   ? -7.144  12.453  0.769   0.29 43.80  ? 11  LYS   A O   1 
ATOM   15   O  O   C LYS   A 1 2   ? -7.270  13.088  0.585   0.21 52.32  ? 11  LYS   A O   1 
ATOM   16   O  O   D LYS   A 1 2   ? -7.270  13.094  0.580   0.20 52.25  ? 11  LYS   A O   1 
ATOM   17   C  CB  A LYS   A 1 2   ? -8.855  12.969  3.251   0.30 53.95  ? 11  LYS   A CB  1 
ATOM   18   C  CB  B LYS   A 1 2   ? -8.854  12.970  3.251   0.29 53.92  ? 11  LYS   A CB  1 
ATOM   19   C  CB  C LYS   A 1 2   ? -8.812  13.298  3.332   0.21 55.45  ? 11  LYS   A CB  1 
ATOM   20   C  CB  D LYS   A 1 2   ? -8.810  13.299  3.332   0.20 55.42  ? 11  LYS   A CB  1 
ATOM   21   C  CG  A LYS   A 1 2   ? -9.914  13.472  4.221   0.30 57.98  ? 11  LYS   A CG  1 
ATOM   22   C  CG  B LYS   A 1 2   ? -9.913  13.472  4.221   0.29 57.93  ? 11  LYS   A CG  1 
ATOM   23   C  CG  C LYS   A 1 2   ? -10.054 13.610  4.153   0.21 57.11  ? 11  LYS   A CG  1 
ATOM   24   C  CG  D LYS   A 1 2   ? -10.053 13.610  4.153   0.20 57.07  ? 11  LYS   A CG  1 
ATOM   25   C  CD  A LYS   A 1 2   ? -10.048 12.596  5.453   0.30 61.74  ? 11  LYS   A CD  1 
ATOM   26   C  CD  B LYS   A 1 2   ? -10.048 12.597  5.453   0.29 61.67  ? 11  LYS   A CD  1 
ATOM   27   C  CD  C LYS   A 1 2   ? -9.743  14.027  5.563   0.21 58.39  ? 11  LYS   A CD  1 
ATOM   28   C  CD  D LYS   A 1 2   ? -9.743  14.027  5.563   0.20 58.34  ? 11  LYS   A CD  1 
ATOM   29   C  CE  A LYS   A 1 2   ? -11.246 12.954  6.306   0.30 63.93  ? 11  LYS   A CE  1 
ATOM   30   C  CE  B LYS   A 1 2   ? -11.247 12.954  6.306   0.29 63.86  ? 11  LYS   A CE  1 
ATOM   31   C  CE  C LYS   A 1 2   ? -10.947 13.937  6.468   0.21 60.17  ? 11  LYS   A CE  1 
ATOM   32   C  CE  D LYS   A 1 2   ? -10.947 13.937  6.468   0.20 60.08  ? 11  LYS   A CE  1 
ATOM   33   N  NZ  A LYS   A 1 2   ? -11.216 14.375  6.724   0.30 67.43  ? 11  LYS   A NZ  1 
ATOM   34   N  NZ  B LYS   A 1 2   ? -11.216 14.376  6.724   0.29 67.30  ? 11  LYS   A NZ  1 
ATOM   35   N  NZ  C LYS   A 1 2   ? -10.862 14.945  7.542   0.21 61.27  ? 11  LYS   A NZ  1 
ATOM   36   N  NZ  D LYS   A 1 2   ? -10.863 14.945  7.541   0.20 61.14  ? 11  LYS   A NZ  1 
ATOM   37   N  N   A THR   A 1 3   ? -6.109  14.211  1.796   0.30 39.71  ? 12  THR   A N   1 
ATOM   38   N  N   B THR   A 1 3   ? -6.108  14.211  1.795   0.29 39.75  ? 12  THR   A N   1 
ATOM   39   N  N   C THR   A 1 3   ? -6.033  14.410  1.967   0.21 47.21  ? 12  THR   A N   1 
ATOM   40   N  N   D THR   A 1 3   ? -6.033  14.410  1.967   0.20 47.27  ? 12  THR   A N   1 
ATOM   41   C  CA  A THR   A 1 3   ? -4.723  13.939  1.326   0.30 37.73  ? 12  THR   A CA  1 
ATOM   42   C  CA  B THR   A 1 3   ? -4.723  13.939  1.326   0.29 37.76  ? 12  THR   A CA  1 
ATOM   43   C  CA  C THR   A 1 3   ? -4.686  14.103  1.411   0.21 45.35  ? 12  THR   A CA  1 
ATOM   44   C  CA  D THR   A 1 3   ? -4.685  14.103  1.411   0.20 45.42  ? 12  THR   A CA  1 
ATOM   45   C  C   A THR   A 1 3   ? -4.197  12.635  1.935   0.30 36.88  ? 12  THR   A C   1 
ATOM   46   C  C   B THR   A 1 3   ? -4.197  12.635  1.935   0.29 36.90  ? 12  THR   A C   1 
ATOM   47   C  C   C THR   A 1 3   ? -4.185  12.762  1.959   0.21 44.38  ? 12  THR   A C   1 
ATOM   48   C  C   D THR   A 1 3   ? -4.183  12.763  1.958   0.20 44.44  ? 12  THR   A C   1 
ATOM   49   O  O   A THR   A 1 3   ? -3.235  12.076  1.376   0.30 37.18  ? 12  THR   A O   1 
ATOM   50   O  O   B THR   A 1 3   ? -3.236  12.075  1.375   0.29 37.18  ? 12  THR   A O   1 
ATOM   51   O  O   C THR   A 1 3   ? -3.311  12.153  1.311   0.21 44.35  ? 12  THR   A O   1 
ATOM   52   O  O   D THR   A 1 3   ? -3.308  12.155  1.312   0.20 44.38  ? 12  THR   A O   1 
ATOM   53   C  CB  A THR   A 1 3   ? -3.747  15.053  1.721   0.30 39.01  ? 12  THR   A CB  1 
ATOM   54   C  CB  B THR   A 1 3   ? -3.747  15.054  1.721   0.29 39.00  ? 12  THR   A CB  1 
ATOM   55   C  CB  C THR   A 1 3   ? -3.651  15.178  1.766   0.21 45.95  ? 12  THR   A CB  1 
ATOM   56   C  CB  D THR   A 1 3   ? -3.651  15.180  1.765   0.20 45.96  ? 12  THR   A CB  1 
ATOM   57   O  OG1 A THR   A 1 3   ? -3.653  15.028  3.147   0.30 35.02  ? 12  THR   A OG1 1 
ATOM   58   O  OG1 B THR   A 1 3   ? -3.652  15.029  3.146   0.29 35.06  ? 12  THR   A OG1 1 
ATOM   59   O  OG1 C THR   A 1 3   ? -3.389  15.074  3.167   0.21 43.42  ? 12  THR   A OG1 1 
ATOM   60   O  OG1 D THR   A 1 3   ? -3.386  15.077  3.166   0.20 43.53  ? 12  THR   A OG1 1 
ATOM   61   C  CG2 A THR   A 1 3   ? -4.168  16.418  1.221   0.30 39.77  ? 12  THR   A CG2 1 
ATOM   62   C  CG2 B THR   A 1 3   ? -4.169  16.419  1.220   0.29 39.74  ? 12  THR   A CG2 1 
ATOM   63   C  CG2 C THR   A 1 3   ? -4.095  16.580  1.412   0.21 46.73  ? 12  THR   A CG2 1 
ATOM   64   C  CG2 D THR   A 1 3   ? -4.095  16.581  1.411   0.20 46.70  ? 12  THR   A CG2 1 
ATOM   65   N  N   A HIS   A 1 4   ? -4.762  12.205  3.067   0.30 35.00  ? 13  HIS   A N   1 
ATOM   66   N  N   B HIS   A 1 4   ? -4.762  12.205  3.067   0.29 35.06  ? 13  HIS   A N   1 
ATOM   67   N  N   C HIS   A 1 4   ? -4.686  12.353  3.128   0.21 42.93  ? 13  HIS   A N   1 
ATOM   68   N  N   D HIS   A 1 4   ? -4.685  12.352  3.128   0.20 43.05  ? 13  HIS   A N   1 
ATOM   69   C  CA  A HIS   A 1 4   ? -4.339  10.981  3.795   0.30 37.02  ? 13  HIS   A CA  1 
ATOM   70   C  CA  B HIS   A 1 4   ? -4.339  10.981  3.795   0.29 37.05  ? 13  HIS   A CA  1 
ATOM   71   C  CA  C HIS   A 1 4   ? -4.269  11.127  3.859   0.21 44.13  ? 13  HIS   A CA  1 
ATOM   72   C  CA  D HIS   A 1 4   ? -4.268  11.128  3.859   0.20 44.18  ? 13  HIS   A CA  1 
ATOM   73   C  C   A HIS   A 1 4   ? -5.566  10.171  4.204   0.30 39.85  ? 13  HIS   A C   1 
ATOM   74   C  C   B HIS   A 1 4   ? -5.566  10.171  4.204   0.29 39.81  ? 13  HIS   A C   1 
ATOM   75   C  C   C HIS   A 1 4   ? -5.502  10.270  4.151   0.21 44.77  ? 13  HIS   A C   1 
ATOM   76   C  C   D HIS   A 1 4   ? -5.501  10.270  4.150   0.20 44.74  ? 13  HIS   A C   1 
ATOM   77   O  O   A HIS   A 1 4   ? -6.591  10.781  4.546   0.30 37.42  ? 13  HIS   A O   1 
ATOM   78   O  O   B HIS   A 1 4   ? -6.592  10.781  4.547   0.29 37.43  ? 13  HIS   A O   1 
ATOM   79   O  O   C HIS   A 1 4   ? -6.608  10.836  4.222   0.21 42.35  ? 13  HIS   A O   1 
ATOM   80   O  O   D HIS   A 1 4   ? -6.608  10.834  4.216   0.20 42.42  ? 13  HIS   A O   1 
ATOM   81   C  CB  A HIS   A 1 4   ? -3.473  11.333  5.004   0.30 38.95  ? 13  HIS   A CB  1 
ATOM   82   C  CB  B HIS   A 1 4   ? -3.473  11.334  5.005   0.29 38.92  ? 13  HIS   A CB  1 
ATOM   83   C  CB  C HIS   A 1 4   ? -3.519  11.498  5.144   0.21 46.52  ? 13  HIS   A CB  1 
ATOM   84   C  CB  D HIS   A 1 4   ? -3.518  11.498  5.144   0.20 46.46  ? 13  HIS   A CB  1 
ATOM   85   C  CG  A HIS   A 1 4   ? -2.095  11.773  4.649   0.30 37.58  ? 13  HIS   A CG  1 
ATOM   86   C  CG  B HIS   A 1 4   ? -2.095  11.773  4.649   0.29 37.59  ? 13  HIS   A CG  1 
ATOM   87   C  CG  C HIS   A 1 4   ? -2.075  11.815  4.938   0.21 46.24  ? 13  HIS   A CG  1 
ATOM   88   C  CG  D HIS   A 1 4   ? -2.076  11.816  4.939   0.20 46.23  ? 13  HIS   A CG  1 
ATOM   89   N  ND1 A HIS   A 1 4   ? -1.829  13.046  4.182   0.30 37.94  ? 13  HIS   A ND1 1 
ATOM   90   N  ND1 B HIS   A 1 4   ? -1.828  13.046  4.182   0.29 37.94  ? 13  HIS   A ND1 1 
ATOM   91   N  ND1 C HIS   A 1 4   ? -1.632  13.102  4.693   0.21 47.53  ? 13  HIS   A ND1 1 
ATOM   92   N  ND1 D HIS   A 1 4   ? -1.632  13.102  4.693   0.20 47.47  ? 13  HIS   A ND1 1 
ATOM   93   C  CD2 A HIS   A 1 4   ? -0.908  11.124  4.699   0.30 38.41  ? 13  HIS   A CD2 1 
ATOM   94   C  CD2 B HIS   A 1 4   ? -0.908  11.124  4.699   0.29 38.40  ? 13  HIS   A CD2 1 
ATOM   95   C  CD2 C HIS   A 1 4   ? -0.976  11.028  4.948   0.21 46.83  ? 13  HIS   A CD2 1 
ATOM   96   C  CD2 D HIS   A 1 4   ? -0.976  11.028  4.948   0.20 46.80  ? 13  HIS   A CD2 1 
ATOM   97   C  CE1 A HIS   A 1 4   ? -0.532  13.163  3.954   0.30 38.01  ? 13  HIS   A CE1 1 
ATOM   98   C  CE1 B HIS   A 1 4   ? -0.531  13.162  3.953   0.29 38.00  ? 13  HIS   A CE1 1 
ATOM   99   C  CE1 C HIS   A 1 4   ? -0.320  13.092  4.556   0.21 47.09  ? 13  HIS   A CE1 1 
ATOM   100  C  CE1 D HIS   A 1 4   ? -0.319  13.092  4.557   0.20 47.06  ? 13  HIS   A CE1 1 
ATOM   101  N  NE2 A HIS   A 1 4   ? 0.057   11.996  4.260   0.30 36.12  ? 13  HIS   A NE2 1 
ATOM   102  N  NE2 B HIS   A 1 4   ? 0.057   11.996  4.260   0.29 36.15  ? 13  HIS   A NE2 1 
ATOM   103  N  NE2 C HIS   A 1 4   ? 0.107   11.831  4.704   0.21 46.12  ? 13  HIS   A NE2 1 
ATOM   104  N  NE2 D HIS   A 1 4   ? 0.107   11.831  4.704   0.20 46.14  ? 13  HIS   A NE2 1 
ATOM   105  N  N   A VAL   A 1 5   ? -5.441  8.842   4.178   0.30 40.13  ? 14  VAL   A N   1 
ATOM   106  N  N   B VAL   A 1 5   ? -5.441  8.842   4.178   0.29 40.11  ? 14  VAL   A N   1 
ATOM   107  N  N   C VAL   A 1 5   ? -5.312  8.958   4.309   0.21 43.89  ? 14  VAL   A N   1 
ATOM   108  N  N   D VAL   A 1 5   ? -5.310  8.957   4.310   0.20 43.90  ? 14  VAL   A N   1 
ATOM   109  C  CA  A VAL   A 1 5   ? -6.528  7.898   4.567   0.30 41.09  ? 14  VAL   A CA  1 
ATOM   110  C  CA  B VAL   A 1 5   ? -6.528  7.898   4.567   0.29 41.08  ? 14  VAL   A CA  1 
ATOM   111  C  CA  C VAL   A 1 5   ? -6.407  7.998   4.640   0.21 44.02  ? 14  VAL   A CA  1 
ATOM   112  C  CA  D VAL   A 1 5   ? -6.405  7.999   4.641   0.20 44.02  ? 14  VAL   A CA  1 
ATOM   113  C  C   A VAL   A 1 5   ? -5.956  6.894   5.570   0.30 39.68  ? 14  VAL   A C   1 
ATOM   114  C  C   B VAL   A 1 5   ? -5.956  6.894   5.570   0.29 39.70  ? 14  VAL   A C   1 
ATOM   115  C  C   C VAL   A 1 5   ? -5.882  6.963   5.635   0.21 41.69  ? 14  VAL   A C   1 
ATOM   116  C  C   D VAL   A 1 5   ? -5.881  6.964   5.637   0.20 41.73  ? 14  VAL   A C   1 
ATOM   117  O  O   A VAL   A 1 5   ? -4.861  6.353   5.309   0.30 38.95  ? 14  VAL   A O   1 
ATOM   118  O  O   B VAL   A 1 5   ? -4.861  6.353   5.309   0.29 38.96  ? 14  VAL   A O   1 
ATOM   119  O  O   C VAL   A 1 5   ? -4.773  6.432   5.417   0.21 40.61  ? 14  VAL   A O   1 
ATOM   120  O  O   D VAL   A 1 5   ? -4.771  6.434   5.419   0.20 40.65  ? 14  VAL   A O   1 
ATOM   121  C  CB  A VAL   A 1 5   ? -7.166  7.225   3.337   0.30 42.02  ? 14  VAL   A CB  1 
ATOM   122  C  CB  B VAL   A 1 5   ? -7.166  7.225   3.337   0.29 42.02  ? 14  VAL   A CB  1 
ATOM   123  C  CB  C VAL   A 1 5   ? -6.990  7.329   3.381   0.21 44.73  ? 14  VAL   A CB  1 
ATOM   124  C  CB  D VAL   A 1 5   ? -6.987  7.328   3.384   0.20 44.76  ? 14  VAL   A CB  1 
ATOM   125  C  CG1 A VAL   A 1 5   ? -6.170  6.408   2.524   0.30 42.20  ? 14  VAL   A CG1 1 
ATOM   126  C  CG1 B VAL   A 1 5   ? -6.169  6.408   2.525   0.29 42.19  ? 14  VAL   A CG1 1 
ATOM   127  C  CG1 C VAL   A 1 5   ? -5.938  6.572   2.582   0.21 45.60  ? 14  VAL   A CG1 1 
ATOM   128  C  CG1 D VAL   A 1 5   ? -5.933  6.573   2.590   0.20 45.59  ? 14  VAL   A CG1 1 
ATOM   129  C  CG2 A VAL   A 1 5   ? -8.369  6.378   3.730   0.30 45.08  ? 14  VAL   A CG2 1 
ATOM   130  C  CG2 B VAL   A 1 5   ? -8.369  6.378   3.730   0.29 45.01  ? 14  VAL   A CG2 1 
ATOM   131  C  CG2 C VAL   A 1 5   ? -8.157  6.421   3.739   0.21 47.50  ? 14  VAL   A CG2 1 
ATOM   132  C  CG2 D VAL   A 1 5   ? -8.155  6.418   3.737   0.20 47.42  ? 14  VAL   A CG2 1 
ATOM   133  N  N   . GLN   A 1 6   ? -6.657  6.712   6.692   1.00 40.90  ? 15  GLN   A N   1 
ATOM   134  C  CA  . GLN   A 1 6   ? -6.325  5.710   7.725   1.00 42.06  ? 15  GLN   A CA  1 
ATOM   135  C  C   . GLN   A 1 6   ? -6.730  4.354   7.154   1.00 41.00  ? 15  GLN   A C   1 
ATOM   136  O  O   . GLN   A 1 6   ? -7.918  4.163   6.770   1.00 38.74  ? 15  GLN   A O   1 
ATOM   137  C  CB  . GLN   A 1 6   ? -7.056  5.988   9.033   1.00 46.68  ? 15  GLN   A CB  1 
ATOM   138  C  CG  . GLN   A 1 6   ? -6.410  7.082   9.860   1.00 51.08  ? 15  GLN   A CG  1 
ATOM   139  C  CD  . GLN   A 1 6   ? -7.239  7.378   11.084  1.00 58.45  ? 15  GLN   A CD  1 
ATOM   140  O  OE1 . GLN   A 1 6   ? -8.238  6.710   11.346  1.00 64.37  ? 15  GLN   A OE1 1 
ATOM   141  N  NE2 . GLN   A 1 6   ? -6.826  8.377   11.849  1.00 58.27  ? 15  GLN   A NE2 1 
ATOM   142  N  N   A LEU   A 1 7   ? -5.768  3.436   7.068   0.30 37.29  ? 16  LEU   A N   1 
ATOM   143  N  N   B LEU   A 1 7   ? -5.768  3.435   7.068   0.29 37.38  ? 16  LEU   A N   1 
ATOM   144  N  N   C LEU   A 1 7   ? -5.759  3.441   7.083   0.21 38.37  ? 16  LEU   A N   1 
ATOM   145  N  N   D LEU   A 1 7   ? -5.760  3.440   7.084   0.20 38.48  ? 16  LEU   A N   1 
ATOM   146  C  CA  A LEU   A 1 7   ? -6.000  2.052   6.586   0.30 36.71  ? 16  LEU   A CA  1 
ATOM   147  C  CA  B LEU   A 1 7   ? -6.000  2.050   6.584   0.29 36.87  ? 16  LEU   A CA  1 
ATOM   148  C  CA  C LEU   A 1 7   ? -5.940  2.058   6.577   0.21 37.96  ? 16  LEU   A CA  1 
ATOM   149  C  CA  D LEU   A 1 7   ? -5.940  2.057   6.576   0.20 38.13  ? 16  LEU   A CA  1 
ATOM   150  C  C   A LEU   A 1 7   ? -5.404  1.075   7.590   0.30 35.35  ? 16  LEU   A C   1 
ATOM   151  C  C   B LEU   A 1 7   ? -5.404  1.070   7.586   0.29 35.70  ? 16  LEU   A C   1 
ATOM   152  C  C   C LEU   A 1 7   ? -5.396  1.079   7.611   0.21 36.53  ? 16  LEU   A C   1 
ATOM   153  C  C   D LEU   A 1 7   ? -5.396  1.074   7.608   0.20 36.88  ? 16  LEU   A C   1 
ATOM   154  O  O   A LEU   A 1 7   ? -4.402  1.416   8.244   0.30 35.14  ? 16  LEU   A O   1 
ATOM   155  O  O   B LEU   A 1 7   ? -4.395  1.408   8.234   0.29 35.32  ? 16  LEU   A O   1 
ATOM   156  O  O   C LEU   A 1 7   ? -4.425  1.423   8.308   0.21 36.06  ? 16  LEU   A O   1 
ATOM   157  O  O   D LEU   A 1 7   ? -4.413  1.412   8.294   0.20 36.26  ? 16  LEU   A O   1 
ATOM   158  C  CB  A LEU   A 1 7   ? -5.363  1.866   5.207   0.30 36.24  ? 16  LEU   A CB  1 
ATOM   159  C  CB  B LEU   A 1 7   ? -5.362  1.866   5.206   0.29 36.34  ? 16  LEU   A CB  1 
ATOM   160  C  CB  C LEU   A 1 7   ? -5.196  1.901   5.250   0.21 38.38  ? 16  LEU   A CB  1 
ATOM   161  C  CB  D LEU   A 1 7   ? -5.197  1.902   5.248   0.20 38.49  ? 16  LEU   A CB  1 
ATOM   162  C  CG  A LEU   A 1 7   ? -5.848  2.817   4.117   0.30 38.64  ? 16  LEU   A CG  1 
ATOM   163  C  CG  B LEU   A 1 7   ? -5.849  2.817   4.117   0.29 38.66  ? 16  LEU   A CG  1 
ATOM   164  C  CG  C LEU   A 1 7   ? -5.695  2.773   4.104   0.21 40.19  ? 16  LEU   A CG  1 
ATOM   165  C  CG  D LEU   A 1 7   ? -5.692  2.781   4.105   0.20 40.20  ? 16  LEU   A CG  1 
ATOM   166  C  CD1 A LEU   A 1 7   ? -4.997  2.668   2.872   0.30 39.19  ? 16  LEU   A CD1 1 
ATOM   167  C  CD1 B LEU   A 1 7   ? -4.997  2.669   2.870   0.29 39.19  ? 16  LEU   A CD1 1 
ATOM   168  C  CD1 C LEU   A 1 7   ? -4.758  2.673   2.913   0.21 41.12  ? 16  LEU   A CD1 1 
ATOM   169  C  CD1 D LEU   A 1 7   ? -4.757  2.676   2.914   0.20 41.08  ? 16  LEU   A CD1 1 
ATOM   170  C  CD2 A LEU   A 1 7   ? -7.317  2.578   3.789   0.30 38.81  ? 16  LEU   A CD2 1 
ATOM   171  C  CD2 B LEU   A 1 7   ? -7.317  2.577   3.789   0.29 38.83  ? 16  LEU   A CD2 1 
ATOM   172  C  CD2 C LEU   A 1 7   ? -7.113  2.385   3.707   0.21 40.92  ? 16  LEU   A CD2 1 
ATOM   173  C  CD2 D LEU   A 1 7   ? -7.114  2.409   3.707   0.20 40.89  ? 16  LEU   A CD2 1 
ATOM   174  N  N   A SER   A 1 8   ? -6.024  -0.100  7.699   0.30 36.62  ? 17  SER   A N   1 
ATOM   175  N  N   B SER   A 1 8   ? -6.036  -0.099  7.708   0.29 37.44  ? 17  SER   A N   1 
ATOM   176  N  N   C SER   A 1 8   ? -6.017  -0.099  7.695   0.21 36.76  ? 17  SER   A N   1 
ATOM   177  N  N   D SER   A 1 8   ? -6.029  -0.098  7.703   0.20 37.52  ? 17  SER   A N   1 
ATOM   178  C  CA  A SER   A 1 8   ? -5.514  -1.268  8.455   0.30 33.93  ? 17  SER   A CA  1 
ATOM   179  C  CA  B SER   A 1 8   ? -5.530  -1.276  8.453   0.29 35.20  ? 17  SER   A CA  1 
ATOM   180  C  CA  C SER   A 1 8   ? -5.514  -1.269  8.455   0.21 34.38  ? 17  SER   A CA  1 
ATOM   181  C  CA  D SER   A 1 8   ? -5.530  -1.276  8.452   0.20 35.58  ? 17  SER   A CA  1 
ATOM   182  C  C   A SER   A 1 8   ? -5.248  -2.395  7.450   0.30 33.11  ? 17  SER   A C   1 
ATOM   183  C  C   B SER   A 1 8   ? -5.251  -2.389  7.435   0.29 33.75  ? 17  SER   A C   1 
ATOM   184  C  C   C SER   A 1 8   ? -5.248  -2.398  7.453   0.21 33.21  ? 17  SER   A C   1 
ATOM   185  C  C   D SER   A 1 8   ? -5.251  -2.394  7.440   0.20 33.83  ? 17  SER   A C   1 
ATOM   186  O  O   A SER   A 1 8   ? -6.215  -3.002  6.987   0.30 32.45  ? 17  SER   A O   1 
ATOM   187  O  O   B SER   A 1 8   ? -6.213  -2.987  6.950   0.29 33.27  ? 17  SER   A O   1 
ATOM   188  O  O   C SER   A 1 8   ? -6.216  -3.014  7.000   0.21 32.54  ? 17  SER   A O   1 
ATOM   189  O  O   D SER   A 1 8   ? -6.214  -3.003  6.964   0.20 33.28  ? 17  SER   A O   1 
ATOM   190  C  CB  A SER   A 1 8   ? -6.479  -1.667  9.536   0.30 39.14  ? 17  SER   A CB  1 
ATOM   191  C  CB  B SER   A 1 8   ? -6.507  -1.707  9.514   0.29 40.93  ? 17  SER   A CB  1 
ATOM   192  C  CB  C SER   A 1 8   ? -6.482  -1.665  9.535   0.21 38.50  ? 17  SER   A CB  1 
ATOM   193  C  CB  D SER   A 1 8   ? -6.509  -1.701  9.514   0.20 40.10  ? 17  SER   A CB  1 
ATOM   194  O  OG  A SER   A 1 8   ? -6.286  -0.859  10.690  0.30 38.05  ? 17  SER   A OG  1 
ATOM   195  O  OG  B SER   A 1 8   ? -5.880  -2.583  10.439  0.29 42.11  ? 17  SER   A OG  1 
ATOM   196  O  OG  C SER   A 1 8   ? -6.299  -0.848  10.685  0.21 37.84  ? 17  SER   A OG  1 
ATOM   197  O  OG  D SER   A 1 8   ? -5.886  -2.579  10.442  0.20 41.29  ? 17  SER   A OG  1 
ATOM   198  N  N   . LEU   A 1 9   ? -3.978  -2.611  7.101   1.00 30.91  ? 18  LEU   A N   1 
ATOM   199  C  CA  . LEU   A 1 9   ? -3.586  -3.548  6.021   1.00 30.83  ? 18  LEU   A CA  1 
ATOM   200  C  C   . LEU   A 1 9   ? -3.336  -4.922  6.618   1.00 26.65  ? 18  LEU   A C   1 
ATOM   201  O  O   . LEU   A 1 9   ? -2.612  -5.022  7.602   1.00 28.18  ? 18  LEU   A O   1 
ATOM   202  C  CB  . LEU   A 1 9   ? -2.306  -3.047  5.377   1.00 29.05  ? 18  LEU   A CB  1 
ATOM   203  C  CG  . LEU   A 1 9   ? -2.388  -1.684  4.709   1.00 30.88  ? 18  LEU   A CG  1 
ATOM   204  C  CD1 . LEU   A 1 9   ? -1.057  -1.365  4.088   1.00 32.65  ? 18  LEU   A CD1 1 
ATOM   205  C  CD2 . LEU   A 1 9   ? -3.497  -1.599  3.697   1.00 33.59  ? 18  LEU   A CD2 1 
ATOM   206  N  N   . PRO   A 1 10  ? -3.933  -5.987  6.049   1.00 28.27  ? 19  PRO   A N   1 
ATOM   207  C  CA  . PRO   A 1 10  ? -3.636  -7.341  6.504   1.00 24.88  ? 19  PRO   A CA  1 
ATOM   208  C  C   . PRO   A 1 10  ? -2.180  -7.692  6.156   1.00 25.41  ? 19  PRO   A C   1 
ATOM   209  O  O   . PRO   A 1 10  ? -1.756  -7.518  5.033   1.00 25.12  ? 19  PRO   A O   1 
ATOM   210  C  CB  . PRO   A 1 10  ? -4.653  -8.231  5.783   1.00 28.68  ? 19  PRO   A CB  1 
ATOM   211  C  CG  . PRO   A 1 10  ? -5.125  -7.407  4.576   1.00 30.23  ? 19  PRO   A CG  1 
ATOM   212  C  CD  . PRO   A 1 10  ? -4.908  -5.948  4.958   1.00 28.27  ? 19  PRO   A CD  1 
ATOM   213  N  N   . VAL   A 1 11  ? -1.438  -8.195  7.130   1.00 25.69  ? 20  VAL   A N   1 
ATOM   214  C  CA  . VAL   A 1 11  ? -0.040  -8.647  6.925   1.00 24.59  ? 20  VAL   A CA  1 
ATOM   215  C  C   . VAL   A 1 11  ? -0.103  -10.130 6.526   1.00 25.37  ? 20  VAL   A C   1 
ATOM   216  O  O   . VAL   A 1 11  ? -0.605  -10.920 7.278   1.00 25.71  ? 20  VAL   A O   1 
ATOM   217  C  CB  . VAL   A 1 11  ? 0.826   -8.397  8.163   1.00 26.04  ? 20  VAL   A CB  1 
ATOM   218  C  CG1 . VAL   A 1 11  ? 2.232   -8.892  7.938   1.00 26.05  ? 20  VAL   A CG1 1 
ATOM   219  C  CG2 . VAL   A 1 11  ? 0.871   -6.913  8.537   1.00 30.08  ? 20  VAL   A CG2 1 
ATOM   220  N  N   . LEU   A 1 12  ? 0.383   -10.468 5.343   1.00 25.24  ? 21  LEU   A N   1 
ATOM   221  C  CA  . LEU   A 1 12  ? 0.315   -11.840 4.792   1.00 24.39  ? 21  LEU   A CA  1 
ATOM   222  C  C   . LEU   A 1 12  ? 1.700   -12.474 4.842   1.00 25.76  ? 21  LEU   A C   1 
ATOM   223  O  O   . LEU   A 1 12  ? 2.675   -11.795 4.654   1.00 28.76  ? 21  LEU   A O   1 
ATOM   224  C  CB  . LEU   A 1 12  ? -0.182  -11.740 3.356   1.00 24.81  ? 21  LEU   A CB  1 
ATOM   225  C  CG  . LEU   A 1 12  ? -1.503  -10.991 3.169   1.00 25.81  ? 21  LEU   A CG  1 
ATOM   226  C  CD1 . LEU   A 1 12  ? -1.901  -10.963 1.705   1.00 27.13  ? 21  LEU   A CD1 1 
ATOM   227  C  CD2 . LEU   A 1 12  ? -2.611  -11.599 4.004   1.00 28.02  ? 21  LEU   A CD2 1 
ATOM   228  N  N   A GLN   A 1 13  ? 1.777   -13.785 5.076   0.21 27.08  ? 22  GLN   A N   1 
ATOM   229  N  N   B GLN   A 1 13  ? 1.748   -13.790 5.044   0.28 27.72  ? 22  GLN   A N   1 
ATOM   230  N  N   C GLN   A 1 13  ? 1.777   -13.785 5.076   0.21 27.08  ? 22  GLN   A N   1 
ATOM   231  N  N   D GLN   A 1 13  ? 1.748   -13.790 5.044   0.28 27.72  ? 22  GLN   A N   1 
ATOM   232  C  CA  A GLN   A 1 13  ? 3.048   -14.541 4.917   0.21 27.20  ? 22  GLN   A CA  1 
ATOM   233  C  CA  B GLN   A 1 13  ? 2.983   -14.599 4.877   0.28 28.28  ? 22  GLN   A CA  1 
ATOM   234  C  CA  C GLN   A 1 13  ? 3.048   -14.541 4.917   0.21 27.20  ? 22  GLN   A CA  1 
ATOM   235  C  CA  D GLN   A 1 13  ? 2.983   -14.599 4.877   0.28 28.28  ? 22  GLN   A CA  1 
ATOM   236  C  C   A GLN   A 1 13  ? 3.279   -14.748 3.414   0.21 25.82  ? 22  GLN   A C   1 
ATOM   237  C  C   B GLN   A 1 13  ? 3.264   -14.736 3.378   0.28 25.92  ? 22  GLN   A C   1 
ATOM   238  C  C   C GLN   A 1 13  ? 3.279   -14.748 3.414   0.21 25.82  ? 22  GLN   A C   1 
ATOM   239  C  C   D GLN   A 1 13  ? 3.264   -14.736 3.378   0.28 25.92  ? 22  GLN   A C   1 
ATOM   240  O  O   A GLN   A 1 13  ? 2.300   -15.072 2.702   0.21 25.87  ? 22  GLN   A O   1 
ATOM   241  O  O   B GLN   A 1 13  ? 2.305   -15.035 2.625   0.28 25.46  ? 22  GLN   A O   1 
ATOM   242  O  O   C GLN   A 1 13  ? 2.300   -15.072 2.702   0.21 25.87  ? 22  GLN   A O   1 
ATOM   243  O  O   D GLN   A 1 13  ? 2.305   -15.035 2.625   0.28 25.46  ? 22  GLN   A O   1 
ATOM   244  C  CB  A GLN   A 1 13  ? 3.005   -15.855 5.696   0.21 29.12  ? 22  GLN   A CB  1 
ATOM   245  C  CB  B GLN   A 1 13  ? 2.798   -15.982 5.498   0.28 31.28  ? 22  GLN   A CB  1 
ATOM   246  C  CB  C GLN   A 1 13  ? 3.005   -15.855 5.696   0.21 29.12  ? 22  GLN   A CB  1 
ATOM   247  C  CB  D GLN   A 1 13  ? 2.798   -15.982 5.498   0.28 31.28  ? 22  GLN   A CB  1 
ATOM   248  C  CG  A GLN   A 1 13  ? 3.409   -15.706 7.156   0.21 31.29  ? 22  GLN   A CG  1 
ATOM   249  C  CG  B GLN   A 1 13  ? 2.283   -15.947 6.924   0.28 34.61  ? 22  GLN   A CG  1 
ATOM   250  C  CG  C GLN   A 1 13  ? 3.409   -15.706 7.156   0.21 31.29  ? 22  GLN   A CG  1 
ATOM   251  C  CG  D GLN   A 1 13  ? 2.283   -15.947 6.924   0.28 34.61  ? 22  GLN   A CG  1 
ATOM   252  C  CD  A GLN   A 1 13  ? 4.879   -15.416 7.350   0.21 33.37  ? 22  GLN   A CD  1 
ATOM   253  C  CD  B GLN   A 1 13  ? 2.551   -17.272 7.589   0.28 39.48  ? 22  GLN   A CD  1 
ATOM   254  C  CD  C GLN   A 1 13  ? 4.879   -15.416 7.350   0.21 33.37  ? 22  GLN   A CD  1 
ATOM   255  C  CD  D GLN   A 1 13  ? 2.551   -17.272 7.589   0.28 39.48  ? 22  GLN   A CD  1 
ATOM   256  O  OE1 A GLN   A 1 13  ? 5.682   -15.459 6.416   0.21 34.23  ? 22  GLN   A OE1 1 
ATOM   257  O  OE1 B GLN   A 1 13  ? 2.143   -18.321 7.101   0.28 44.95  ? 22  GLN   A OE1 1 
ATOM   258  O  OE1 C GLN   A 1 13  ? 5.682   -15.459 6.416   0.21 34.23  ? 22  GLN   A OE1 1 
ATOM   259  O  OE1 D GLN   A 1 13  ? 2.143   -18.321 7.101   0.28 44.95  ? 22  GLN   A OE1 1 
ATOM   260  N  NE2 A GLN   A 1 13  ? 5.243   -15.099 8.579   0.21 35.86  ? 22  GLN   A NE2 1 
ATOM   261  N  NE2 B GLN   A 1 13  ? 3.300   -17.234 8.676   0.28 44.07  ? 22  GLN   A NE2 1 
ATOM   262  N  NE2 C GLN   A 1 13  ? 5.243   -15.099 8.579   0.21 35.86  ? 22  GLN   A NE2 1 
ATOM   263  N  NE2 D GLN   A 1 13  ? 3.300   -17.234 8.676   0.28 44.07  ? 22  GLN   A NE2 1 
ATOM   264  N  N   . VAL   A 1 14  ? 4.518   -14.547 2.954   1.00 27.02  ? 23  VAL   A N   1 
ATOM   265  C  CA  . VAL   A 1 14  ? 4.876   -14.576 1.510   1.00 25.84  ? 23  VAL   A CA  1 
ATOM   266  C  C   . VAL   A 1 14  ? 4.394   -15.879 0.873   1.00 27.57  ? 23  VAL   A C   1 
ATOM   267  O  O   . VAL   A 1 14  ? 3.792   -15.789 -0.215  1.00 25.97  ? 23  VAL   A O   1 
ATOM   268  C  CB  . VAL   A 1 14  ? 6.354   -14.247 1.203   1.00 28.75  ? 23  VAL   A CB  1 
ATOM   269  C  CG1 . VAL   A 1 14  ? 7.299   -15.316 1.714   1.00 30.37  ? 23  VAL   A CG1 1 
ATOM   270  C  CG2 . VAL   A 1 14  ? 6.570   -13.980 -0.265  1.00 31.42  ? 23  VAL   A CG2 1 
ATOM   271  N  N   . ARG   A 1 15  ? 4.498   -17.024 1.549   1.00 23.53  ? 24  ARG   A N   1 
ATOM   272  C  CA  . ARG   A 1 15  ? 4.118   -18.301 0.894   1.00 25.07  ? 24  ARG   A CA  1 
ATOM   273  C  C   . ARG   A 1 15  ? 2.622   -18.491 0.746   1.00 24.96  ? 24  ARG   A C   1 
ATOM   274  O  O   . ARG   A 1 15  ? 2.257   -19.390 -0.009  1.00 27.85  ? 24  ARG   A O   1 
ATOM   275  C  CB  . ARG   A 1 15  ? 4.724   -19.473 1.653   1.00 27.46  ? 24  ARG   A CB  1 
ATOM   276  C  CG  . ARG   A 1 15  ? 6.216   -19.552 1.419   1.00 34.22  ? 24  ARG   A CG  1 
ATOM   277  C  CD  . ARG   A 1 15  ? 6.883   -20.658 2.214   1.00 36.26  ? 24  ARG   A CD  1 
ATOM   278  N  NE  . ARG   A 1 15  ? 8.339   -20.553 2.161   1.00 42.46  ? 24  ARG   A NE  1 
ATOM   279  C  CZ  . ARG   A 1 15  ? 9.107   -20.966 1.161   1.00 47.81  ? 24  ARG   A CZ  1 
ATOM   280  N  NH1 . ARG   A 1 15  ? 8.565   -21.528 0.089   1.00 50.66  ? 24  ARG   A NH1 1 
ATOM   281  N  NH2 . ARG   A 1 15  ? 10.424  -20.821 1.244   1.00 44.98  ? 24  ARG   A NH2 1 
ATOM   282  N  N   . ASP   A 1 16  ? 1.783   -17.673 1.393   1.00 25.48  ? 25  ASP   A N   1 
ATOM   283  C  CA  . ASP   A 1 16  ? 0.318   -17.743 1.263   1.00 24.63  ? 25  ASP   A CA  1 
ATOM   284  C  C   . ASP   A 1 16  ? -0.153  -16.893 0.092   1.00 26.34  ? 25  ASP   A C   1 
ATOM   285  O  O   . ASP   A 1 16  ? -1.267  -17.091 -0.364  1.00 26.86  ? 25  ASP   A O   1 
ATOM   286  C  CB  . ASP   A 1 16  ? -0.355  -17.249 2.532   1.00 24.35  ? 25  ASP   A CB  1 
ATOM   287  C  CG  . ASP   A 1 16  ? -0.361  -18.247 3.669   1.00 30.38  ? 25  ASP   A CG  1 
ATOM   288  O  OD1 . ASP   A 1 16  ? -0.049  -19.430 3.426   1.00 28.96  ? 25  ASP   A OD1 1 
ATOM   289  O  OD2 . ASP   A 1 16  ? -0.602  -17.811 4.793   1.00 32.92  ? 25  ASP   A OD2 1 
ATOM   290  N  N   . VAL   A 1 17  ? 0.655   -15.946 -0.368  1.00 24.47  ? 26  VAL   A N   1 
ATOM   291  C  CA  . VAL   A 1 17  ? 0.149   -14.943 -1.329  1.00 26.11  ? 26  VAL   A CA  1 
ATOM   292  C  C   . VAL   A 1 17  ? -0.180  -15.604 -2.677  1.00 25.31  ? 26  VAL   A C   1 
ATOM   293  O  O   . VAL   A 1 17  ? 0.692   -16.261 -3.270  1.00 27.65  ? 26  VAL   A O   1 
ATOM   294  C  CB  . VAL   A 1 17  ? 1.152   -13.785 -1.481  1.00 24.80  ? 26  VAL   A CB  1 
ATOM   295  C  CG1 . VAL   A 1 17  ? 0.723   -12.864 -2.607  1.00 25.28  ? 26  VAL   A CG1 1 
ATOM   296  C  CG2 . VAL   A 1 17  ? 1.327   -13.028 -0.166  1.00 25.14  ? 26  VAL   A CG2 1 
ATOM   297  N  N   . LEU   A 1 18  ? -1.388  -15.415 -3.166  1.00 25.76  ? 27  LEU   A N   1 
ATOM   298  C  CA  . LEU   A 1 18  ? -1.782  -16.085 -4.424  1.00 26.98  ? 27  LEU   A CA  1 
ATOM   299  C  C   . LEU   A 1 18  ? -1.450  -15.205 -5.625  1.00 26.33  ? 27  LEU   A C   1 
ATOM   300  O  O   . LEU   A 1 18  ? -1.169  -15.748 -6.708  1.00 26.83  ? 27  LEU   A O   1 
ATOM   301  C  CB  . LEU   A 1 18  ? -3.279  -16.368 -4.393  1.00 28.48  ? 27  LEU   A CB  1 
ATOM   302  C  CG  . LEU   A 1 18  ? -3.739  -17.323 -3.309  1.00 31.00  ? 27  LEU   A CG  1 
ATOM   303  C  CD1 . LEU   A 1 18  ? -5.243  -17.500 -3.392  1.00 33.00  ? 27  LEU   A CD1 1 
ATOM   304  C  CD2 . LEU   A 1 18  ? -3.036  -18.661 -3.429  1.00 34.78  ? 27  LEU   A CD2 1 
ATOM   305  N  N   . VAL   A 1 19  ? -1.564  -13.894 -5.493  1.00 26.35  ? 28  VAL   A N   1 
ATOM   306  C  CA  . VAL   A 1 19  ? -1.275  -12.971 -6.625  1.00 25.00  ? 28  VAL   A CA  1 
ATOM   307  C  C   . VAL   A 1 19  ? -0.091  -12.102 -6.213  1.00 23.81  ? 28  VAL   A C   1 
ATOM   308  O  O   . VAL   A 1 19  ? -0.235  -11.263 -5.299  1.00 26.45  ? 28  VAL   A O   1 
ATOM   309  C  CB  . VAL   A 1 19  ? -2.482  -12.116 -7.024  1.00 25.75  ? 28  VAL   A CB  1 
ATOM   310  C  CG1 . VAL   A 1 19  ? -2.186  -11.287 -8.253  1.00 28.13  ? 28  VAL   A CG1 1 
ATOM   311  C  CG2 . VAL   A 1 19  ? -3.738  -12.953 -7.196  1.00 25.77  ? 28  VAL   A CG2 1 
ATOM   312  N  N   . ARG   A 1 20  ? 1.073   -12.357 -6.800  1.00 25.99  ? 29  ARG   A N   1 
ATOM   313  C  CA  . ARG   A 1 20  ? 2.375   -11.977 -6.173  1.00 25.65  ? 29  ARG   A CA  1 
ATOM   314  C  C   . ARG   A 1 20  ? 2.875   -10.630 -6.694  1.00 27.15  ? 29  ARG   A C   1 
ATOM   315  O  O   . ARG   A 1 20  ? 4.018   -10.250 -6.358  1.00 26.92  ? 29  ARG   A O   1 
ATOM   316  C  CB  . ARG   A 1 20  ? 3.363   -13.102 -6.421  1.00 29.48  ? 29  ARG   A CB  1 
ATOM   317  C  CG  . ARG   A 1 20  ? 3.084   -14.234 -5.449  1.00 32.96  ? 29  ARG   A CG  1 
ATOM   318  C  CD  . ARG   A 1 20  ? 3.867   -15.468 -5.683  1.00 41.14  ? 29  ARG   A CD  1 
ATOM   319  N  NE  . ARG   A 1 20  ? 3.403   -16.382 -4.662  1.00 51.38  ? 29  ARG   A NE  1 
ATOM   320  C  CZ  . ARG   A 1 20  ? 4.004   -16.623 -3.512  1.00 43.48  ? 29  ARG   A CZ  1 
ATOM   321  N  NH1 . ARG   A 1 20  ? 5.181   -16.089 -3.236  1.00 51.72  ? 29  ARG   A NH1 1 
ATOM   322  N  NH2 . ARG   A 1 20  ? 3.467   -17.517 -2.712  1.00 41.33  ? 29  ARG   A NH2 1 
ATOM   323  N  N   . GLY   A 1 21  ? 2.004   -9.883  -7.355  1.00 28.26  ? 30  GLY   A N   1 
ATOM   324  C  CA  . GLY   A 1 21  ? 2.318   -8.511  -7.768  1.00 26.88  ? 30  GLY   A CA  1 
ATOM   325  C  C   . GLY   A 1 21  ? 1.119   -7.854  -8.391  1.00 27.60  ? 30  GLY   A C   1 
ATOM   326  O  O   . GLY   A 1 21  ? 0.085   -8.508  -8.558  1.00 25.65  ? 30  GLY   A O   1 
ATOM   327  N  N   . PHE   A 1 22  ? 1.260   -6.581  -8.733  1.00 26.00  ? 31  PHE   A N   1 
ATOM   328  C  CA  . PHE   A 1 22  ? 0.152   -5.742  -9.238  1.00 27.34  ? 31  PHE   A CA  1 
ATOM   329  C  C   . PHE   A 1 22  ? 0.212   -5.556  -10.761 1.00 29.83  ? 31  PHE   A C   1 
ATOM   330  O  O   . PHE   A 1 22  ? -0.748  -5.058  -11.330 1.00 34.29  ? 31  PHE   A O   1 
ATOM   331  C  CB  . PHE   A 1 22  ? 0.188   -4.387  -8.542  1.00 29.10  ? 31  PHE   A CB  1 
ATOM   332  C  CG  . PHE   A 1 22  ? -0.314  -4.388  -7.132  1.00 25.00  ? 31  PHE   A CG  1 
ATOM   333  C  CD1 . PHE   A 1 22  ? -1.652  -4.644  -6.880  1.00 24.14  ? 31  PHE   A CD1 1 
ATOM   334  C  CD2 . PHE   A 1 22  ? 0.515   -4.117  -6.060  1.00 28.41  ? 31  PHE   A CD2 1 
ATOM   335  C  CE1 . PHE   A 1 22  ? -2.145  -4.602  -5.597  1.00 24.11  ? 31  PHE   A CE1 1 
ATOM   336  C  CE2 . PHE   A 1 22  ? 0.002   -4.105  -4.768  1.00 24.79  ? 31  PHE   A CE2 1 
ATOM   337  C  CZ  . PHE   A 1 22  ? -1.321  -4.365  -4.534  1.00 24.81  ? 31  PHE   A CZ  1 
ATOM   338  N  N   . GLY   A 1 23  ? 1.283   -5.967  -11.425 1.00 32.62  ? 32  GLY   A N   1 
ATOM   339  C  CA  . GLY   A 1 23  ? 1.337   -5.831  -12.892 1.00 32.21  ? 32  GLY   A CA  1 
ATOM   340  C  C   . GLY   A 1 23  ? 2.750   -5.666  -13.396 1.00 28.77  ? 32  GLY   A C   1 
ATOM   341  O  O   . GLY   A 1 23  ? 3.700   -6.147  -12.759 1.00 30.13  ? 32  GLY   A O   1 
ATOM   342  N  N   . ASP   A 1 24  ? 2.869   -5.070  -14.573 1.00 30.65  ? 33  ASP   A N   1 
ATOM   343  C  CA  . ASP   A 1 24  ? 4.028   -5.346  -15.455 1.00 32.40  ? 33  ASP   A CA  1 
ATOM   344  C  C   . ASP   A 1 24  ? 4.884   -4.107  -15.656 1.00 37.86  ? 33  ASP   A C   1 
ATOM   345  O  O   . ASP   A 1 24  ? 5.851   -4.241  -16.390 1.00 37.74  ? 33  ASP   A O   1 
ATOM   346  C  CB  . ASP   A 1 24  ? 3.537   -5.856  -16.808 1.00 33.50  ? 33  ASP   A CB  1 
ATOM   347  C  CG  . ASP   A 1 24  ? 2.778   -7.169  -16.646 1.00 40.80  ? 33  ASP   A CG  1 
ATOM   348  O  OD1 . ASP   A 1 24  ? 3.089   -7.901  -15.689 1.00 38.86  ? 33  ASP   A OD1 1 
ATOM   349  O  OD2 . ASP   A 1 24  ? 1.914   -7.443  -17.477 1.00 48.80  ? 33  ASP   A OD2 1 
ATOM   350  N  N   . SER   A 1 25  ? 4.469   -2.949  -15.146 1.00 33.30  ? 34  SER   A N   1 
ATOM   351  C  CA  . SER   A 1 25  ? 5.226   -1.692  -15.343 1.00 34.27  ? 34  SER   A CA  1 
ATOM   352  C  C   . SER   A 1 25  ? 5.193   -0.940  -14.030 1.00 35.37  ? 34  SER   A C   1 
ATOM   353  O  O   . SER   A 1 25  ? 4.324   -1.225  -13.206 1.00 31.77  ? 34  SER   A O   1 
ATOM   354  C  CB  . SER   A 1 25  ? 4.662   -0.881  -16.468 1.00 32.77  ? 34  SER   A CB  1 
ATOM   355  O  OG  . SER   A 1 25  ? 3.407   -0.316  -16.144 1.00 33.47  ? 34  SER   A OG  1 
ATOM   356  N  N   . VAL   A 1 26  ? 6.118   -0.014  -13.846 1.00 33.84  ? 35  VAL   A N   1 
ATOM   357  C  CA  . VAL   A 1 26  ? 6.143   0.827   -12.626 1.00 34.17  ? 35  VAL   A CA  1 
ATOM   358  C  C   . VAL   A 1 26  ? 4.816   1.566   -12.530 1.00 30.59  ? 35  VAL   A C   1 
ATOM   359  O  O   . VAL   A 1 26  ? 4.250   1.677   -11.406 1.00 30.58  ? 35  VAL   A O   1 
ATOM   360  C  CB  . VAL   A 1 26  ? 7.342   1.793   -12.669 1.00 35.31  ? 35  VAL   A CB  1 
ATOM   361  C  CG1 . VAL   A 1 26  ? 7.169   2.932   -11.678 1.00 36.01  ? 35  VAL   A CG1 1 
ATOM   362  C  CG2 . VAL   A 1 26  ? 8.622   1.014   -12.436 1.00 37.14  ? 35  VAL   A CG2 1 
ATOM   363  N  N   . GLU   A 1 27  ? 4.366   2.155   -13.638 1.00 32.55  ? 36  GLU   A N   1 
ATOM   364  C  CA  . GLU   A 1 27  ? 3.159   3.008   -13.603 1.00 36.85  ? 36  GLU   A CA  1 
ATOM   365  C  C   . GLU   A 1 27  ? 1.927   2.131   -13.318 1.00 32.29  ? 36  GLU   A C   1 
ATOM   366  O  O   . GLU   A 1 27  ? 1.044   2.579   -12.582 1.00 33.41  ? 36  GLU   A O   1 
ATOM   367  C  CB  . GLU   A 1 27  ? 3.018   3.766   -14.921 1.00 45.45  ? 36  GLU   A CB  1 
ATOM   368  C  CG  . GLU   A 1 27  ? 4.138   4.774   -15.136 1.00 47.58  ? 36  GLU   A CG  1 
ATOM   369  C  CD  . GLU   A 1 27  ? 4.155   5.299   -16.556 1.00 52.20  ? 36  GLU   A CD  1 
ATOM   370  O  OE1 . GLU   A 1 27  ? 4.316   4.497   -17.461 1.00 59.08  ? 36  GLU   A OE1 1 
ATOM   371  O  OE2 . GLU   A 1 27  ? 3.966   6.502   -16.738 1.00 69.00  ? 36  GLU   A OE2 1 
ATOM   372  N  N   . GLU   A 1 28  ? 1.861   0.928   -13.896 1.00 32.47  ? 37  GLU   A N   1 
ATOM   373  C  CA  . GLU   A 1 28  ? 0.691   0.027   -13.664 1.00 30.74  ? 37  GLU   A CA  1 
ATOM   374  C  C   . GLU   A 1 28  ? 0.655   -0.424  -12.200 1.00 27.39  ? 37  GLU   A C   1 
ATOM   375  O  O   . GLU   A 1 28  ? -0.440  -0.440  -11.659 1.00 26.66  ? 37  GLU   A O   1 
ATOM   376  C  CB  . GLU   A 1 28  ? 0.725   -1.212  -14.538 1.00 31.57  ? 37  GLU   A CB  1 
ATOM   377  C  CG  . GLU   A 1 28  ? -0.489  -2.100  -14.301 1.00 31.32  ? 37  GLU   A CG  1 
ATOM   378  C  CD  . GLU   A 1 28  ? -0.572  -3.296  -15.219 1.00 31.93  ? 37  GLU   A CD  1 
ATOM   379  O  OE1 . GLU   A 1 28  ? 0.490   -3.780  -15.686 1.00 31.31  ? 37  GLU   A OE1 1 
ATOM   380  O  OE2 . GLU   A 1 28  ? -1.705  -3.731  -15.459 1.00 32.54  ? 37  GLU   A OE2 1 
ATOM   381  N  N   . VAL   A 1 29  ? 1.790   -0.780  -11.625 1.00 27.99  ? 38  VAL   A N   1 
ATOM   382  C  CA  . VAL   A 1 29  ? 1.817   -1.372  -10.254 1.00 30.93  ? 38  VAL   A CA  1 
ATOM   383  C  C   . VAL   A 1 29  ? 1.431   -0.303  -9.228  1.00 29.74  ? 38  VAL   A C   1 
ATOM   384  O  O   . VAL   A 1 29  ? 0.720   -0.607  -8.270  1.00 28.41  ? 38  VAL   A O   1 
ATOM   385  C  CB  . VAL   A 1 29  ? 3.118   -2.099  -9.841  1.00 27.81  ? 38  VAL   A CB  1 
ATOM   386  C  CG1 . VAL   A 1 29  ? 3.426   -3.315  -10.714 1.00 29.41  ? 38  VAL   A CG1 1 
ATOM   387  C  CG2 . VAL   A 1 29  ? 4.350   -1.208  -9.725  1.00 29.15  ? 38  VAL   A CG2 1 
ATOM   388  N  N   A LEU   A 1 30  ? 1.918   0.931   -9.399  0.30 29.85  ? 39  LEU   A N   1 
ATOM   389  N  N   B LEU   A 1 30  ? 1.913   0.933   -9.403  0.29 30.16  ? 39  LEU   A N   1 
ATOM   390  N  N   C LEU   A 1 30  ? 1.857   0.941   -9.462  0.21 30.74  ? 39  LEU   A N   1 
ATOM   391  N  N   D LEU   A 1 30  ? 1.849   0.942   -9.466  0.20 31.01  ? 39  LEU   A N   1 
ATOM   392  C  CA  A LEU   A 1 30  ? 1.557   2.061   -8.504  0.30 28.84  ? 39  LEU   A CA  1 
ATOM   393  C  CA  B LEU   A 1 30  ? 1.552   2.063   -8.508  0.29 29.57  ? 39  LEU   A CA  1 
ATOM   394  C  CA  C LEU   A 1 30  ? 1.509   2.100   -8.599  0.21 30.59  ? 39  LEU   A CA  1 
ATOM   395  C  CA  D LEU   A 1 30  ? 1.501   2.098   -8.601  0.20 31.26  ? 39  LEU   A CA  1 
ATOM   396  C  C   A LEU   A 1 30  ? 0.064   2.368   -8.653  0.30 27.53  ? 39  LEU   A C   1 
ATOM   397  C  C   B LEU   A 1 30  ? 0.058   2.373   -8.652  0.29 29.12  ? 39  LEU   A C   1 
ATOM   398  C  C   C LEU   A 1 30  ? 0.014   2.412   -8.720  0.21 29.45  ? 39  LEU   A C   1 
ATOM   399  C  C   D LEU   A 1 30  ? 0.002   2.407   -8.708  0.20 30.86  ? 39  LEU   A C   1 
ATOM   400  O  O   A LEU   A 1 30  ? -0.595  2.619   -7.620  0.30 26.96  ? 39  LEU   A O   1 
ATOM   401  O  O   B LEU   A 1 30  ? -0.593  2.630   -7.617  0.29 27.91  ? 39  LEU   A O   1 
ATOM   402  O  O   C LEU   A 1 30  ? -0.609  2.690   -7.674  0.21 28.87  ? 39  LEU   A O   1 
ATOM   403  O  O   D LEU   A 1 30  ? -0.608  2.673   -7.653  0.20 29.77  ? 39  LEU   A O   1 
ATOM   404  C  CB  A LEU   A 1 30  ? 2.419   3.282   -8.843  0.30 31.94  ? 39  LEU   A CB  1 
ATOM   405  C  CB  B LEU   A 1 30  ? 2.417   3.283   -8.845  0.29 32.30  ? 39  LEU   A CB  1 
ATOM   406  C  CB  C LEU   A 1 30  ? 2.383   3.296   -8.986  0.21 33.49  ? 39  LEU   A CB  1 
ATOM   407  C  CB  D LEU   A 1 30  ? 2.376   3.296   -8.986  0.20 33.77  ? 39  LEU   A CB  1 
ATOM   408  C  CG  A LEU   A 1 30  ? 3.874   3.195   -8.381  0.30 31.62  ? 39  LEU   A CG  1 
ATOM   409  C  CG  B LEU   A 1 30  ? 3.873   3.195   -8.383  0.29 31.82  ? 39  LEU   A CG  1 
ATOM   410  C  CG  C LEU   A 1 30  ? 3.733   3.335   -8.269  0.21 34.18  ? 39  LEU   A CG  1 
ATOM   411  C  CG  D LEU   A 1 30  ? 3.726   3.334   -8.271  0.20 34.34  ? 39  LEU   A CG  1 
ATOM   412  C  CD1 A LEU   A 1 30  ? 4.702   4.317   -9.000  0.30 33.11  ? 39  LEU   A CD1 1 
ATOM   413  C  CD1 B LEU   A 1 30  ? 4.702   4.316   -9.001  0.29 33.22  ? 39  LEU   A CD1 1 
ATOM   414  C  CD1 C LEU   A 1 30  ? 4.711   4.261   -8.980  0.21 35.26  ? 39  LEU   A CD1 1 
ATOM   415  C  CD1 D LEU   A 1 30  ? 4.706   4.259   -8.982  0.20 35.32  ? 39  LEU   A CD1 1 
ATOM   416  C  CD2 A LEU   A 1 30  ? 3.982   3.233   -6.860  0.30 32.75  ? 39  LEU   A CD2 1 
ATOM   417  C  CD2 B LEU   A 1 30  ? 3.979   3.232   -6.861  0.29 32.88  ? 39  LEU   A CD2 1 
ATOM   418  C  CD2 C LEU   A 1 30  ? 3.555   3.753   -6.815  0.21 36.05  ? 39  LEU   A CD2 1 
ATOM   419  C  CD2 D LEU   A 1 30  ? 3.552   3.752   -6.816  0.20 36.08  ? 39  LEU   A CD2 1 
ATOM   420  N  N   A SER   A 1 31  ? -0.450  2.327   -9.883  0.30 25.62  ? 40  SER   A N   1 
ATOM   421  N  N   B SER   A 1 31  ? -0.472  2.318   -9.877  0.29 29.90  ? 40  SER   A N   1 
ATOM   422  N  N   C SER   A 1 31  ? -0.545  2.336   -9.933  0.21 27.85  ? 40  SER   A N   1 
ATOM   423  N  N   D SER   A 1 31  ? -0.582  2.354   -9.910  0.20 31.62  ? 40  SER   A N   1 
ATOM   424  C  CA  A SER   A 1 31  ? -1.887  2.534   -10.197 0.30 24.36  ? 40  SER   A CA  1 
ATOM   425  C  CA  B SER   A 1 31  ? -1.908  2.554   -10.191 0.29 30.53  ? 40  SER   A CA  1 
ATOM   426  C  CA  C SER   A 1 31  ? -1.992  2.554   -10.196 0.21 27.01  ? 40  SER   A CA  1 
ATOM   427  C  CA  D SER   A 1 31  ? -2.036  2.590   -10.135 0.20 32.32  ? 40  SER   A CA  1 
ATOM   428  C  C   A SER   A 1 31  ? -2.731  1.486   -9.471  0.30 24.81  ? 40  SER   A C   1 
ATOM   429  C  C   B SER   A 1 31  ? -2.782  1.484   -9.530  0.29 28.92  ? 40  SER   A C   1 
ATOM   430  C  C   C SER   A 1 31  ? -2.815  1.476   -9.487  0.21 27.28  ? 40  SER   A C   1 
ATOM   431  C  C   D SER   A 1 31  ? -2.853  1.476   -9.473  0.20 31.05  ? 40  SER   A C   1 
ATOM   432  O  O   A SER   A 1 31  ? -3.649  1.866   -8.731  0.30 27.55  ? 40  SER   A O   1 
ATOM   433  O  O   B SER   A 1 31  ? -3.785  1.847   -8.892  0.29 31.31  ? 40  SER   A O   1 
ATOM   434  O  O   C SER   A 1 31  ? -3.701  1.827   -8.693  0.21 29.18  ? 40  SER   A O   1 
ATOM   435  O  O   D SER   A 1 31  ? -3.759  1.797   -8.685  0.20 32.95  ? 40  SER   A O   1 
ATOM   436  C  CB  A SER   A 1 31  ? -2.159  2.475   -11.675 0.30 22.95  ? 40  SER   A CB  1 
ATOM   437  C  CB  B SER   A 1 31  ? -2.145  2.590   -11.677 0.29 31.97  ? 40  SER   A CB  1 
ATOM   438  C  CB  C SER   A 1 31  ? -2.307  2.561   -11.665 0.21 25.62  ? 40  SER   A CB  1 
ATOM   439  C  CB  D SER   A 1 31  ? -2.380  2.707   -11.598 0.20 33.20  ? 40  SER   A CB  1 
ATOM   440  O  OG  A SER   A 1 31  ? -3.529  2.719   -11.910 0.30 21.16  ? 40  SER   A OG  1 
ATOM   441  O  OG  B SER   A 1 31  ? -1.562  3.757   -12.233 0.29 37.54  ? 40  SER   A OG  1 
ATOM   442  O  OG  C SER   A 1 31  ? -3.683  2.834   -11.853 0.21 24.16  ? 40  SER   A OG  1 
ATOM   443  O  OG  D SER   A 1 31  ? -1.406  2.064   -12.410 0.20 36.95  ? 40  SER   A OG  1 
ATOM   444  N  N   A GLU   A 1 32  ? -2.414  0.212   -9.699  0.30 27.26  ? 41  GLU   A N   1 
ATOM   445  N  N   B GLU   A 1 32  ? -2.414  0.214   -9.701  0.29 28.87  ? 41  GLU   A N   1 
ATOM   446  N  N   C GLU   A 1 32  ? -2.522  0.210   -9.792  0.21 29.26  ? 41  GLU   A N   1 
ATOM   447  N  N   D GLU   A 1 32  ? -2.539  0.219   -9.797  0.20 30.75  ? 41  GLU   A N   1 
ATOM   448  C  CA  A GLU   A 1 32  ? -3.190  -0.938  -9.172  0.30 26.73  ? 41  GLU   A CA  1 
ATOM   449  C  CA  B GLU   A 1 32  ? -3.189  -0.938  -9.174  0.29 27.50  ? 41  GLU   A CA  1 
ATOM   450  C  CA  C GLU   A 1 32  ? -3.262  -0.972  -9.278  0.21 28.94  ? 41  GLU   A CA  1 
ATOM   451  C  CA  D GLU   A 1 32  ? -3.266  -0.971  -9.281  0.20 29.67  ? 41  GLU   A CA  1 
ATOM   452  C  C   A GLU   A 1 32  ? -3.079  -0.955  -7.644  0.30 26.63  ? 41  GLU   A C   1 
ATOM   453  C  C   B GLU   A 1 32  ? -3.079  -0.955  -7.646  0.29 26.95  ? 41  GLU   A C   1 
ATOM   454  C  C   C GLU   A 1 32  ? -3.194  -0.993  -7.747  0.21 29.38  ? 41  GLU   A C   1 
ATOM   455  C  C   D GLU   A 1 32  ? -3.195  -0.991  -7.751  0.20 29.70  ? 41  GLU   A C   1 
ATOM   456  O  O   A GLU   A 1 32  ? -4.107  -1.219  -6.990  0.30 26.71  ? 41  GLU   A O   1 
ATOM   457  O  O   B GLU   A 1 32  ? -4.106  -1.222  -6.992  0.29 26.86  ? 41  GLU   A O   1 
ATOM   458  O  O   C GLU   A 1 32  ? -4.241  -1.266  -7.120  0.21 29.59  ? 41  GLU   A O   1 
ATOM   459  O  O   D GLU   A 1 32  ? -4.241  -1.263  -7.122  0.20 29.73  ? 41  GLU   A O   1 
ATOM   460  C  CB  A GLU   A 1 32  ? -2.709  -2.245  -9.811  0.30 28.61  ? 41  GLU   A CB  1 
ATOM   461  C  CB  B GLU   A 1 32  ? -2.707  -2.245  -9.813  0.29 28.99  ? 41  GLU   A CB  1 
ATOM   462  C  CB  C GLU   A 1 32  ? -2.712  -2.255  -9.905  0.21 29.48  ? 41  GLU   A CB  1 
ATOM   463  C  CB  D GLU   A 1 32  ? -2.712  -2.253  -9.908  0.20 29.82  ? 41  GLU   A CB  1 
ATOM   464  C  CG  A GLU   A 1 32  ? -3.185  -2.431  -11.238 0.30 29.51  ? 41  GLU   A CG  1 
ATOM   465  C  CG  B GLU   A 1 32  ? -3.185  -2.432  -11.240 0.29 29.76  ? 41  GLU   A CG  1 
ATOM   466  C  CG  C GLU   A 1 32  ? -3.247  -2.500  -11.300 0.21 29.57  ? 41  GLU   A CG  1 
ATOM   467  C  CG  D GLU   A 1 32  ? -3.250  -2.501  -11.302 0.20 29.78  ? 41  GLU   A CG  1 
ATOM   468  C  CD  A GLU   A 1 32  ? -4.681  -2.629  -11.393 0.30 32.77  ? 41  GLU   A CD  1 
ATOM   469  C  CD  B GLU   A 1 32  ? -4.680  -2.630  -11.394 0.29 32.85  ? 41  GLU   A CD  1 
ATOM   470  C  CD  C GLU   A 1 32  ? -4.753  -2.682  -11.330 0.21 31.12  ? 41  GLU   A CD  1 
ATOM   471  C  CD  D GLU   A 1 32  ? -4.755  -2.684  -11.331 0.20 31.14  ? 41  GLU   A CD  1 
ATOM   472  O  OE1 A GLU   A 1 32  ? -5.362  -2.784  -10.366 0.30 33.57  ? 41  GLU   A OE1 1 
ATOM   473  O  OE1 B GLU   A 1 32  ? -5.362  -2.786  -10.368 0.29 33.56  ? 41  GLU   A OE1 1 
ATOM   474  O  OE1 C GLU   A 1 32  ? -5.212  -3.746  -10.879 0.21 29.90  ? 41  GLU   A OE1 1 
ATOM   475  O  OE1 D GLU   A 1 32  ? -5.215  -3.747  -10.878 0.20 29.86  ? 41  GLU   A OE1 1 
ATOM   476  O  OE2 A GLU   A 1 32  ? -5.159  -2.639  -12.543 0.30 33.74  ? 41  GLU   A OE2 1 
ATOM   477  O  OE2 B GLU   A 1 32  ? -5.160  -2.636  -12.544 0.29 33.75  ? 41  GLU   A OE2 1 
ATOM   478  O  OE2 C GLU   A 1 32  ? -5.459  -1.754  -11.768 0.21 30.77  ? 41  GLU   A OE2 1 
ATOM   479  O  OE2 D GLU   A 1 32  ? -5.461  -1.757  -11.772 0.20 30.72  ? 41  GLU   A OE2 1 
ATOM   480  N  N   A ALA   A 1 33  ? -1.892  -0.684  -7.095  0.30 25.16  ? 42  ALA   A N   1 
ATOM   481  N  N   B ALA   A 1 33  ? -1.893  -0.683  -7.095  0.29 25.32  ? 42  ALA   A N   1 
ATOM   482  N  N   C ALA   A 1 33  ? -2.021  -0.720  -7.167  0.21 28.70  ? 42  ALA   A N   1 
ATOM   483  N  N   D ALA   A 1 33  ? -2.022  -0.717  -7.170  0.20 28.90  ? 42  ALA   A N   1 
ATOM   484  C  CA  A ALA   A 1 33  ? -1.675  -0.672  -5.629  0.30 25.67  ? 42  ALA   A CA  1 
ATOM   485  C  CA  B ALA   A 1 33  ? -1.675  -0.673  -5.629  0.29 25.76  ? 42  ALA   A CA  1 
ATOM   486  C  CA  C ALA   A 1 33  ? -1.846  -0.633  -5.699  0.21 29.55  ? 42  ALA   A CA  1 
ATOM   487  C  CA  D ALA   A 1 33  ? -1.846  -0.633  -5.701  0.20 29.68  ? 42  ALA   A CA  1 
ATOM   488  C  C   A ALA   A 1 33  ? -2.617  0.361   -4.998  0.30 26.92  ? 42  ALA   A C   1 
ATOM   489  C  C   B ALA   A 1 33  ? -2.617  0.360   -4.998  0.29 26.97  ? 42  ALA   A C   1 
ATOM   490  C  C   C ALA   A 1 33  ? -2.854  0.385   -5.147  0.21 30.74  ? 42  ALA   A C   1 
ATOM   491  C  C   D ALA   A 1 33  ? -2.853  0.384   -5.147  0.20 30.82  ? 42  ALA   A C   1 
ATOM   492  O  O   A ALA   A 1 33  ? -3.316  0.015   -4.035  0.30 28.95  ? 42  ALA   A O   1 
ATOM   493  O  O   B ALA   A 1 33  ? -3.316  0.014   -4.035  0.29 28.94  ? 42  ALA   A O   1 
ATOM   494  O  O   C ALA   A 1 33  ? -3.623  0.026   -4.239  0.21 29.90  ? 42  ALA   A O   1 
ATOM   495  O  O   D ALA   A 1 33  ? -3.618  0.026   -4.236  0.20 29.94  ? 42  ALA   A O   1 
ATOM   496  C  CB  A ALA   A 1 33  ? -0.225  -0.425  -5.284  0.30 25.37  ? 42  ALA   A CB  1 
ATOM   497  C  CB  B ALA   A 1 33  ? -0.226  -0.425  -5.285  0.29 25.43  ? 42  ALA   A CB  1 
ATOM   498  C  CB  C ALA   A 1 33  ? -0.419  -0.290  -5.343  0.21 29.72  ? 42  ALA   A CB  1 
ATOM   499  C  CB  D ALA   A 1 33  ? -0.419  -0.290  -5.346  0.20 29.80  ? 42  ALA   A CB  1 
ATOM   500  N  N   A ARG   A 1 34  ? -2.682  1.568   -5.566  0.30 29.23  ? 43  ARG   A N   1 
ATOM   501  N  N   B ARG   A 1 34  ? -2.683  1.567   -5.566  0.29 29.24  ? 43  ARG   A N   1 
ATOM   502  N  N   C ARG   A 1 34  ? -2.902  1.585   -5.730  0.21 33.88  ? 43  ARG   A N   1 
ATOM   503  N  N   D ARG   A 1 34  ? -2.902  1.586   -5.731  0.20 33.89  ? 43  ARG   A N   1 
ATOM   504  C  CA  A ARG   A 1 34  ? -3.562  2.663   -5.074  0.30 29.23  ? 43  ARG   A CA  1 
ATOM   505  C  CA  B ARG   A 1 34  ? -3.562  2.663   -5.074  0.29 29.26  ? 43  ARG   A CA  1 
ATOM   506  C  CA  C ARG   A 1 34  ? -3.872  2.652   -5.356  0.21 35.14  ? 43  ARG   A CA  1 
ATOM   507  C  CA  D ARG   A 1 34  ? -3.872  2.652   -5.356  0.20 35.19  ? 43  ARG   A CA  1 
ATOM   508  C  C   A ARG   A 1 34  ? -5.030  2.241   -5.160  0.30 28.32  ? 43  ARG   A C   1 
ATOM   509  C  C   B ARG   A 1 34  ? -5.030  2.241   -5.160  0.29 28.36  ? 43  ARG   A C   1 
ATOM   510  C  C   C ARG   A 1 34  ? -5.306  2.123   -5.513  0.21 35.19  ? 43  ARG   A C   1 
ATOM   511  C  C   D ARG   A 1 34  ? -5.305  2.124   -5.513  0.20 35.23  ? 43  ARG   A C   1 
ATOM   512  O  O   A ARG   A 1 34  ? -5.772  2.474   -4.184  0.30 28.32  ? 43  ARG   A O   1 
ATOM   513  O  O   B ARG   A 1 34  ? -5.771  2.473   -4.184  0.29 28.34  ? 43  ARG   A O   1 
ATOM   514  O  O   C ARG   A 1 34  ? -6.110  2.327   -4.582  0.21 33.29  ? 43  ARG   A O   1 
ATOM   515  O  O   D ARG   A 1 34  ? -6.111  2.329   -4.582  0.20 33.37  ? 43  ARG   A O   1 
ATOM   516  C  CB  A ARG   A 1 34  ? -3.322  3.944   -5.874  0.30 31.42  ? 43  ARG   A CB  1 
ATOM   517  C  CB  B ARG   A 1 34  ? -3.322  3.944   -5.875  0.29 31.45  ? 43  ARG   A CB  1 
ATOM   518  C  CB  C ARG   A 1 34  ? -3.639  3.913   -6.194  0.21 38.12  ? 43  ARG   A CB  1 
ATOM   519  C  CB  D ARG   A 1 34  ? -3.638  3.913   -6.195  0.20 38.11  ? 43  ARG   A CB  1 
ATOM   520  C  CG  A ARG   A 1 34  ? -1.963  4.565   -5.615  0.30 33.82  ? 43  ARG   A CG  1 
ATOM   521  C  CG  B ARG   A 1 34  ? -1.964  4.565   -5.615  0.29 33.84  ? 43  ARG   A CG  1 
ATOM   522  C  CG  C ARG   A 1 34  ? -2.349  4.642   -5.854  0.21 39.89  ? 43  ARG   A CG  1 
ATOM   523  C  CG  D ARG   A 1 34  ? -2.350  4.644   -5.853  0.20 39.89  ? 43  ARG   A CG  1 
ATOM   524  C  CD  A ARG   A 1 34  ? -1.876  5.972   -6.170  0.30 39.15  ? 43  ARG   A CD  1 
ATOM   525  C  CD  B ARG   A 1 34  ? -1.876  5.973   -6.169  0.29 39.08  ? 43  ARG   A CD  1 
ATOM   526  C  CD  C ARG   A 1 34  ? -2.315  6.076   -6.354  0.21 43.00  ? 43  ARG   A CD  1 
ATOM   527  C  CD  D ARG   A 1 34  ? -2.315  6.076   -6.354  0.20 42.93  ? 43  ARG   A CD  1 
ATOM   528  N  NE  A ARG   A 1 34  ? -0.746  6.630   -5.537  0.30 39.90  ? 43  ARG   A NE  1 
ATOM   529  N  NE  B ARG   A 1 34  ? -0.746  6.631   -5.537  0.29 39.86  ? 43  ARG   A NE  1 
ATOM   530  N  NE  C ARG   A 1 34  ? -1.225  6.787   -5.698  0.21 45.17  ? 43  ARG   A NE  1 
ATOM   531  N  NE  D ARG   A 1 34  ? -1.224  6.788   -5.699  0.20 45.07  ? 43  ARG   A NE  1 
ATOM   532  C  CZ  A ARG   A 1 34  ? 0.485   6.715   -6.038  0.30 41.18  ? 43  ARG   A CZ  1 
ATOM   533  C  CZ  B ARG   A 1 34  ? 0.485   6.715   -6.038  0.29 41.14  ? 43  ARG   A CZ  1 
ATOM   534  C  CZ  C ARG   A 1 34  ? 0.040   6.822   -6.121  0.21 46.05  ? 43  ARG   A CZ  1 
ATOM   535  C  CZ  D ARG   A 1 34  ? 0.040   6.823   -6.121  0.20 45.97  ? 43  ARG   A CZ  1 
ATOM   536  N  NH1 A ARG   A 1 34  ? 0.778   6.204   -7.223  0.30 40.41  ? 43  ARG   A NH1 1 
ATOM   537  N  NH1 B ARG   A 1 34  ? 0.778   6.204   -7.223  0.29 40.39  ? 43  ARG   A NH1 1 
ATOM   538  N  NH1 C ARG   A 1 34  ? 0.404   6.203   -7.233  0.21 46.13  ? 43  ARG   A NH1 1 
ATOM   539  N  NH1 D ARG   A 1 34  ? 0.406   6.204   -7.232  0.20 46.07  ? 43  ARG   A NH1 1 
ATOM   540  N  NH2 A ARG   A 1 34  ? 1.426   7.329   -5.344  0.30 41.28  ? 43  ARG   A NH2 1 
ATOM   541  N  NH2 B ARG   A 1 34  ? 1.427   7.329   -5.344  0.29 41.25  ? 43  ARG   A NH2 1 
ATOM   542  N  NH2 C ARG   A 1 34  ? 0.942   7.493   -5.422  0.21 47.26  ? 43  ARG   A NH2 1 
ATOM   543  N  NH2 D ARG   A 1 34  ? 0.943   7.493   -5.423  0.20 47.15  ? 43  ARG   A NH2 1 
ATOM   544  N  N   A GLN   A 1 35  ? -5.442  1.650   -6.283  0.30 28.52  ? 44  GLN   A N   1 
ATOM   545  N  N   B GLN   A 1 35  ? -5.442  1.650   -6.282  0.29 28.57  ? 44  GLN   A N   1 
ATOM   546  N  N   C GLN   A 1 35  ? -5.615  1.468   -6.638  0.21 35.70  ? 44  GLN   A N   1 
ATOM   547  N  N   D GLN   A 1 35  ? -5.615  1.468   -6.637  0.20 35.78  ? 44  GLN   A N   1 
ATOM   548  C  CA  A GLN   A 1 35  ? -6.835  1.180   -6.479  0.30 30.84  ? 44  GLN   A CA  1 
ATOM   549  C  CA  B GLN   A 1 35  ? -6.835  1.180   -6.479  0.29 30.86  ? 44  GLN   A CA  1 
ATOM   550  C  CA  C GLN   A 1 35  ? -6.945  0.849   -6.891  0.21 38.55  ? 44  GLN   A CA  1 
ATOM   551  C  CA  D GLN   A 1 35  ? -6.946  0.848   -6.891  0.20 38.53  ? 44  GLN   A CA  1 
ATOM   552  C  C   A GLN   A 1 35  ? -7.187  0.141   -5.400  0.30 29.39  ? 44  GLN   A C   1 
ATOM   553  C  C   B GLN   A 1 35  ? -7.188  0.141   -5.401  0.29 29.42  ? 44  GLN   A C   1 
ATOM   554  C  C   C GLN   A 1 35  ? -7.282  -0.134  -5.758  0.21 36.65  ? 44  GLN   A C   1 
ATOM   555  C  C   D GLN   A 1 35  ? -7.283  -0.134  -5.758  0.20 36.69  ? 44  GLN   A C   1 
ATOM   556  O  O   A GLN   A 1 35  ? -8.254  0.267   -4.774  0.30 31.85  ? 44  GLN   A O   1 
ATOM   557  O  O   B GLN   A 1 35  ? -8.255  0.267   -4.775  0.29 31.84  ? 44  GLN   A O   1 
ATOM   558  O  O   C GLN   A 1 35  ? -8.434  -0.110  -5.281  0.21 38.12  ? 44  GLN   A O   1 
ATOM   559  O  O   D GLN   A 1 35  ? -8.435  -0.109  -5.282  0.20 38.07  ? 44  GLN   A O   1 
ATOM   560  C  CB  A GLN   A 1 35  ? -7.013  0.607   -7.885  0.30 33.95  ? 44  GLN   A CB  1 
ATOM   561  C  CB  B GLN   A 1 35  ? -7.012  0.605   -7.884  0.29 33.96  ? 44  GLN   A CB  1 
ATOM   562  C  CB  C GLN   A 1 35  ? -6.978  0.118   -8.238  0.21 41.51  ? 44  GLN   A CB  1 
ATOM   563  C  CB  D GLN   A 1 35  ? -6.977  0.118   -8.238  0.20 41.45  ? 44  GLN   A CB  1 
ATOM   564  C  CG  A GLN   A 1 35  ? -8.469  0.393   -8.261  0.30 36.83  ? 44  GLN   A CG  1 
ATOM   565  C  CG  B GLN   A 1 35  ? -8.469  0.393   -8.262  0.29 36.82  ? 44  GLN   A CG  1 
ATOM   566  C  CG  C GLN   A 1 35  ? -7.212  1.012   -9.455  0.21 43.46  ? 44  GLN   A CG  1 
ATOM   567  C  CG  D GLN   A 1 35  ? -7.211  1.011   -9.455  0.20 43.39  ? 44  GLN   A CG  1 
ATOM   568  C  CD  A GLN   A 1 35  ? -9.223  1.700   -8.350  0.30 42.18  ? 44  GLN   A CD  1 
ATOM   569  C  CD  B GLN   A 1 35  ? -9.224  1.700   -8.350  0.29 42.09  ? 44  GLN   A CD  1 
ATOM   570  C  CD  C GLN   A 1 35  ? -8.602  1.592   -9.577  0.21 46.41  ? 44  GLN   A CD  1 
ATOM   571  C  CD  D GLN   A 1 35  ? -8.602  1.592   -9.577  0.20 46.28  ? 44  GLN   A CD  1 
ATOM   572  O  OE1 A GLN   A 1 35  ? -8.718  2.694   -8.879  0.30 44.81  ? 44  GLN   A OE1 1 
ATOM   573  O  OE1 B GLN   A 1 35  ? -8.719  2.693   -8.879  0.29 44.72  ? 44  GLN   A OE1 1 
ATOM   574  O  OE1 C GLN   A 1 35  ? -8.814  2.574   -10.289 0.21 47.97  ? 44  GLN   A OE1 1 
ATOM   575  O  OE1 D GLN   A 1 35  ? -8.815  2.571   -10.290 0.20 47.83  ? 44  GLN   A OE1 1 
ATOM   576  N  NE2 A GLN   A 1 35  ? -10.443 1.714   -7.829  0.30 41.66  ? 44  GLN   A NE2 1 
ATOM   577  N  NE2 B GLN   A 1 35  ? -10.443 1.714   -7.829  0.29 41.61  ? 44  GLN   A NE2 1 
ATOM   578  N  NE2 C GLN   A 1 35  ? -9.573  0.994   -8.901  0.21 48.40  ? 44  GLN   A NE2 1 
ATOM   579  N  NE2 D GLN   A 1 35  ? -9.573  0.995   -8.899  0.20 48.22  ? 44  GLN   A NE2 1 
ATOM   580  N  N   A HIS   A 1 36  ? -6.320  -0.844  -5.175  0.30 29.31  ? 45  HIS   A N   1 
ATOM   581  N  N   B HIS   A 1 36  ? -6.321  -0.845  -5.175  0.29 29.33  ? 45  HIS   A N   1 
ATOM   582  N  N   C HIS   A 1 36  ? -6.322  -0.969  -5.347  0.21 35.54  ? 45  HIS   A N   1 
ATOM   583  N  N   D HIS   A 1 36  ? -6.322  -0.969  -5.347  0.20 35.57  ? 45  HIS   A N   1 
ATOM   584  C  CA  A HIS   A 1 36  ? -6.551  -1.935  -4.184  0.30 28.31  ? 45  HIS   A CA  1 
ATOM   585  C  CA  B HIS   A 1 36  ? -6.551  -1.935  -4.184  0.29 28.35  ? 45  HIS   A CA  1 
ATOM   586  C  CA  C HIS   A 1 36  ? -6.523  -2.065  -4.356  0.21 34.33  ? 45  HIS   A CA  1 
ATOM   587  C  CA  D HIS   A 1 36  ? -6.523  -2.066  -4.356  0.20 34.38  ? 45  HIS   A CA  1 
ATOM   588  C  C   A HIS   A 1 36  ? -6.590  -1.350  -2.763  0.30 29.59  ? 45  HIS   A C   1 
ATOM   589  C  C   B HIS   A 1 36  ? -6.590  -1.351  -2.763  0.29 29.60  ? 45  HIS   A C   1 
ATOM   590  C  C   C HIS   A 1 36  ? -6.690  -1.484  -2.947  0.21 34.95  ? 45  HIS   A C   1 
ATOM   591  C  C   D HIS   A 1 36  ? -6.691  -1.484  -2.947  0.20 34.95  ? 45  HIS   A C   1 
ATOM   592  O  O   A HIS   A 1 36  ? -7.417  -1.807  -1.948  0.30 29.07  ? 45  HIS   A O   1 
ATOM   593  O  O   B HIS   A 1 36  ? -7.418  -1.808  -1.950  0.29 29.07  ? 45  HIS   A O   1 
ATOM   594  O  O   C HIS   A 1 36  ? -7.571  -1.970  -2.211  0.21 36.71  ? 45  HIS   A O   1 
ATOM   595  O  O   D HIS   A 1 36  ? -7.572  -1.971  -2.213  0.20 36.63  ? 45  HIS   A O   1 
ATOM   596  C  CB  A HIS   A 1 36  ? -5.508  -3.053  -4.350  0.30 27.83  ? 45  HIS   A CB  1 
ATOM   597  C  CB  B HIS   A 1 36  ? -5.508  -3.053  -4.350  0.29 27.88  ? 45  HIS   A CB  1 
ATOM   598  C  CB  C HIS   A 1 36  ? -5.385  -3.097  -4.420  0.21 33.41  ? 45  HIS   A CB  1 
ATOM   599  C  CB  D HIS   A 1 36  ? -5.386  -3.097  -4.421  0.20 33.50  ? 45  HIS   A CB  1 
ATOM   600  C  CG  A HIS   A 1 36  ? -5.815  -3.988  -5.471  0.30 30.35  ? 45  HIS   A CG  1 
ATOM   601  C  CG  B HIS   A 1 36  ? -5.815  -3.989  -5.472  0.29 30.35  ? 45  HIS   A CG  1 
ATOM   602  C  CG  C HIS   A 1 36  ? -5.569  -4.131  -5.480  0.21 34.73  ? 45  HIS   A CG  1 
ATOM   603  C  CG  D HIS   A 1 36  ? -5.570  -4.131  -5.481  0.20 34.74  ? 45  HIS   A CG  1 
ATOM   604  N  ND1 A HIS   A 1 36  ? -5.592  -3.656  -6.794  0.30 31.78  ? 45  HIS   A ND1 1 
ATOM   605  N  ND1 B HIS   A 1 36  ? -5.593  -3.656  -6.794  0.29 31.77  ? 45  HIS   A ND1 1 
ATOM   606  N  ND1 C HIS   A 1 36  ? -5.052  -3.983  -6.751  0.21 35.29  ? 45  HIS   A ND1 1 
ATOM   607  N  ND1 D HIS   A 1 36  ? -5.055  -3.983  -6.752  0.20 35.26  ? 45  HIS   A ND1 1 
ATOM   608  C  CD2 A HIS   A 1 36  ? -6.327  -5.237  -5.480  0.30 30.73  ? 45  HIS   A CD2 1 
ATOM   609  C  CD2 B HIS   A 1 36  ? -6.328  -5.237  -5.481  0.29 30.74  ? 45  HIS   A CD2 1 
ATOM   610  C  CD2 C HIS   A 1 36  ? -6.197  -5.325  -5.464  0.21 34.63  ? 45  HIS   A CD2 1 
ATOM   611  C  CD2 D HIS   A 1 36  ? -6.198  -5.326  -5.465  0.20 34.65  ? 45  HIS   A CD2 1 
ATOM   612  C  CE1 A HIS   A 1 36  ? -5.957  -4.661  -7.568  0.30 32.73  ? 45  HIS   A CE1 1 
ATOM   613  C  CE1 B HIS   A 1 36  ? -5.957  -4.662  -7.569  0.29 32.71  ? 45  HIS   A CE1 1 
ATOM   614  C  CE1 C HIS   A 1 36  ? -5.362  -5.042  -7.473  0.21 35.17  ? 45  HIS   A CE1 1 
ATOM   615  C  CE1 D HIS   A 1 36  ? -5.364  -5.041  -7.475  0.20 35.16  ? 45  HIS   A CE1 1 
ATOM   616  N  NE2 A HIS   A 1 36  ? -6.407  -5.643  -6.790  0.30 34.25  ? 45  HIS   A NE2 1 
ATOM   617  N  NE2 B HIS   A 1 36  ? -6.407  -5.643  -6.790  0.29 34.19  ? 45  HIS   A NE2 1 
ATOM   618  N  NE2 C HIS   A 1 36  ? -6.059  -5.879  -6.710  0.21 36.16  ? 45  HIS   A NE2 1 
ATOM   619  N  NE2 D HIS   A 1 36  ? -6.061  -5.880  -6.711  0.20 36.09  ? 45  HIS   A NE2 1 
ATOM   620  N  N   A LEU   A 1 37  ? -5.760  -0.350  -2.467  0.30 28.74  ? 46  LEU   A N   1 
ATOM   621  N  N   B LEU   A 1 37  ? -5.761  -0.351  -2.467  0.29 28.79  ? 46  LEU   A N   1 
ATOM   622  N  N   C LEU   A 1 37  ? -5.882  -0.486  -2.579  0.21 33.07  ? 46  LEU   A N   1 
ATOM   623  N  N   D LEU   A 1 37  ? -5.883  -0.486  -2.578  0.20 33.16  ? 46  LEU   A N   1 
ATOM   624  C  CA  A LEU   A 1 37  ? -5.789  0.337   -1.149  0.30 31.91  ? 46  LEU   A CA  1 
ATOM   625  C  CA  B LEU   A 1 37  ? -5.789  0.336   -1.149  0.29 31.91  ? 46  LEU   A CA  1 
ATOM   626  C  CA  C LEU   A 1 37  ? -5.999  0.208   -1.267  0.21 34.05  ? 46  LEU   A CA  1 
ATOM   627  C  CA  D LEU   A 1 37  ? -5.998  0.208   -1.267  0.20 34.07  ? 46  LEU   A CA  1 
ATOM   628  C  C   A LEU   A 1 37  ? -7.142  1.035   -0.956  0.30 33.54  ? 46  LEU   A C   1 
ATOM   629  C  C   B LEU   A 1 37  ? -7.142  1.035   -0.955  0.29 33.55  ? 46  LEU   A C   1 
ATOM   630  C  C   C LEU   A 1 37  ? -7.391  0.842   -1.156  0.21 34.09  ? 46  LEU   A C   1 
ATOM   631  C  C   D LEU   A 1 37  ? -7.391  0.843   -1.156  0.20 34.14  ? 46  LEU   A C   1 
ATOM   632  O  O   A LEU   A 1 37  ? -7.700  0.919   0.146   0.30 33.80  ? 46  LEU   A O   1 
ATOM   633  O  O   B LEU   A 1 37  ? -7.699  0.920   0.146   0.29 33.79  ? 46  LEU   A O   1 
ATOM   634  O  O   C LEU   A 1 37  ? -8.044  0.648   -0.118  0.21 32.73  ? 46  LEU   A O   1 
ATOM   635  O  O   D LEU   A 1 37  ? -8.042  0.654   -0.116  0.20 32.76  ? 46  LEU   A O   1 
ATOM   636  C  CB  A LEU   A 1 37  ? -4.621  1.317   -1.049  0.30 30.92  ? 46  LEU   A CB  1 
ATOM   637  C  CB  B LEU   A 1 37  ? -4.621  1.317   -1.049  0.29 30.94  ? 46  LEU   A CB  1 
ATOM   638  C  CB  C LEU   A 1 37  ? -4.885  1.249   -1.140  0.21 33.18  ? 46  LEU   A CB  1 
ATOM   639  C  CB  D LEU   A 1 37  ? -4.885  1.249   -1.141  0.20 33.23  ? 46  LEU   A CB  1 
ATOM   640  C  CG  A LEU   A 1 37  ? -3.249  0.671   -0.887  0.30 29.78  ? 46  LEU   A CG  1 
ATOM   641  C  CG  B LEU   A 1 37  ? -3.249  0.671   -0.887  0.29 29.81  ? 46  LEU   A CG  1 
ATOM   642  C  CG  C LEU   A 1 37  ? -3.475  0.674   -1.020  0.21 32.65  ? 46  LEU   A CG  1 
ATOM   643  C  CG  D LEU   A 1 37  ? -3.475  0.674   -1.020  0.20 32.72  ? 46  LEU   A CG  1 
ATOM   644  C  CD1 A LEU   A 1 37  ? -2.133  1.629   -1.286  0.30 30.88  ? 46  LEU   A CD1 1 
ATOM   645  C  CD1 B LEU   A 1 37  ? -2.133  1.629   -1.286  0.29 30.88  ? 46  LEU   A CD1 1 
ATOM   646  C  CD1 C LEU   A 1 37  ? -2.433  1.634   -1.574  0.21 33.56  ? 46  LEU   A CD1 1 
ATOM   647  C  CD1 D LEU   A 1 37  ? -2.433  1.634   -1.575  0.20 33.57  ? 46  LEU   A CD1 1 
ATOM   648  C  CD2 A LEU   A 1 37  ? -3.048  0.168   0.536   0.30 30.83  ? 46  LEU   A CD2 1 
ATOM   649  C  CD2 B LEU   A 1 37  ? -3.048  0.168   0.536   0.29 30.83  ? 46  LEU   A CD2 1 
ATOM   650  C  CD2 C LEU   A 1 37  ? -3.158  0.305   0.421   0.21 33.71  ? 46  LEU   A CD2 1 
ATOM   651  C  CD2 D LEU   A 1 37  ? -3.158  0.306   0.421   0.20 33.71  ? 46  LEU   A CD2 1 
ATOM   652  N  N   A LYS   A 1 38  ? -7.656  1.708   -1.990  0.30 36.38  ? 47  LYS   A N   1 
ATOM   653  N  N   B LYS   A 1 38  ? -7.655  1.707   -1.989  0.29 36.41  ? 47  LYS   A N   1 
ATOM   654  N  N   C LYS   A 1 38  ? -7.832  1.533   -2.210  0.21 35.78  ? 47  LYS   A N   1 
ATOM   655  N  N   D LYS   A 1 38  ? -7.831  1.533   -2.211  0.20 35.83  ? 47  LYS   A N   1 
ATOM   656  C  CA  A LYS   A 1 38  ? -8.985  2.369   -1.959  0.30 40.25  ? 47  LYS   A CA  1 
ATOM   657  C  CA  B LYS   A 1 38  ? -8.985  2.368   -1.960  0.29 40.26  ? 47  LYS   A CA  1 
ATOM   658  C  CA  C LYS   A 1 38  ? -9.155  2.205   -2.300  0.21 38.72  ? 47  LYS   A CA  1 
ATOM   659  C  CA  D LYS   A 1 38  ? -9.155  2.205   -2.300  0.20 38.70  ? 47  LYS   A CA  1 
ATOM   660  C  C   A LYS   A 1 38  ? -10.071 1.314   -1.714  0.30 38.12  ? 47  LYS   A C   1 
ATOM   661  C  C   B LYS   A 1 38  ? -10.071 1.314   -1.714  0.29 38.15  ? 47  LYS   A C   1 
ATOM   662  C  C   C LYS   A 1 38  ? -10.285 1.187   -2.082  0.21 38.09  ? 47  LYS   A C   1 
ATOM   663  C  C   D LYS   A 1 38  ? -10.286 1.188   -2.084  0.20 38.08  ? 47  LYS   A C   1 
ATOM   664  O  O   A LYS   A 1 38  ? -10.955 1.603   -0.900  0.30 38.24  ? 47  LYS   A O   1 
ATOM   665  O  O   B LYS   A 1 38  ? -10.956 1.603   -0.900  0.29 38.26  ? 47  LYS   A O   1 
ATOM   666  O  O   C LYS   A 1 38  ? -11.276 1.563   -1.426  0.21 37.72  ? 47  LYS   A O   1 
ATOM   667  O  O   D LYS   A 1 38  ? -11.278 1.567   -1.430  0.20 37.71  ? 47  LYS   A O   1 
ATOM   668  C  CB  A LYS   A 1 38  ? -9.251  3.135   -3.259  0.30 45.95  ? 47  LYS   A CB  1 
ATOM   669  C  CB  B LYS   A 1 38  ? -9.251  3.134   -3.260  0.29 45.93  ? 47  LYS   A CB  1 
ATOM   670  C  CB  C LYS   A 1 38  ? -9.291  2.899   -3.659  0.21 41.40  ? 47  LYS   A CB  1 
ATOM   671  C  CB  D LYS   A 1 38  ? -9.289  2.902   -3.658  0.20 41.35  ? 47  LYS   A CB  1 
ATOM   672  C  CG  A LYS   A 1 38  ? -10.627 3.787   -3.365  0.30 52.26  ? 47  LYS   A CG  1 
ATOM   673  C  CG  B LYS   A 1 38  ? -10.626 3.787   -3.366  0.29 52.18  ? 47  LYS   A CG  1 
ATOM   674  C  CG  C LYS   A 1 38  ? -10.574 3.690   -3.875  0.21 44.61  ? 47  LYS   A CG  1 
ATOM   675  C  CG  D LYS   A 1 38  ? -10.575 3.689   -3.876  0.20 44.47  ? 47  LYS   A CG  1 
ATOM   676  C  CD  A LYS   A 1 38  ? -11.196 3.781   -4.774  0.30 57.74  ? 47  LYS   A CD  1 
ATOM   677  C  CD  B LYS   A 1 38  ? -11.195 3.780   -4.774  0.29 57.62  ? 47  LYS   A CD  1 
ATOM   678  C  CD  C LYS   A 1 38  ? -10.597 4.428   -5.202  0.21 45.35  ? 47  LYS   A CD  1 
ATOM   679  C  CD  D LYS   A 1 38  ? -10.596 4.430   -5.201  0.20 45.26  ? 47  LYS   A CD  1 
ATOM   680  C  CE  A LYS   A 1 38  ? -12.652 4.192   -4.832  0.30 61.30  ? 47  LYS   A CE  1 
ATOM   681  C  CE  B LYS   A 1 38  ? -12.652 4.193   -4.833  0.29 61.16  ? 47  LYS   A CE  1 
ATOM   682  C  CE  C LYS   A 1 38  ? -11.925 5.098   -5.480  0.21 47.59  ? 47  LYS   A CE  1 
ATOM   683  C  CE  D LYS   A 1 38  ? -11.925 5.098   -5.480  0.20 47.45  ? 47  LYS   A CE  1 
ATOM   684  N  NZ  A LYS   A 1 38  ? -12.937 5.021   -6.032  0.30 62.71  ? 47  LYS   A NZ  1 
ATOM   685  N  NZ  B LYS   A 1 38  ? -12.937 5.022   -6.032  0.29 62.57  ? 47  LYS   A NZ  1 
ATOM   686  N  NZ  C LYS   A 1 38  ? -11.847 6.001   -6.655  0.21 47.94  ? 47  LYS   A NZ  1 
ATOM   687  N  NZ  D LYS   A 1 38  ? -11.847 6.001   -6.654  0.20 47.81  ? 47  LYS   A NZ  1 
ATOM   688  N  N   A ASP   A 1 39  ? -10.005 0.155   -2.391  0.30 36.63  ? 48  ASP   A N   1 
ATOM   689  N  N   B ASP   A 1 39  ? -10.005 0.155   -2.391  0.29 36.65  ? 48  ASP   A N   1 
ATOM   690  N  N   C ASP   A 1 39  ? -10.155 -0.036  -2.619  0.21 37.12  ? 48  ASP   A N   1 
ATOM   691  N  N   D ASP   A 1 39  ? -10.155 -0.035  -2.619  0.20 37.14  ? 48  ASP   A N   1 
ATOM   692  C  CA  A ASP   A 1 39  ? -11.080 -0.882  -2.420  0.30 35.84  ? 48  ASP   A CA  1 
ATOM   693  C  CA  B ASP   A 1 39  ? -11.080 -0.882  -2.420  0.29 35.87  ? 48  ASP   A CA  1 
ATOM   694  C  CA  C ASP   A 1 39  ? -11.204 -1.096  -2.565  0.21 36.60  ? 48  ASP   A CA  1 
ATOM   695  C  CA  D ASP   A 1 39  ? -11.204 -1.095  -2.566  0.20 36.64  ? 48  ASP   A CA  1 
ATOM   696  C  C   A ASP   A 1 39  ? -10.934 -1.874  -1.255  0.30 34.40  ? 48  ASP   A C   1 
ATOM   697  C  C   B ASP   A 1 39  ? -10.934 -1.874  -1.255  0.29 34.43  ? 48  ASP   A C   1 
ATOM   698  C  C   C ASP   A 1 39  ? -11.042 -1.982  -1.320  0.21 35.60  ? 48  ASP   A C   1 
ATOM   699  C  C   D ASP   A 1 39  ? -11.043 -1.981  -1.320  0.20 35.61  ? 48  ASP   A C   1 
ATOM   700  O  O   A ASP   A 1 39  ? -11.772 -2.793  -1.153  0.30 37.00  ? 48  ASP   A O   1 
ATOM   701  O  O   B ASP   A 1 39  ? -11.773 -2.793  -1.153  0.29 36.97  ? 48  ASP   A O   1 
ATOM   702  O  O   C ASP   A 1 39  ? -11.865 -2.906  -1.150  0.21 37.01  ? 48  ASP   A O   1 
ATOM   703  O  O   D ASP   A 1 39  ? -11.868 -2.901  -1.149  0.20 36.93  ? 48  ASP   A O   1 
ATOM   704  C  CB  A ASP   A 1 39  ? -11.095 -1.636  -3.752  0.30 37.71  ? 48  ASP   A CB  1 
ATOM   705  C  CB  B ASP   A 1 39  ? -11.095 -1.636  -3.752  0.29 37.72  ? 48  ASP   A CB  1 
ATOM   706  C  CB  C ASP   A 1 39  ? -11.184 -1.989  -3.809  0.21 38.64  ? 48  ASP   A CB  1 
ATOM   707  C  CB  D ASP   A 1 39  ? -11.183 -1.988  -3.809  0.20 38.62  ? 48  ASP   A CB  1 
ATOM   708  C  CG  A ASP   A 1 39  ? -11.238 -0.746  -4.983  0.30 40.63  ? 48  ASP   A CG  1 
ATOM   709  C  CG  B ASP   A 1 39  ? -11.238 -0.746  -4.983  0.29 40.59  ? 48  ASP   A CG  1 
ATOM   710  C  CG  C ASP   A 1 39  ? -11.339 -1.257  -5.135  0.21 40.87  ? 48  ASP   A CG  1 
ATOM   711  C  CG  D ASP   A 1 39  ? -11.339 -1.258  -5.135  0.20 40.78  ? 48  ASP   A CG  1 
ATOM   712  O  OD1 A ASP   A 1 39  ? -11.837 0.346   -4.863  0.30 41.82  ? 48  ASP   A OD1 1 
ATOM   713  O  OD1 B ASP   A 1 39  ? -11.837 0.346   -4.863  0.29 41.79  ? 48  ASP   A OD1 1 
ATOM   714  O  OD1 C ASP   A 1 39  ? -11.663 -0.048  -5.119  0.21 41.48  ? 48  ASP   A OD1 1 
ATOM   715  O  OD1 D ASP   A 1 39  ? -11.668 -0.050  -5.120  0.20 41.39  ? 48  ASP   A OD1 1 
ATOM   716  O  OD2 A ASP   A 1 39  ? -10.732 -1.145  -6.053  0.30 41.06  ? 48  ASP   A OD2 1 
ATOM   717  O  OD2 B ASP   A 1 39  ? -10.734 -1.144  -6.053  0.29 41.02  ? 48  ASP   A OD2 1 
ATOM   718  O  OD2 C ASP   A 1 39  ? -11.121 -1.904  -6.179  0.21 42.78  ? 48  ASP   A OD2 1 
ATOM   719  O  OD2 D ASP   A 1 39  ? -11.115 -1.904  -6.178  0.20 42.65  ? 48  ASP   A OD2 1 
ATOM   720  N  N   A GLY   A 1 40  ? -9.908  -1.721  -0.420  0.30 33.08  ? 49  GLY   A N   1 
ATOM   721  N  N   B GLY   A 1 40  ? -9.909  -1.721  -0.419  0.29 33.10  ? 49  GLY   A N   1 
ATOM   722  N  N   C GLY   A 1 40  ? -10.021 -1.746  -0.493  0.21 33.62  ? 49  GLY   A N   1 
ATOM   723  N  N   D GLY   A 1 40  ? -10.022 -1.745  -0.494  0.20 33.64  ? 49  GLY   A N   1 
ATOM   724  C  CA  A GLY   A 1 40  ? -9.680  -2.581  0.761   0.30 31.93  ? 49  GLY   A CA  1 
ATOM   725  C  CA  B GLY   A 1 40  ? -9.680  -2.580  0.760   0.29 31.94  ? 49  GLY   A CA  1 
ATOM   726  C  CA  C GLY   A 1 40  ? -9.734  -2.567  0.702   0.21 32.58  ? 49  GLY   A CA  1 
ATOM   727  C  CA  D GLY   A 1 40  ? -9.734  -2.566  0.701   0.20 32.59  ? 49  GLY   A CA  1 
ATOM   728  C  C   A GLY   A 1 40  ? -9.303  -3.998  0.366   0.30 31.49  ? 49  GLY   A C   1 
ATOM   729  C  C   B GLY   A 1 40  ? -9.304  -3.999  0.365   0.29 31.50  ? 49  GLY   A C   1 
ATOM   730  C  C   C GLY   A 1 40  ? -9.374  -3.993  0.322   0.21 31.72  ? 49  GLY   A C   1 
ATOM   731  C  C   D GLY   A 1 40  ? -9.375  -3.993  0.321   0.20 31.71  ? 49  GLY   A C   1 
ATOM   732  O  O   A GLY   A 1 40  ? -9.587  -4.934  1.148   0.30 30.53  ? 49  GLY   A O   1 
ATOM   733  O  O   B GLY   A 1 40  ? -9.593  -4.934  1.147   0.29 30.54  ? 49  GLY   A O   1 
ATOM   734  O  O   C GLY   A 1 40  ? -9.765  -4.929  1.051   0.21 30.96  ? 49  GLY   A O   1 
ATOM   735  O  O   D GLY   A 1 40  ? -9.770  -4.928  1.051   0.20 30.92  ? 49  GLY   A O   1 
ATOM   736  N  N   . THR   A 1 41  ? -8.654  -4.149  -0.790  1.00 30.89  ? 50  THR   A N   1 
ATOM   737  C  CA  . THR   A 1 41  ? -8.219  -5.464  -1.340  1.00 28.80  ? 50  THR   A CA  1 
ATOM   738  C  C   . THR   A 1 41  ? -6.687  -5.458  -1.480  1.00 27.27  ? 50  THR   A C   1 
ATOM   739  O  O   . THR   A 1 41  ? -6.197  -6.109  -2.372  1.00 27.29  ? 50  THR   A O   1 
ATOM   740  C  CB  . THR   A 1 41  ? -8.939  -5.733  -2.657  1.00 29.87  ? 50  THR   A CB  1 
ATOM   741  O  OG1 . THR   A 1 41  ? -8.690  -4.649  -3.550  1.00 33.49  ? 50  THR   A OG1 1 
ATOM   742  C  CG2 . THR   A 1 41  ? -10.436 -5.914  -2.458  1.00 35.21  ? 50  THR   A CG2 1 
ATOM   743  N  N   . CYS   A 1 42  ? -5.971  -4.843  -0.545  1.00 26.62  ? 51  CYS   A N   1 
ATOM   744  C  CA  . CYS   A 1 42  ? -4.488  -4.768  -0.557  1.00 24.75  ? 51  CYS   A CA  1 
ATOM   745  C  C   . CYS   A 1 42  ? -3.923  -5.380  0.713   1.00 25.85  ? 51  CYS   A C   1 
ATOM   746  O  O   . CYS   A 1 42  ? -4.376  -5.004  1.816   1.00 26.96  ? 51  CYS   A O   1 
ATOM   747  C  CB  . CYS   A 1 42  ? -4.043  -3.313  -0.665  1.00 28.01  ? 51  CYS   A CB  1 
ATOM   748  S  SG  . CYS   A 1 42  ? -2.284  -3.105  -1.033  1.00 28.81  ? 51  CYS   A SG  1 
ATOM   749  N  N   . GLY   A 1 43  ? -2.948  -6.284  0.572   1.00 24.36  ? 52  GLY   A N   1 
ATOM   750  C  CA  . GLY   A 1 43  ? -2.201  -6.855  1.684   1.00 22.96  ? 52  GLY   A CA  1 
ATOM   751  C  C   . GLY   A 1 43  ? -0.789  -6.316  1.719   1.00 24.00  ? 52  GLY   A C   1 
ATOM   752  O  O   . GLY   A 1 43  ? -0.365  -5.592  0.766   1.00 25.74  ? 52  GLY   A O   1 
ATOM   753  N  N   . LEU   A 1 44  ? -0.105  -6.664  2.790   1.00 24.80  ? 53  LEU   A N   1 
ATOM   754  C  CA  . LEU   A 1 44  ? 1.269   -6.207  3.086   1.00 26.77  ? 53  LEU   A CA  1 
ATOM   755  C  C   . LEU   A 1 44  ? 2.083   -7.445  3.444   1.00 25.54  ? 53  LEU   A C   1 
ATOM   756  O  O   . LEU   A 1 44  ? 1.702   -8.159  4.356   1.00 25.81  ? 53  LEU   A O   1 
ATOM   757  C  CB  . LEU   A 1 44  ? 1.236   -5.211  4.253   1.00 30.29  ? 53  LEU   A CB  1 
ATOM   758  C  CG  . LEU   A 1 44  ? 2.589   -4.679  4.732   1.00 34.14  ? 53  LEU   A CG  1 
ATOM   759  C  CD1 . LEU   A 1 44  ? 3.229   -3.824  3.662   1.00 42.48  ? 53  LEU   A CD1 1 
ATOM   760  C  CD2 . LEU   A 1 44  ? 2.403   -3.873  6.003   1.00 40.82  ? 53  LEU   A CD2 1 
ATOM   761  N  N   . VAL   A 1 45  ? 3.245   -7.581  2.822   1.00 27.59  ? 54  VAL   A N   1 
ATOM   762  C  CA  . VAL   A 1 45  ? 4.263   -8.608  3.196   1.00 26.82  ? 54  VAL   A CA  1 
ATOM   763  C  C   . VAL   A 1 45  ? 5.501   -7.904  3.750   1.00 26.40  ? 54  VAL   A C   1 
ATOM   764  O  O   . VAL   A 1 45  ? 6.018   -6.985  3.088   1.00 28.88  ? 54  VAL   A O   1 
ATOM   765  C  CB  . VAL   A 1 45  ? 4.621   -9.487  1.995   1.00 24.91  ? 54  VAL   A CB  1 
ATOM   766  C  CG1 . VAL   A 1 45  ? 5.637   -10.548 2.359   1.00 26.06  ? 54  VAL   A CG1 1 
ATOM   767  C  CG2 . VAL   A 1 45  ? 3.367   -10.110 1.406   1.00 25.76  ? 54  VAL   A CG2 1 
ATOM   768  N  N   . GLU   A 1 46  ? 5.859   -8.259  4.961   1.00 27.65  ? 55  GLU   A N   1 
ATOM   769  C  CA  . GLU   A 1 46  ? 7.054   -7.724  5.643   1.00 28.79  ? 55  GLU   A CA  1 
ATOM   770  C  C   . GLU   A 1 46  ? 8.297   -8.271  4.937   1.00 31.84  ? 55  GLU   A C   1 
ATOM   771  O  O   . GLU   A 1 46  ? 8.364   -9.482  4.655   1.00 34.48  ? 55  GLU   A O   1 
ATOM   772  C  CB  . GLU   A 1 46  ? 6.957   -8.035  7.128   1.00 32.49  ? 55  GLU   A CB  1 
ATOM   773  C  CG  . GLU   A 1 46  ? 5.856   -7.206  7.717   1.00 35.00  ? 55  GLU   A CG  1 
ATOM   774  C  CD  . GLU   A 1 46  ? 5.656   -7.293  9.194   1.00 39.47  ? 55  GLU   A CD  1 
ATOM   775  O  OE1 . GLU   A 1 46  ? 5.760   -8.390  9.729   1.00 46.47  ? 55  GLU   A OE1 1 
ATOM   776  O  OE2 . GLU   A 1 46  ? 5.301   -6.272  9.756   1.00 42.46  ? 55  GLU   A OE2 1 
ATOM   777  N  N   . VAL   A 1 47  ? 9.212   -7.373  4.582   1.00 35.77  ? 56  VAL   A N   1 
ATOM   778  C  CA  . VAL   A 1 47  ? 10.393  -7.711  3.736   1.00 40.04  ? 56  VAL   A CA  1 
ATOM   779  C  C   . VAL   A 1 47  ? 11.485  -8.278  4.635   1.00 44.09  ? 56  VAL   A C   1 
ATOM   780  O  O   . VAL   A 1 47  ? 11.967  -7.519  5.477   1.00 46.87  ? 56  VAL   A O   1 
ATOM   781  C  CB  . VAL   A 1 47  ? 10.937  -6.509  2.946   1.00 40.93  ? 56  VAL   A CB  1 
ATOM   782  C  CG1 . VAL   A 1 47  ? 12.210  -6.885  2.195   1.00 42.37  ? 56  VAL   A CG1 1 
ATOM   783  C  CG2 . VAL   A 1 47  ? 9.904   -5.930  1.997   1.00 42.84  ? 56  VAL   A CG2 1 
ATOM   784  N  N   . GLU   A 1 48  ? 11.835  -9.551  4.454   1.00 47.57  ? 57  GLU   A N   1 
ATOM   785  C  CA  . GLU   A 1 48  ? 12.980  -10.229 5.114   1.00 54.05  ? 57  GLU   A CA  1 
ATOM   786  C  C   . GLU   A 1 48  ? 13.802  -10.963 4.053   1.00 49.01  ? 57  GLU   A C   1 
ATOM   787  O  O   . GLU   A 1 48  ? 13.397  -11.004 2.871   1.00 43.03  ? 57  GLU   A O   1 
ATOM   788  C  CB  . GLU   A 1 48  ? 12.482  -11.200 6.182   1.00 61.40  ? 57  GLU   A CB  1 
ATOM   789  C  CG  . GLU   A 1 48  ? 11.877  -10.500 7.384   1.00 75.19  ? 57  GLU   A CG  1 
ATOM   790  C  CD  . GLU   A 1 48  ? 12.066  -11.210 8.717   1.00 87.89  ? 57  GLU   A CD  1 
ATOM   791  O  OE1 . GLU   A 1 48  ? 12.114  -12.462 8.724   1.00 96.54  ? 57  GLU   A OE1 1 
ATOM   792  O  OE2 . GLU   A 1 48  ? 12.176  -10.509 9.748   1.00 94.99  ? 57  GLU   A OE2 1 
ATOM   793  N  N   . LYS   A 1 49  ? 14.959  -11.472 4.460   1.00 47.04  ? 58  LYS   A N   1 
ATOM   794  C  CA  . LYS   A 1 49  ? 15.821  -12.314 3.606   1.00 53.42  ? 58  LYS   A CA  1 
ATOM   795  C  C   . LYS   A 1 49  ? 14.906  -13.345 2.948   1.00 41.87  ? 58  LYS   A C   1 
ATOM   796  O  O   . LYS   A 1 49  ? 14.179  -14.016 3.685   1.00 48.09  ? 58  LYS   A O   1 
ATOM   797  C  CB  . LYS   A 1 49  ? 16.906  -13.012 4.438   1.00 56.97  ? 58  LYS   A CB  1 
ATOM   798  C  CG  . LYS   A 1 49  ? 17.958  -12.100 5.066   1.00 65.60  ? 58  LYS   A CG  1 
ATOM   799  C  CD  . LYS   A 1 49  ? 18.985  -11.552 4.091   1.00 74.49  ? 58  LYS   A CD  1 
ATOM   800  C  CE  . LYS   A 1 49  ? 20.280  -11.121 4.758   1.00 79.59  ? 58  LYS   A CE  1 
ATOM   801  N  NZ  . LYS   A 1 49  ? 20.100  -9.912  5.599   1.00 81.74  ? 58  LYS   A NZ  1 
ATOM   802  N  N   . GLY   A 1 50  ? 14.941  -13.420 1.621   1.00 41.24  ? 59  GLY   A N   1 
ATOM   803  C  CA  . GLY   A 1 50  ? 14.279  -14.471 0.825   1.00 41.70  ? 59  GLY   A CA  1 
ATOM   804  C  C   . GLY   A 1 50  ? 12.896  -14.079 0.357   1.00 41.06  ? 59  GLY   A C   1 
ATOM   805  O  O   . GLY   A 1 50  ? 12.298  -14.833 -0.472  1.00 40.05  ? 59  GLY   A O   1 
ATOM   806  N  N   . VAL   A 1 51  ? 12.372  -12.941 0.828   1.00 37.90  ? 60  VAL   A N   1 
ATOM   807  C  CA  . VAL   A 1 51  ? 10.966  -12.550 0.489   1.00 35.45  ? 60  VAL   A CA  1 
ATOM   808  C  C   . VAL   A 1 51  ? 10.878  -11.986 -0.933  1.00 34.17  ? 60  VAL   A C   1 
ATOM   809  O  O   . VAL   A 1 51  ? 9.995   -12.437 -1.700  1.00 31.91  ? 60  VAL   A O   1 
ATOM   810  C  CB  . VAL   A 1 51  ? 10.375  -11.589 1.531   1.00 32.18  ? 60  VAL   A CB  1 
ATOM   811  C  CG1 . VAL   A 1 51  ? 9.117   -10.900 1.024   1.00 37.27  ? 60  VAL   A CG1 1 
ATOM   812  C  CG2 . VAL   A 1 51  ? 10.141  -12.295 2.846   1.00 32.30  ? 60  VAL   A CG2 1 
ATOM   813  N  N   . LEU   A 1 52  ? 11.683  -10.991 -1.315  1.00 32.04  ? 61  LEU   A N   1 
ATOM   814  C  CA  . LEU   A 1 52  ? 11.427  -10.323 -2.617  1.00 30.92  ? 61  LEU   A CA  1 
ATOM   815  C  C   . LEU   A 1 52  ? 11.584  -11.270 -3.793  1.00 30.98  ? 61  LEU   A C   1 
ATOM   816  O  O   . LEU   A 1 52  ? 10.818  -11.182 -4.741  1.00 32.55  ? 61  LEU   A O   1 
ATOM   817  C  CB  . LEU   A 1 52  ? 12.279  -9.066  -2.757  1.00 35.29  ? 61  LEU   A CB  1 
ATOM   818  C  CG  . LEU   A 1 52  ? 11.863  -7.927  -1.814  1.00 39.32  ? 61  LEU   A CG  1 
ATOM   819  C  CD1 . LEU   A 1 52  ? 12.926  -6.839  -1.783  1.00 40.47  ? 61  LEU   A CD1 1 
ATOM   820  C  CD2 . LEU   A 1 52  ? 10.506  -7.362  -2.237  1.00 40.74  ? 61  LEU   A CD2 1 
ATOM   821  N  N   . PRO   A 1 53  ? 12.560  -12.200 -3.803  1.00 33.76  ? 62  PRO   A N   1 
ATOM   822  C  CA  . PRO   A 1 53  ? 12.692  -13.118 -4.942  1.00 34.99  ? 62  PRO   A CA  1 
ATOM   823  C  C   . PRO   A 1 53  ? 11.439  -13.993 -5.142  1.00 32.53  ? 62  PRO   A C   1 
ATOM   824  O  O   . PRO   A 1 53  ? 11.222  -14.552 -6.231  1.00 33.29  ? 62  PRO   A O   1 
ATOM   825  C  CB  . PRO   A 1 53  ? 13.977  -13.899 -4.602  1.00 32.71  ? 62  PRO   A CB  1 
ATOM   826  C  CG  . PRO   A 1 53  ? 14.702  -13.048 -3.605  1.00 36.00  ? 62  PRO   A CG  1 
ATOM   827  C  CD  . PRO   A 1 53  ? 13.607  -12.387 -2.781  1.00 38.09  ? 62  PRO   A CD  1 
ATOM   828  N  N   . GLN   A 1 54  ? 10.615  -14.097 -4.102  1.00 31.55  ? 63  GLN   A N   1 
ATOM   829  C  CA  . GLN   A 1 54  ? 9.395   -14.935 -4.122  1.00 31.14  ? 63  GLN   A CA  1 
ATOM   830  C  C   . GLN   A 1 54  ? 8.209   -14.104 -4.629  1.00 33.91  ? 63  GLN   A C   1 
ATOM   831  O  O   . GLN   A 1 54  ? 7.135   -14.666 -4.829  1.00 31.41  ? 63  GLN   A O   1 
ATOM   832  C  CB  . GLN   A 1 54  ? 9.128   -15.488 -2.723  1.00 32.33  ? 63  GLN   A CB  1 
ATOM   833  C  CG  . GLN   A 1 54  ? 10.079  -16.592 -2.324  1.00 33.92  ? 63  GLN   A CG  1 
ATOM   834  C  CD  . GLN   A 1 54  ? 9.593   -17.190 -1.038  1.00 35.31  ? 63  GLN   A CD  1 
ATOM   835  O  OE1 . GLN   A 1 54  ? 8.659   -17.990 -1.028  1.00 40.43  ? 63  GLN   A OE1 1 
ATOM   836  N  NE2 . GLN   A 1 54  ? 10.238  -16.811 0.048   1.00 36.00  ? 63  GLN   A NE2 1 
ATOM   837  N  N   . LEU   A 1 55  ? 8.400   -12.808 -4.857  1.00 33.10  ? 64  LEU   A N   1 
ATOM   838  C  CA  . LEU   A 1 55  ? 7.340   -11.905 -5.376  1.00 32.90  ? 64  LEU   A CA  1 
ATOM   839  C  C   . LEU   A 1 55  ? 7.697   -11.414 -6.768  1.00 29.96  ? 64  LEU   A C   1 
ATOM   840  O  O   . LEU   A 1 55  ? 8.820   -11.615 -7.230  1.00 36.06  ? 64  LEU   A O   1 
ATOM   841  C  CB  . LEU   A 1 55  ? 7.147   -10.751 -4.393  1.00 29.11  ? 64  LEU   A CB  1 
ATOM   842  C  CG  . LEU   A 1 55  ? 6.601   -11.185 -3.039  1.00 33.81  ? 64  LEU   A CG  1 
ATOM   843  C  CD1 . LEU   A 1 55  ? 6.633   -10.015 -2.074  1.00 37.47  ? 64  LEU   A CD1 1 
ATOM   844  C  CD2 . LEU   A 1 55  ? 5.185   -11.753 -3.218  1.00 33.38  ? 64  LEU   A CD2 1 
ATOM   845  N  N   . GLU   A 1 56  ? 6.741   -10.806 -7.447  1.00 30.22  ? 65  GLU   A N   1 
ATOM   846  C  CA  . GLU   A 1 56  ? 6.894   -10.389 -8.861  1.00 28.55  ? 65  GLU   A CA  1 
ATOM   847  C  C   . GLU   A 1 56  ? 7.276   -8.907  -8.928  1.00 32.77  ? 65  GLU   A C   1 
ATOM   848  O  O   . GLU   A 1 56  ? 6.602   -8.088  -8.344  1.00 30.28  ? 65  GLU   A O   1 
ATOM   849  C  CB  . GLU   A 1 56  ? 5.619   -10.692 -9.639  1.00 34.28  ? 65  GLU   A CB  1 
ATOM   850  C  CG  . GLU   A 1 56  ? 5.425   -12.200 -9.767  1.00 37.03  ? 65  GLU   A CG  1 
ATOM   851  C  CD  . GLU   A 1 56  ? 4.123   -12.622 -10.409 1.00 44.35  ? 65  GLU   A CD  1 
ATOM   852  O  OE1 . GLU   A 1 56  ? 3.188   -11.809 -10.404 1.00 52.44  ? 65  GLU   A OE1 1 
ATOM   853  O  OE2 . GLU   A 1 56  ? 4.052   -13.773 -10.911 1.00 54.16  ? 65  GLU   A OE2 1 
ATOM   854  N  N   . GLN   A 1 57  ? 8.309   -8.576  -9.693  1.00 34.82  ? 66  GLN   A N   1 
ATOM   855  C  CA  . GLN   A 1 57  ? 8.618   -7.166  -10.046 1.00 35.45  ? 66  GLN   A CA  1 
ATOM   856  C  C   . GLN   A 1 57  ? 7.731   -6.693  -11.174 1.00 34.83  ? 66  GLN   A C   1 
ATOM   857  O  O   . GLN   A 1 57  ? 7.194   -7.508  -11.898 1.00 36.05  ? 66  GLN   A O   1 
ATOM   858  C  CB  . GLN   A 1 57  ? 10.053  -7.059  -10.520 1.00 39.07  ? 66  GLN   A CB  1 
ATOM   859  C  CG  . GLN   A 1 57  ? 11.028  -7.405  -9.422  1.00 40.84  ? 66  GLN   A CG  1 
ATOM   860  C  CD  . GLN   A 1 57  ? 12.427  -7.053  -9.845  1.00 46.80  ? 66  GLN   A CD  1 
ATOM   861  O  OE1 . GLN   A 1 57  ? 12.675  -5.957  -10.339 1.00 40.36  ? 66  GLN   A OE1 1 
ATOM   862  N  NE2 . GLN   A 1 57  ? 13.332  -8.006  -9.690  1.00 55.04  ? 66  GLN   A NE2 1 
ATOM   863  N  N   . PRO   A 1 58  ? 7.500   -5.368  -11.331 1.00 31.52  ? 67  PRO   A N   1 
ATOM   864  C  CA  . PRO   A 1 58  ? 7.948   -4.379  -10.348 1.00 34.88  ? 67  PRO   A CA  1 
ATOM   865  C  C   . PRO   A 1 58  ? 7.278   -4.504  -8.967  1.00 32.78  ? 67  PRO   A C   1 
ATOM   866  O  O   . PRO   A 1 58  ? 6.111   -4.891  -8.894  1.00 32.34  ? 67  PRO   A O   1 
ATOM   867  C  CB  . PRO   A 1 58  ? 7.522   -3.029  -10.958 1.00 33.11  ? 67  PRO   A CB  1 
ATOM   868  C  CG  . PRO   A 1 58  ? 7.263   -3.332  -12.425 1.00 37.27  ? 67  PRO   A CG  1 
ATOM   869  C  CD  . PRO   A 1 58  ? 6.736   -4.751  -12.426 1.00 32.83  ? 67  PRO   A CD  1 
ATOM   870  N  N   . TYR   A 1 59  ? 8.025   -4.175  -7.918  1.00 28.81  ? 68  TYR   A N   1 
ATOM   871  C  CA  . TYR   A 1 59  ? 7.535   -4.150  -6.517  1.00 30.41  ? 68  TYR   A CA  1 
ATOM   872  C  C   . TYR   A 1 59  ? 6.886   -2.803  -6.182  1.00 31.40  ? 68  TYR   A C   1 
ATOM   873  O  O   . TYR   A 1 59  ? 7.388   -1.731  -6.674  1.00 30.89  ? 68  TYR   A O   1 
ATOM   874  C  CB  . TYR   A 1 59  ? 8.661   -4.365  -5.532  1.00 31.86  ? 68  TYR   A CB  1 
ATOM   875  C  CG  . TYR   A 1 59  ? 9.490   -5.598  -5.756  1.00 35.07  ? 68  TYR   A CG  1 
ATOM   876  C  CD1 . TYR   A 1 59  ? 8.939   -6.882  -5.840  1.00 33.72  ? 68  TYR   A CD1 1 
ATOM   877  C  CD2 . TYR   A 1 59  ? 10.860  -5.470  -5.894  1.00 37.89  ? 68  TYR   A CD2 1 
ATOM   878  C  CE1 . TYR   A 1 59  ? 9.756   -7.991  -6.031  1.00 34.86  ? 68  TYR   A CE1 1 
ATOM   879  C  CE2 . TYR   A 1 59  ? 11.679  -6.571  -6.087  1.00 40.93  ? 68  TYR   A CE2 1 
ATOM   880  C  CZ  . TYR   A 1 59  ? 11.126  -7.834  -6.174  1.00 38.32  ? 68  TYR   A CZ  1 
ATOM   881  O  OH  . TYR   A 1 59  ? 11.995  -8.878  -6.340  1.00 39.62  ? 68  TYR   A OH  1 
ATOM   882  N  N   . VAL   A 1 60  ? 5.899   -2.818  -5.287  1.00 28.92  ? 69  VAL   A N   1 
ATOM   883  C  CA  . VAL   A 1 60  ? 5.363   -1.581  -4.656  1.00 27.52  ? 69  VAL   A CA  1 
ATOM   884  C  C   . VAL   A 1 60  ? 5.647   -1.647  -3.168  1.00 31.61  ? 69  VAL   A C   1 
ATOM   885  O  O   . VAL   A 1 60  ? 5.110   -2.532  -2.519  1.00 30.41  ? 69  VAL   A O   1 
ATOM   886  C  CB  . VAL   A 1 60  ? 3.876   -1.335  -4.932  1.00 27.97  ? 69  VAL   A CB  1 
ATOM   887  C  CG1 . VAL   A 1 60  ? 3.390   -0.083  -4.199  1.00 27.83  ? 69  VAL   A CG1 1 
ATOM   888  C  CG2 . VAL   A 1 60  ? 3.589   -1.229  -6.415  1.00 29.43  ? 69  VAL   A CG2 1 
ATOM   889  N  N   . PHE   A 1 61  ? 6.466   -0.724  -2.641  1.00 27.94  ? 70  PHE   A N   1 
ATOM   890  C  CA  . PHE   A 1 61  ? 6.745   -0.643  -1.187  1.00 31.90  ? 70  PHE   A CA  1 
ATOM   891  C  C   . PHE   A 1 61  ? 5.848   0.413   -0.558  1.00 29.90  ? 70  PHE   A C   1 
ATOM   892  O  O   . PHE   A 1 61  ? 5.565   1.425   -1.244  1.00 31.18  ? 70  PHE   A O   1 
ATOM   893  C  CB  . PHE   A 1 61  ? 8.220   -0.351  -0.897  1.00 30.14  ? 70  PHE   A CB  1 
ATOM   894  C  CG  . PHE   A 1 61  ? 9.179   -1.370  -1.460  1.00 31.06  ? 70  PHE   A CG  1 
ATOM   895  C  CD1 . PHE   A 1 61  ? 9.258   -2.650  -0.932  1.00 32.93  ? 70  PHE   A CD1 1 
ATOM   896  C  CD2 . PHE   A 1 61  ? 10.009  -1.067  -2.528  1.00 33.29  ? 70  PHE   A CD2 1 
ATOM   897  C  CE1 . PHE   A 1 61  ? 10.145  -3.586  -1.449  1.00 35.08  ? 70  PHE   A CE1 1 
ATOM   898  C  CE2 . PHE   A 1 61  ? 10.876  -2.014  -3.050  1.00 34.97  ? 70  PHE   A CE2 1 
ATOM   899  C  CZ  . PHE   A 1 61  ? 10.947  -3.271  -2.516  1.00 31.02  ? 70  PHE   A CZ  1 
ATOM   900  N  N   . ILE   A 1 62  ? 5.474   0.200   0.703   1.00 29.85  ? 71  ILE   A N   1 
ATOM   901  C  CA  . ILE   A 1 62  ? 5.128   1.333   1.602   1.00 32.83  ? 71  ILE   A CA  1 
ATOM   902  C  C   . ILE   A 1 62  ? 6.358   1.669   2.422   1.00 33.51  ? 71  ILE   A C   1 
ATOM   903  O  O   . ILE   A 1 62  ? 6.936   0.769   3.077   1.00 36.21  ? 71  ILE   A O   1 
ATOM   904  C  CB  . ILE   A 1 62  ? 3.886   1.145   2.485   1.00 35.76  ? 71  ILE   A CB  1 
ATOM   905  C  CG1 . ILE   A 1 62  ? 3.893   -0.196  3.221   1.00 35.36  ? 71  ILE   A CG1 1 
ATOM   906  C  CG2 . ILE   A 1 62  ? 2.641   1.379   1.672   1.00 37.03  ? 71  ILE   A CG2 1 
ATOM   907  C  CD1 . ILE   A 1 62  ? 3.111   -0.147  4.511   1.00 36.63  ? 71  ILE   A CD1 1 
ATOM   908  N  N   . LYS   A 1 63  ? 6.654   2.974   2.455   1.00 31.19  ? 72  LYS   A N   1 
ATOM   909  C  CA  . LYS   A 1 63  ? 7.810   3.552   3.147   1.00 31.78  ? 72  LYS   A CA  1 
ATOM   910  C  C   . LYS   A 1 63  ? 7.335   4.655   4.097   1.00 29.58  ? 72  LYS   A C   1 
ATOM   911  O  O   . LYS   A 1 63  ? 6.373   5.350   3.778   1.00 32.00  ? 72  LYS   A O   1 
ATOM   912  C  CB  . LYS   A 1 63  ? 8.805   4.047   2.096   1.00 34.14  ? 72  LYS   A CB  1 
ATOM   913  C  CG  . LYS   A 1 63  ? 9.592   2.947   1.397   1.00 41.47  ? 72  LYS   A CG  1 
ATOM   914  C  CD  . LYS   A 1 63  ? 10.547  3.486   0.348   1.00 46.79  ? 72  LYS   A CD  1 
ATOM   915  C  CE  . LYS   A 1 63  ? 11.617  2.502   -0.083  1.00 49.94  ? 72  LYS   A CE  1 
ATOM   916  N  NZ  . LYS   A 1 63  ? 12.359  1.928   1.066   1.00 46.78  ? 72  LYS   A NZ  1 
ATOM   917  N  N   . ARG   A 1 64  ? 7.982   4.780   5.237   1.00 33.95  ? 73  ARG   A N   1 
ATOM   918  C  CA  . ARG   A 1 64  ? 7.610   5.767   6.286   1.00 40.23  ? 73  ARG   A CA  1 
ATOM   919  C  C   . ARG   A 1 64  ? 7.929   7.173   5.760   1.00 41.71  ? 73  ARG   A C   1 
ATOM   920  O  O   . ARG   A 1 64  ? 9.063   7.376   5.303   1.00 38.89  ? 73  ARG   A O   1 
ATOM   921  C  CB  . ARG   A 1 64  ? 8.362   5.456   7.576   1.00 48.24  ? 73  ARG   A CB  1 
ATOM   922  C  CG  . ARG   A 1 64  ? 7.808   6.206   8.777   1.00 57.40  ? 73  ARG   A CG  1 
ATOM   923  C  CD  . ARG   A 1 64  ? 8.787   6.300   9.935   1.00 66.61  ? 73  ARG   A CD  1 
ATOM   924  N  NE  . ARG   A 1 64  ? 8.076   6.435   11.199  1.00 73.13  ? 73  ARG   A NE  1 
ATOM   925  C  CZ  . ARG   A 1 64  ? 7.611   5.415   11.914  1.00 79.50  ? 73  ARG   A CZ  1 
ATOM   926  N  NH1 . ARG   A 1 64  ? 7.789   4.170   11.496  1.00 83.40  ? 73  ARG   A NH1 1 
ATOM   927  N  NH2 . ARG   A 1 64  ? 6.968   5.641   13.046  1.00 86.59  ? 73  ARG   A NH2 1 
ATOM   928  N  N   . SER   A 1 65  ? 6.957   8.096   5.770   1.00 41.77  ? 74  SER   A N   1 
ATOM   929  C  CA  . SER   A 1 65  ? 7.087   9.431   5.119   1.00 46.45  ? 74  SER   A CA  1 
ATOM   930  C  C   . SER   A 1 65  ? 7.356   10.518  6.167   1.00 53.02  ? 74  SER   A C   1 
ATOM   931  O  O   . SER   A 1 65  ? 7.464   11.680  5.754   1.00 57.36  ? 74  SER   A O   1 
ATOM   932  C  CB  . SER   A 1 65  ? 5.880   9.774   4.282   1.00 45.28  ? 74  SER   A CB  1 
ATOM   933  O  OG  . SER   A 1 65  ? 4.716   9.897   5.073   1.00 46.26  ? 74  SER   A OG  1 
ATOM   934  N  N   . ASP   A 1 66  ? 7.487   10.158  7.448   1.00 62.87  ? 75  ASP   A N   1 
ATOM   935  C  CA  . ASP   A 1 66  ? 7.489   11.109  8.599   1.00 69.51  ? 75  ASP   A CA  1 
ATOM   936  C  C   . ASP   A 1 66  ? 7.636   10.313  9.910   1.00 74.95  ? 75  ASP   A C   1 
ATOM   937  O  O   . ASP   A 1 66  ? 7.449   9.086   9.869   1.00 68.25  ? 75  ASP   A O   1 
ATOM   938  C  CB  . ASP   A 1 66  ? 6.216   11.965  8.547   1.00 72.03  ? 75  ASP   A CB  1 
ATOM   939  C  CG  . ASP   A 1 66  ? 6.092   13.052  9.603   1.00 75.74  ? 75  ASP   A CG  1 
ATOM   940  O  OD1 . ASP   A 1 66  ? 7.126   13.450  10.163  1.00 82.46  ? 75  ASP   A OD1 1 
ATOM   941  O  OD2 . ASP   A 1 66  ? 4.952   13.492  9.856   1.00 76.84  ? 75  ASP   A OD2 1 
ATOM   942  N  N   . ALA   A 1 67  ? 7.991   10.979  11.020  1.00 84.60  ? 76  ALA   A N   1 
ATOM   943  C  CA  . ALA   A 1 67  ? 7.978   10.435  12.406  1.00 86.13  ? 76  ALA   A CA  1 
ATOM   944  C  C   . ALA   A 1 67  ? 6.975   11.224  13.264  1.00 86.64  ? 76  ALA   A C   1 
ATOM   945  O  O   . ALA   A 1 67  ? 7.439   12.010  14.116  1.00 76.98  ? 76  ALA   A O   1 
ATOM   946  C  CB  . ALA   A 1 67  ? 9.365   10.468  13.009  1.00 82.67  ? 76  ALA   A CB  1 
ATOM   947  N  N   . ALA   A 1 70  ? 3.228   9.805   14.050  1.00 68.76  ? 79  ALA   A N   1 
ATOM   948  C  CA  . ALA   A 1 70  ? 2.367   8.608   13.868  1.00 73.87  ? 79  ALA   A CA  1 
ATOM   949  C  C   . ALA   A 1 70  ? 0.997   8.853   14.501  1.00 74.59  ? 79  ALA   A C   1 
ATOM   950  O  O   . ALA   A 1 70  ? 0.754   8.423   15.629  1.00 80.11  ? 79  ALA   A O   1 
ATOM   951  C  CB  . ALA   A 1 70  ? 3.031   7.386   14.459  1.00 67.61  ? 79  ALA   A CB  1 
ATOM   952  N  N   . PRO   A 1 71  ? 0.078   9.570   13.808  1.00 72.24  ? 80  PRO   A N   1 
ATOM   953  C  CA  . PRO   A 1 71  ? -1.249  9.885   14.346  1.00 72.56  ? 80  PRO   A CA  1 
ATOM   954  C  C   . PRO   A 1 71  ? -2.145  8.665   14.601  1.00 75.94  ? 80  PRO   A C   1 
ATOM   955  O  O   . PRO   A 1 71  ? -2.186  7.812   13.745  1.00 80.44  ? 80  PRO   A O   1 
ATOM   956  C  CB  . PRO   A 1 71  ? -1.908  10.742  13.250  1.00 73.09  ? 80  PRO   A CB  1 
ATOM   957  C  CG  . PRO   A 1 71  ? -0.745  11.285  12.447  1.00 74.17  ? 80  PRO   A CG  1 
ATOM   958  C  CD  . PRO   A 1 71  ? 0.303   10.192  12.493  1.00 73.52  ? 80  PRO   A CD  1 
ATOM   959  N  N   . HIS   A 1 72  ? -2.843  8.634   15.745  1.00 81.68  ? 81  HIS   A N   1 
ATOM   960  C  CA  . HIS   A 1 72  ? -3.885  7.634   16.132  1.00 80.81  ? 81  HIS   A CA  1 
ATOM   961  C  C   . HIS   A 1 72  ? -3.350  6.190   16.052  1.00 82.53  ? 81  HIS   A C   1 
ATOM   962  O  O   . HIS   A 1 72  ? -4.179  5.274   15.886  1.00 80.99  ? 81  HIS   A O   1 
ATOM   963  C  CB  . HIS   A 1 72  ? -5.149  7.797   15.262  1.00 86.76  ? 81  HIS   A CB  1 
ATOM   964  C  CG  . HIS   A 1 72  ? -5.616  9.203   15.072  1.00 93.70  ? 81  HIS   A CG  1 
ATOM   965  N  ND1 . HIS   A 1 72  ? -6.528  9.805   15.918  1.00 101.25 ? 81  HIS   A ND1 1 
ATOM   966  C  CD2 . HIS   A 1 72  ? -5.325  10.123  14.125  1.00 103.00 ? 81  HIS   A CD2 1 
ATOM   967  C  CE1 . HIS   A 1 72  ? -6.766  11.037  15.514  1.00 103.99 ? 81  HIS   A CE1 1 
ATOM   968  N  NE2 . HIS   A 1 72  ? -6.040  11.255  14.413  1.00 106.75 ? 81  HIS   A NE2 1 
ATOM   969  N  N   . GLY   A 1 73  ? -2.028  5.985   16.176  1.00 80.99  ? 82  GLY   A N   1 
ATOM   970  C  CA  . GLY   A 1 73  ? -1.345  4.681   15.997  1.00 72.73  ? 82  GLY   A CA  1 
ATOM   971  C  C   . GLY   A 1 73  ? -0.918  4.419   14.553  1.00 65.34  ? 82  GLY   A C   1 
ATOM   972  O  O   . GLY   A 1 73  ? -0.135  3.494   14.326  1.00 60.67  ? 82  GLY   A O   1 
ATOM   973  N  N   . HIS   A 1 74  ? -1.407  5.216   13.604  1.00 54.88  ? 83  HIS   A N   1 
ATOM   974  C  CA  . HIS   A 1 74  ? -1.204  5.044   12.146  1.00 53.07  ? 83  HIS   A CA  1 
ATOM   975  C  C   . HIS   A 1 74  ? 0.108   5.697   11.706  1.00 52.15  ? 83  HIS   A C   1 
ATOM   976  O  O   . HIS   A 1 74  ? 0.197   6.946   11.755  1.00 51.37  ? 83  HIS   A O   1 
ATOM   977  C  CB  . HIS   A 1 74  ? -2.386  5.635   11.379  1.00 48.83  ? 83  HIS   A CB  1 
ATOM   978  C  CG  . HIS   A 1 74  ? -3.660  4.887   11.574  1.00 49.43  ? 83  HIS   A CG  1 
ATOM   979  N  ND1 . HIS   A 1 74  ? -4.249  4.132   10.566  1.00 51.42  ? 83  HIS   A ND1 1 
ATOM   980  C  CD2 . HIS   A 1 74  ? -4.465  4.784   12.649  1.00 47.99  ? 83  HIS   A CD2 1 
ATOM   981  C  CE1 . HIS   A 1 74  ? -5.374  3.613   11.013  1.00 55.93  ? 83  HIS   A CE1 1 
ATOM   982  N  NE2 . HIS   A 1 74  ? -5.526  3.999   12.290  1.00 59.47  ? 83  HIS   A NE2 1 
ATOM   983  N  N   . VAL   A 1 75  ? 1.079   4.891   11.277  1.00 48.07  ? 84  VAL   A N   1 
ATOM   984  C  CA  . VAL   A 1 75  ? 2.365   5.401   10.710  1.00 48.01  ? 84  VAL   A CA  1 
ATOM   985  C  C   . VAL   A 1 75  ? 2.068   6.059   9.355   1.00 39.27  ? 84  VAL   A C   1 
ATOM   986  O  O   . VAL   A 1 75  ? 1.423   5.437   8.515   1.00 37.48  ? 84  VAL   A O   1 
ATOM   987  C  CB  . VAL   A 1 75  ? 3.415   4.277   10.606  1.00 50.86  ? 84  VAL   A CB  1 
ATOM   988  C  CG1 . VAL   A 1 75  ? 4.655   4.717   9.846   1.00 52.80  ? 84  VAL   A CG1 1 
ATOM   989  C  CG2 . VAL   A 1 75  ? 3.788   3.748   11.983  1.00 57.10  ? 84  VAL   A CG2 1 
ATOM   990  N  N   . MET   A 1 76  ? 2.577   7.272   9.106   1.00 36.71  ? 85  MET   A N   1 
ATOM   991  C  CA  . MET   A 1 76  ? 2.365   7.927   7.797   1.00 34.56  ? 85  MET   A CA  1 
ATOM   992  C  C   . MET   A 1 76  ? 3.321   7.277   6.789   1.00 35.28  ? 85  MET   A C   1 
ATOM   993  O  O   . MET   A 1 76  ? 4.524   7.135   7.070   1.00 35.96  ? 85  MET   A O   1 
ATOM   994  C  CB  . MET   A 1 76  ? 2.599   9.443   7.855   1.00 39.47  ? 85  MET   A CB  1 
ATOM   995  C  CG  . MET   A 1 76  ? 1.516   10.165  8.627   1.00 44.48  ? 85  MET   A CG  1 
ATOM   996  S  SD  . MET   A 1 76  ? 1.659   11.973  8.563   1.00 55.65  ? 85  MET   A SD  1 
ATOM   997  C  CE  . MET   A 1 76  ? 2.416   12.176  6.955   1.00 58.13  ? 85  MET   A CE  1 
ATOM   998  N  N   A VAL   A 1 77  ? 2.780   6.900   5.630   0.30 32.72  ? 86  VAL   A N   1 
ATOM   999  N  N   B VAL   A 1 77  ? 2.780   6.899   5.631   0.29 32.74  ? 86  VAL   A N   1 
ATOM   1000 N  N   C VAL   A 1 77  ? 2.791   6.856   5.642   0.21 34.08  ? 86  VAL   A N   1 
ATOM   1001 N  N   D VAL   A 1 77  ? 2.791   6.855   5.642   0.20 34.12  ? 86  VAL   A N   1 
ATOM   1002 C  CA  A VAL   A 1 77  ? 3.506   6.122   4.586   0.30 32.58  ? 86  VAL   A CA  1 
ATOM   1003 C  CA  B VAL   A 1 77  ? 3.506   6.122   4.586   0.29 32.60  ? 86  VAL   A CA  1 
ATOM   1004 C  CA  C VAL   A 1 77  ? 3.588   6.148   4.599   0.21 34.45  ? 86  VAL   A CA  1 
ATOM   1005 C  CA  D VAL   A 1 77  ? 3.587   6.147   4.600   0.20 34.47  ? 86  VAL   A CA  1 
ATOM   1006 C  C   A VAL   A 1 77  ? 3.202   6.696   3.204   0.30 32.38  ? 86  VAL   A C   1 
ATOM   1007 C  C   B VAL   A 1 77  ? 3.202   6.696   3.204   0.29 32.41  ? 86  VAL   A C   1 
ATOM   1008 C  C   C VAL   A 1 77  ? 3.209   6.671   3.215   0.21 33.62  ? 86  VAL   A C   1 
ATOM   1009 C  C   D VAL   A 1 77  ? 3.209   6.670   3.215   0.20 33.66  ? 86  VAL   A C   1 
ATOM   1010 O  O   A VAL   A 1 77  ? 2.134   7.328   3.038   0.30 35.07  ? 86  VAL   A O   1 
ATOM   1011 O  O   B VAL   A 1 77  ? 2.134   7.328   3.038   0.29 35.04  ? 86  VAL   A O   1 
ATOM   1012 O  O   C VAL   A 1 77  ? 2.117   7.260   3.067   0.21 35.31  ? 86  VAL   A O   1 
ATOM   1013 O  O   D VAL   A 1 77  ? 2.117   7.259   3.066   0.20 35.25  ? 86  VAL   A O   1 
ATOM   1014 C  CB  A VAL   A 1 77  ? 3.137   4.625   4.629   0.30 32.18  ? 86  VAL   A CB  1 
ATOM   1015 C  CB  B VAL   A 1 77  ? 3.137   4.625   4.629   0.29 32.19  ? 86  VAL   A CB  1 
ATOM   1016 C  CB  C VAL   A 1 77  ? 3.416   4.617   4.674   0.21 35.08  ? 86  VAL   A CB  1 
ATOM   1017 C  CB  D VAL   A 1 77  ? 3.416   4.617   4.674   0.20 35.07  ? 86  VAL   A CB  1 
ATOM   1018 C  CG1 A VAL   A 1 77  ? 3.470   4.006   5.974   0.30 31.55  ? 86  VAL   A CG1 1 
ATOM   1019 C  CG1 B VAL   A 1 77  ? 3.470   4.005   5.974   0.29 31.57  ? 86  VAL   A CG1 1 
ATOM   1020 C  CG1 C VAL   A 1 77  ? 3.883   4.057   6.007   0.21 35.28  ? 86  VAL   A CG1 1 
ATOM   1021 C  CG1 D VAL   A 1 77  ? 3.883   4.057   6.007   0.20 35.27  ? 86  VAL   A CG1 1 
ATOM   1022 C  CG2 A VAL   A 1 77  ? 1.674   4.399   4.270   0.30 32.79  ? 86  VAL   A CG2 1 
ATOM   1023 C  CG2 B VAL   A 1 77  ? 1.674   4.398   4.271   0.29 32.79  ? 86  VAL   A CG2 1 
ATOM   1024 C  CG2 C VAL   A 1 77  ? 1.987   4.189   4.383   0.21 36.09  ? 86  VAL   A CG2 1 
ATOM   1025 C  CG2 D VAL   A 1 77  ? 1.988   4.187   4.384   0.20 36.04  ? 86  VAL   A CG2 1 
ATOM   1026 N  N   . GLU   A 1 78  ? 4.106   6.441   2.253   1.00 34.14  ? 87  GLU   A N   1 
ATOM   1027 C  CA  . GLU   A 1 78  ? 3.860   6.674   0.815   1.00 34.39  ? 87  GLU   A CA  1 
ATOM   1028 C  C   . GLU   A 1 78  ? 4.365   5.483   -0.003  1.00 31.35  ? 87  GLU   A C   1 
ATOM   1029 O  O   . GLU   A 1 78  ? 5.165   4.670   0.508   1.00 32.60  ? 87  GLU   A O   1 
ATOM   1030 C  CB  . GLU   A 1 78  ? 4.557   7.948   0.367   1.00 40.43  ? 87  GLU   A CB  1 
ATOM   1031 C  CG  . GLU   A 1 78  ? 6.021   8.015   0.718   1.00 45.76  ? 87  GLU   A CG  1 
ATOM   1032 C  CD  . GLU   A 1 78  ? 6.459   9.471   0.752   1.00 51.16  ? 87  GLU   A CD  1 
ATOM   1033 O  OE1 . GLU   A 1 78  ? 5.666   10.336  0.289   1.00 58.31  ? 87  GLU   A OE1 1 
ATOM   1034 O  OE2 . GLU   A 1 78  ? 7.547   9.738   1.251   1.00 48.00  ? 87  GLU   A OE2 1 
ATOM   1035 N  N   A LEU   A 1 79  ? 3.907   5.401   -1.253  0.30 31.22  ? 88  LEU   A N   1 
ATOM   1036 N  N   B LEU   A 1 79  ? 3.907   5.400   -1.252  0.29 31.26  ? 88  LEU   A N   1 
ATOM   1037 N  N   C LEU   A 1 79  ? 3.906   5.395   -1.252  0.21 31.79  ? 88  LEU   A N   1 
ATOM   1038 N  N   D LEU   A 1 79  ? 3.905   5.394   -1.253  0.20 31.85  ? 88  LEU   A N   1 
ATOM   1039 C  CA  A LEU   A 1 79  ? 4.248   4.295   -2.186  0.30 32.64  ? 88  LEU   A CA  1 
ATOM   1040 C  CA  B LEU   A 1 79  ? 4.248   4.295   -2.186  0.29 32.66  ? 88  LEU   A CA  1 
ATOM   1041 C  CA  C LEU   A 1 79  ? 4.237   4.282   -2.182  0.21 32.86  ? 88  LEU   A CA  1 
ATOM   1042 C  CA  D LEU   A 1 79  ? 4.237   4.281   -2.182  0.20 32.88  ? 88  LEU   A CA  1 
ATOM   1043 C  C   A LEU   A 1 79  ? 5.542   4.633   -2.927  0.30 33.70  ? 88  LEU   A C   1 
ATOM   1044 C  C   B LEU   A 1 79  ? 5.542   4.633   -2.927  0.29 33.69  ? 88  LEU   A C   1 
ATOM   1045 C  C   C LEU   A 1 79  ? 5.524   4.622   -2.940  0.21 33.58  ? 88  LEU   A C   1 
ATOM   1046 C  C   D LEU   A 1 79  ? 5.523   4.621   -2.941  0.20 33.56  ? 88  LEU   A C   1 
ATOM   1047 O  O   A LEU   A 1 79  ? 5.698   5.790   -3.371  0.30 34.80  ? 88  LEU   A O   1 
ATOM   1048 O  O   B LEU   A 1 79  ? 5.697   5.791   -3.372  0.29 34.77  ? 88  LEU   A O   1 
ATOM   1049 O  O   C LEU   A 1 79  ? 5.663   5.776   -3.395  0.21 34.39  ? 88  LEU   A O   1 
ATOM   1050 O  O   D LEU   A 1 79  ? 5.663   5.776   -3.397  0.20 34.32  ? 88  LEU   A O   1 
ATOM   1051 C  CB  A LEU   A 1 79  ? 3.104   4.061   -3.173  0.30 32.98  ? 88  LEU   A CB  1 
ATOM   1052 C  CB  B LEU   A 1 79  ? 3.103   4.062   -3.174  0.29 33.01  ? 88  LEU   A CB  1 
ATOM   1053 C  CB  C LEU   A 1 79  ? 3.074   4.046   -3.149  0.21 33.20  ? 88  LEU   A CB  1 
ATOM   1054 C  CB  D LEU   A 1 79  ? 3.073   4.045   -3.149  0.20 33.24  ? 88  LEU   A CB  1 
ATOM   1055 C  CG  A LEU   A 1 79  ? 1.725   3.789   -2.568  0.30 36.04  ? 88  LEU   A CG  1 
ATOM   1056 C  CG  B LEU   A 1 79  ? 1.724   3.790   -2.569  0.29 36.02  ? 88  LEU   A CG  1 
ATOM   1057 C  CG  C LEU   A 1 79  ? 1.703   3.813   -2.510  0.21 35.35  ? 88  LEU   A CG  1 
ATOM   1058 C  CG  D LEU   A 1 79  ? 1.703   3.812   -2.509  0.20 35.30  ? 88  LEU   A CG  1 
ATOM   1059 C  CD1 A LEU   A 1 79  ? 0.735   3.392   -3.655  0.30 37.07  ? 88  LEU   A CD1 1 
ATOM   1060 C  CD1 B LEU   A 1 79  ? 0.735   3.393   -3.654  0.29 37.03  ? 88  LEU   A CD1 1 
ATOM   1061 C  CD1 C LEU   A 1 79  ? 0.595   3.905   -3.550  0.21 36.44  ? 88  LEU   A CD1 1 
ATOM   1062 C  CD1 D LEU   A 1 79  ? 0.594   3.905   -3.549  0.20 36.35  ? 88  LEU   A CD1 1 
ATOM   1063 C  CD2 A LEU   A 1 79  ? 1.766   2.716   -1.492  0.30 36.48  ? 88  LEU   A CD2 1 
ATOM   1064 C  CD2 B LEU   A 1 79  ? 1.766   2.716   -1.492  0.29 36.46  ? 88  LEU   A CD2 1 
ATOM   1065 C  CD2 C LEU   A 1 79  ? 1.639   2.473   -1.795  0.21 35.29  ? 88  LEU   A CD2 1 
ATOM   1066 C  CD2 D LEU   A 1 79  ? 1.640   2.473   -1.795  0.20 35.26  ? 88  LEU   A CD2 1 
ATOM   1067 N  N   . VAL   A 1 80  ? 6.420   3.640   -3.066  1.00 32.35  ? 89  VAL   A N   1 
ATOM   1068 C  CA  . VAL   A 1 80  ? 7.635   3.709   -3.928  1.00 33.91  ? 89  VAL   A CA  1 
ATOM   1069 C  C   . VAL   A 1 80  ? 7.698   2.396   -4.711  1.00 34.98  ? 89  VAL   A C   1 
ATOM   1070 O  O   . VAL   A 1 80  ? 7.632   1.326   -4.077  1.00 35.30  ? 89  VAL   A O   1 
ATOM   1071 C  CB  . VAL   A 1 80  ? 8.878   3.893   -3.055  1.00 34.96  ? 89  VAL   A CB  1 
ATOM   1072 C  CG1 . VAL   A 1 80  ? 10.172  3.739   -3.851  1.00 38.70  ? 89  VAL   A CG1 1 
ATOM   1073 C  CG2 . VAL   A 1 80  ? 8.809   5.228   -2.321  1.00 37.12  ? 89  VAL   A CG2 1 
ATOM   1074 N  N   . ALA   A 1 81  ? 7.743   2.451   -6.030  1.00 33.45  ? 90  ALA   A N   1 
ATOM   1075 C  CA  . ALA   A 1 81  ? 7.909   1.229   -6.852  1.00 32.09  ? 90  ALA   A CA  1 
ATOM   1076 C  C   . ALA   A 1 81  ? 9.392   0.942   -7.071  1.00 35.12  ? 90  ALA   A C   1 
ATOM   1077 O  O   . ALA   A 1 81  ? 10.254  1.883   -6.999  1.00 36.17  ? 90  ALA   A O   1 
ATOM   1078 C  CB  . ALA   A 1 81  ? 7.121   1.330   -8.137  1.00 31.34  ? 90  ALA   A CB  1 
ATOM   1079 N  N   . GLU   A 1 82  ? 9.704   -0.310  -7.386  1.00 33.16  ? 91  GLU   A N   1 
ATOM   1080 C  CA  . GLU   A 1 82  ? 11.086  -0.710  -7.718  1.00 32.03  ? 91  GLU   A CA  1 
ATOM   1081 C  C   . GLU   A 1 82  ? 11.076  -1.692  -8.894  1.00 41.11  ? 91  GLU   A C   1 
ATOM   1082 O  O   . GLU   A 1 82  ? 10.259  -2.663  -8.863  1.00 36.51  ? 91  GLU   A O   1 
ATOM   1083 C  CB  . GLU   A 1 82  ? 11.769  -1.296  -6.491  1.00 32.97  ? 91  GLU   A CB  1 
ATOM   1084 C  CG  . GLU   A 1 82  ? 13.167  -1.789  -6.834  1.00 32.95  ? 91  GLU   A CG  1 
ATOM   1085 C  CD  . GLU   A 1 82  ? 13.869  -2.462  -5.693  1.00 34.32  ? 91  GLU   A CD  1 
ATOM   1086 O  OE1 . GLU   A 1 82  ? 13.887  -1.875  -4.595  1.00 36.01  ? 91  GLU   A OE1 1 
ATOM   1087 O  OE2 . GLU   A 1 82  ? 14.385  -3.586  -5.906  1.00 38.27  ? 91  GLU   A OE2 1 
ATOM   1088 N  N   . LEU   A 1 83  ? 11.951  -1.482  -9.889  1.00 34.68  ? 92  LEU   A N   1 
ATOM   1089 C  CA  . LEU   A 1 83  ? 12.097  -2.409  -11.045 1.00 34.02  ? 92  LEU   A CA  1 
ATOM   1090 C  C   . LEU   A 1 83  ? 13.583  -2.464  -11.399 1.00 39.48  ? 92  LEU   A C   1 
ATOM   1091 O  O   . LEU   A 1 83  ? 14.186  -1.373  -11.601 1.00 35.46  ? 92  LEU   A O   1 
ATOM   1092 C  CB  . LEU   A 1 83  ? 11.255  -1.952  -12.242 1.00 37.18  ? 92  LEU   A CB  1 
ATOM   1093 C  CG  . LEU   A 1 83  ? 11.407  -2.792  -13.521 1.00 35.77  ? 92  LEU   A CG  1 
ATOM   1094 C  CD1 . LEU   A 1 83  ? 10.976  -4.246  -13.288 1.00 36.08  ? 92  LEU   A CD1 1 
ATOM   1095 C  CD2 . LEU   A 1 83  ? 10.623  -2.165  -14.668 1.00 35.70  ? 92  LEU   A CD2 1 
ATOM   1096 N  N   . GLU   A 1 84  ? 14.143  -3.673  -11.387 1.00 36.12  ? 93  GLU   A N   1 
ATOM   1097 C  CA  . GLU   A 1 84  ? 15.558  -3.941  -11.768 1.00 42.97  ? 93  GLU   A CA  1 
ATOM   1098 C  C   . GLU   A 1 84  ? 16.455  -2.947  -11.026 1.00 46.12  ? 93  GLU   A C   1 
ATOM   1099 O  O   . GLU   A 1 84  ? 17.389  -2.370  -11.668 1.00 46.63  ? 93  GLU   A O   1 
ATOM   1100 C  CB  . GLU   A 1 84  ? 15.704  -3.914  -13.285 1.00 50.40  ? 93  GLU   A CB  1 
ATOM   1101 C  CG  . GLU   A 1 84  ? 15.058  -5.122  -13.933 1.00 53.23  ? 93  GLU   A CG  1 
ATOM   1102 C  CD  . GLU   A 1 84  ? 14.527  -4.875  -15.328 1.00 62.18  ? 93  GLU   A CD  1 
ATOM   1103 O  OE1 . GLU   A 1 84  ? 14.629  -3.733  -15.804 1.00 70.49  ? 93  GLU   A OE1 1 
ATOM   1104 O  OE2 . GLU   A 1 84  ? 13.994  -5.823  -15.927 1.00 69.40  ? 93  GLU   A OE2 1 
ATOM   1105 N  N   . GLY   A 1 85  ? 16.204  -2.804  -9.718  1.00 38.89  ? 94  GLY   A N   1 
ATOM   1106 C  CA  . GLY   A 1 85  ? 17.080  -2.120  -8.758  1.00 40.89  ? 94  GLY   A CA  1 
ATOM   1107 C  C   . GLY   A 1 85  ? 16.967  -0.608  -8.829  1.00 34.63  ? 94  GLY   A C   1 
ATOM   1108 O  O   . GLY   A 1 85  ? 17.744  0.041   -8.100  1.00 39.00  ? 94  GLY   A O   1 
ATOM   1109 N  N   . ILE   A 1 86  ? 16.020  -0.065  -9.604  1.00 36.97  ? 95  ILE   A N   1 
ATOM   1110 C  CA  . ILE   A 1 86  ? 15.747  1.400   -9.646  1.00 36.27  ? 95  ILE   A CA  1 
ATOM   1111 C  C   . ILE   A 1 86  ? 14.394  1.668   -8.964  1.00 37.66  ? 95  ILE   A C   1 
ATOM   1112 O  O   . ILE   A 1 86  ? 13.417  0.944   -9.268  1.00 37.41  ? 95  ILE   A O   1 
ATOM   1113 C  CB  . ILE   A 1 86  ? 15.824  1.939   -11.080 1.00 41.01  ? 95  ILE   A CB  1 
ATOM   1114 C  CG1 . ILE   A 1 86  ? 17.210  1.669   -11.675 1.00 39.94  ? 95  ILE   A CG1 1 
ATOM   1115 C  CG2 . ILE   A 1 86  ? 15.496  3.427   -11.115 1.00 40.57  ? 95  ILE   A CG2 1 
ATOM   1116 C  CD1 . ILE   A 1 86  ? 17.325  1.996   -13.140 1.00 41.95  ? 95  ILE   A CD1 1 
ATOM   1117 N  N   . GLN   A 1 87  ? 14.346  2.703   -8.122  1.00 37.68  ? 96  GLN   A N   1 
ATOM   1118 C  CA  . GLN   A 1 87  ? 13.169  3.112   -7.311  1.00 35.60  ? 96  GLN   A CA  1 
ATOM   1119 C  C   . GLN   A 1 87  ? 12.580  4.391   -7.893  1.00 41.40  ? 96  GLN   A C   1 
ATOM   1120 O  O   . GLN   A 1 87  ? 13.326  5.273   -8.387  1.00 38.70  ? 96  GLN   A O   1 
ATOM   1121 C  CB  . GLN   A 1 87  ? 13.538  3.232   -5.843  1.00 34.52  ? 96  GLN   A CB  1 
ATOM   1122 C  CG  . GLN   A 1 87  ? 13.748  1.849   -5.225  1.00 34.39  ? 96  GLN   A CG  1 
ATOM   1123 C  CD  . GLN   A 1 87  ? 13.759  1.829   -3.722  1.00 41.99  ? 96  GLN   A CD  1 
ATOM   1124 O  OE1 . GLN   A 1 87  ? 13.896  2.860   -3.054  1.00 39.67  ? 96  GLN   A OE1 1 
ATOM   1125 N  NE2 . GLN   A 1 87  ? 13.592  0.626   -3.170  1.00 40.68  ? 96  GLN   A NE2 1 
ATOM   1126 N  N   . TYR   A 1 88  ? 11.263  4.435   -7.926  1.00 38.64  ? 97  TYR   A N   1 
ATOM   1127 C  CA  . TYR   A 1 88  ? 10.465  5.552   -8.470  1.00 38.93  ? 97  TYR   A CA  1 
ATOM   1128 C  C   . TYR   A 1 88  ? 9.702   6.100   -7.275  1.00 43.53  ? 97  TYR   A C   1 
ATOM   1129 O  O   . TYR   A 1 88  ? 8.753   5.418   -6.741  1.00 44.09  ? 97  TYR   A O   1 
ATOM   1130 C  CB  . TYR   A 1 88  ? 9.652   5.085   -9.671  1.00 42.55  ? 97  TYR   A CB  1 
ATOM   1131 C  CG  . TYR   A 1 88  ? 10.524  4.479   -10.735 1.00 41.61  ? 97  TYR   A CG  1 
ATOM   1132 C  CD1 . TYR   A 1 88  ? 11.021  3.196   -10.591 1.00 37.65  ? 97  TYR   A CD1 1 
ATOM   1133 C  CD2 . TYR   A 1 88  ? 10.937  5.216   -11.835 1.00 46.36  ? 97  TYR   A CD2 1 
ATOM   1134 C  CE1 . TYR   A 1 88  ? 11.851  2.633   -11.543 1.00 43.44  ? 97  TYR   A CE1 1 
ATOM   1135 C  CE2 . TYR   A 1 88  ? 11.747  4.658   -12.810 1.00 46.61  ? 97  TYR   A CE2 1 
ATOM   1136 C  CZ  . TYR   A 1 88  ? 12.218  3.365   -12.656 1.00 47.27  ? 97  TYR   A CZ  1 
ATOM   1137 O  OH  . TYR   A 1 88  ? 13.025  2.778   -13.582 1.00 44.96  ? 97  TYR   A OH  1 
ATOM   1138 N  N   . GLY   A 1 89  ? 10.247  7.206   -6.780  1.00 41.02  ? 98  GLY   A N   1 
ATOM   1139 C  CA  . GLY   A 1 89  ? 9.906   7.774   -5.475  1.00 43.43  ? 98  GLY   A CA  1 
ATOM   1140 C  C   . GLY   A 1 89  ? 11.079  7.696   -4.526  1.00 42.05  ? 98  GLY   A C   1 
ATOM   1141 O  O   . GLY   A 1 89  ? 11.973  6.852   -4.676  1.00 44.89  ? 98  GLY   A O   1 
ATOM   1142 N  N   . ARG   A 1 90  ? 11.013  8.530   -3.514  1.00 44.79  ? 99  ARG   A N   1 
ATOM   1143 C  CA  . ARG   A 1 90  ? 12.076  8.721   -2.516  1.00 46.50  ? 99  ARG   A CA  1 
ATOM   1144 C  C   . ARG   A 1 90  ? 11.338  8.832   -1.187  1.00 40.94  ? 99  ARG   A C   1 
ATOM   1145 O  O   . ARG   A 1 90  ? 10.457  9.713   -1.072  1.00 43.55  ? 99  ARG   A O   1 
ATOM   1146 C  CB  . ARG   A 1 90  ? 12.856  9.959   -2.974  1.00 49.41  ? 99  ARG   A CB  1 
ATOM   1147 C  CG  . ARG   A 1 90  ? 13.604  10.685  -1.882  1.00 41.78  ? 99  ARG   A CG  1 
ATOM   1148 C  CD  . ARG   A 1 90  ? 14.469  11.822  -2.423  1.00 35.56  ? 99  ARG   A CD  1 
ATOM   1149 N  NE  . ARG   A 1 90  ? 15.706  11.640  -1.704  1.00 37.34  ? 99  ARG   A NE  1 
ATOM   1150 C  CZ  . ARG   A 1 90  ? 16.048  12.224  -0.556  1.00 36.10  ? 99  ARG   A CZ  1 
ATOM   1151 N  NH1 . ARG   A 1 90  ? 15.263  13.117  0.023   1.00 39.42  ? 99  ARG   A NH1 1 
ATOM   1152 N  NH2 . ARG   A 1 90  ? 17.184  11.878  0.024   1.00 35.56  ? 99  ARG   A NH2 1 
ATOM   1153 N  N   . SER   A 1 91  ? 11.606  7.956   -0.229  1.00 40.89  ? 100 SER   A N   1 
ATOM   1154 C  CA  . SER   A 1 91  ? 10.918  8.021   1.083   1.00 38.94  ? 100 SER   A CA  1 
ATOM   1155 C  C   . SER   A 1 91  ? 11.774  7.347   2.151   1.00 42.69  ? 100 SER   A C   1 
ATOM   1156 O  O   . SER   A 1 91  ? 12.995  7.161   1.904   1.00 48.98  ? 100 SER   A O   1 
ATOM   1157 C  CB  . SER   A 1 91  ? 9.524   7.417   0.990   1.00 41.44  ? 100 SER   A CB  1 
ATOM   1158 O  OG  . SER   A 1 91  ? 8.811   7.623   2.202   1.00 41.45  ? 100 SER   A OG  1 
ATOM   1159 N  N   . GLY   A 1 92  ? 11.174  6.994   3.289   1.00 36.82  ? 101 GLY   A N   1 
ATOM   1160 C  CA  . GLY   A 1 92  ? 11.901  6.446   4.457   1.00 40.32  ? 101 GLY   A CA  1 
ATOM   1161 C  C   . GLY   A 1 92  ? 11.948  4.930   4.485   1.00 40.03  ? 101 GLY   A C   1 
ATOM   1162 O  O   . GLY   A 1 92  ? 11.969  4.315   3.422   1.00 39.23  ? 101 GLY   A O   1 
ATOM   1163 N  N   . GLU   A 1 93  ? 12.002  4.369   5.691   1.00 39.34  ? 102 GLU   A N   1 
ATOM   1164 C  CA  . GLU   A 1 93  ? 12.171  2.922   5.929   1.00 47.34  ? 102 GLU   A CA  1 
ATOM   1165 C  C   . GLU   A 1 93  ? 10.973  2.168   5.353   1.00 41.11  ? 102 GLU   A C   1 
ATOM   1166 O  O   . GLU   A 1 93  ? 9.828   2.592   5.558   1.00 42.57  ? 102 GLU   A O   1 
ATOM   1167 C  CB  . GLU   A 1 93  ? 12.293  2.614   7.419   1.00 48.57  ? 102 GLU   A CB  1 
ATOM   1168 C  CG  . GLU   A 1 93  ? 13.150  1.392   7.680   1.00 57.73  ? 102 GLU   A CG  1 
ATOM   1169 C  CD  . GLU   A 1 93  ? 12.967  0.766   9.047   1.00 68.50  ? 102 GLU   A CD  1 
ATOM   1170 O  OE1 . GLU   A 1 93  ? 12.441  1.458   9.953   1.00 75.29  ? 102 GLU   A OE1 1 
ATOM   1171 O  OE2 . GLU   A 1 93  ? 13.335  -0.420  9.195   1.00 78.62  ? 102 GLU   A OE2 1 
ATOM   1172 N  N   . THR   A 1 94  ? 11.243  1.061   4.677   1.00 43.91  ? 103 THR   A N   1 
ATOM   1173 C  CA  . THR   A 1 94  ? 10.213  0.119   4.184   1.00 36.79  ? 103 THR   A CA  1 
ATOM   1174 C  C   . THR   A 1 94  ? 9.444   -0.515  5.345   1.00 36.11  ? 103 THR   A C   1 
ATOM   1175 O  O   . THR   A 1 94  ? 10.078  -1.050  6.252   1.00 43.15  ? 103 THR   A O   1 
ATOM   1176 C  CB  . THR   A 1 94  ? 10.881  -0.962  3.331   1.00 43.31  ? 103 THR   A CB  1 
ATOM   1177 O  OG1 . THR   A 1 94  ? 11.335  -0.227  2.206   1.00 39.60  ? 103 THR   A OG1 1 
ATOM   1178 C  CG2 . THR   A 1 94  ? 9.944   -2.084  2.932   1.00 42.07  ? 103 THR   A CG2 1 
ATOM   1179 N  N   . LEU   A 1 95  ? 8.127   -0.422  5.330   1.00 34.60  ? 104 LEU   A N   1 
ATOM   1180 C  CA  . LEU   A 1 95  ? 7.218   -1.155  6.238   1.00 39.92  ? 104 LEU   A CA  1 
ATOM   1181 C  C   . LEU   A 1 95  ? 6.861   -2.507  5.598   1.00 34.14  ? 104 LEU   A C   1 
ATOM   1182 O  O   . LEU   A 1 95  ? 6.649   -3.475  6.346   1.00 40.22  ? 104 LEU   A O   1 
ATOM   1183 C  CB  . LEU   A 1 95  ? 5.982   -0.290  6.506   1.00 46.99  ? 104 LEU   A CB  1 
ATOM   1184 C  CG  . LEU   A 1 95  ? 6.137   0.745   7.620   1.00 50.32  ? 104 LEU   A CG  1 
ATOM   1185 C  CD1 . LEU   A 1 95  ? 6.847   1.979   7.098   1.00 50.68  ? 104 LEU   A CD1 1 
ATOM   1186 C  CD2 . LEU   A 1 95  ? 4.772   1.109   8.198   1.00 55.59  ? 104 LEU   A CD2 1 
ATOM   1187 N  N   . GLY   A 1 96  ? 6.933   -2.599  4.279   1.00 32.32  ? 105 GLY   A N   1 
ATOM   1188 C  CA  . GLY   A 1 96  ? 6.841   -3.888  3.563   1.00 31.75  ? 105 GLY   A CA  1 
ATOM   1189 C  C   . GLY   A 1 96  ? 6.455   -3.701  2.119   1.00 32.73  ? 105 GLY   A C   1 
ATOM   1190 O  O   . GLY   A 1 96  ? 6.440   -2.552  1.623   1.00 31.97  ? 105 GLY   A O   1 
ATOM   1191 N  N   . VAL   A 1 97  ? 6.078   -4.796  1.468   1.00 27.45  ? 106 VAL   A N   1 
ATOM   1192 C  CA  . VAL   A 1 97  ? 5.777   -4.803  0.026   1.00 27.53  ? 106 VAL   A CA  1 
ATOM   1193 C  C   . VAL   A 1 97  ? 4.279   -5.065  -0.087  1.00 28.75  ? 106 VAL   A C   1 
ATOM   1194 O  O   . VAL   A 1 97  ? 3.761   -5.956  0.634   1.00 28.28  ? 106 VAL   A O   1 
ATOM   1195 C  CB  . VAL   A 1 97  ? 6.645   -5.790  -0.781  1.00 31.69  ? 106 VAL   A CB  1 
ATOM   1196 C  CG1 . VAL   A 1 97  ? 6.669   -7.176  -0.200  1.00 34.37  ? 106 VAL   A CG1 1 
ATOM   1197 C  CG2 . VAL   A 1 97  ? 6.199   -5.852  -2.246  1.00 28.43  ? 106 VAL   A CG2 1 
ATOM   1198 N  N   . LEU   A 1 98  ? 3.605   -4.305  -0.921  1.00 26.66  ? 107 LEU   A N   1 
ATOM   1199 C  CA  . LEU   A 1 98  ? 2.156   -4.468  -1.109  1.00 27.27  ? 107 LEU   A CA  1 
ATOM   1200 C  C   . LEU   A 1 98  ? 1.902   -5.525  -2.170  1.00 26.56  ? 107 LEU   A C   1 
ATOM   1201 O  O   . LEU   A 1 98  ? 2.639   -5.592  -3.183  1.00 29.99  ? 107 LEU   A O   1 
ATOM   1202 C  CB  . LEU   A 1 98  ? 1.514   -3.157  -1.522  1.00 27.06  ? 107 LEU   A CB  1 
ATOM   1203 C  CG  . LEU   A 1 98  ? 1.680   -1.985  -0.566  1.00 30.87  ? 107 LEU   A CG  1 
ATOM   1204 C  CD1 . LEU   A 1 98  ? 0.931   -0.802  -1.147  1.00 31.78  ? 107 LEU   A CD1 1 
ATOM   1205 C  CD2 . LEU   A 1 98  ? 1.192   -2.305  0.831   1.00 29.04  ? 107 LEU   A CD2 1 
ATOM   1206 N  N   . VAL   A 1 99  ? 0.806   -6.265  -1.963  1.00 24.90  ? 108 VAL   A N   1 
ATOM   1207 C  CA  . VAL   A 1 99  ? 0.323   -7.295  -2.913  1.00 24.98  ? 108 VAL   A CA  1 
ATOM   1208 C  C   . VAL   A 1 99  ? -1.187  -7.221  -2.905  1.00 25.03  ? 108 VAL   A C   1 
ATOM   1209 O  O   . VAL   A 1 99  ? -1.763  -6.816  -1.918  1.00 24.53  ? 108 VAL   A O   1 
ATOM   1210 C  CB  . VAL   A 1 99  ? 0.827   -8.706  -2.525  1.00 26.05  ? 108 VAL   A CB  1 
ATOM   1211 C  CG1 . VAL   A 1 99  ? 2.334   -8.824  -2.700  1.00 27.52  ? 108 VAL   A CG1 1 
ATOM   1212 C  CG2 . VAL   A 1 99  ? 0.414   -9.116  -1.125  1.00 25.97  ? 108 VAL   A CG2 1 
ATOM   1213 N  N   . PRO   A 1 100 ? -1.851  -7.743  -3.941  1.00 24.51  ? 109 PRO   A N   1 
ATOM   1214 C  CA  . PRO   A 1 100 ? -3.283  -7.986  -3.890  1.00 27.22  ? 109 PRO   A CA  1 
ATOM   1215 C  C   . PRO   A 1 100 ? -3.599  -8.922  -2.723  1.00 26.48  ? 109 PRO   A C   1 
ATOM   1216 O  O   . PRO   A 1 100 ? -2.793  -9.817  -2.405  1.00 25.47  ? 109 PRO   A O   1 
ATOM   1217 C  CB  . PRO   A 1 100 ? -3.613  -8.654  -5.225  1.00 27.35  ? 109 PRO   A CB  1 
ATOM   1218 C  CG  . PRO   A 1 100 ? -2.493  -8.217  -6.136  1.00 26.07  ? 109 PRO   A CG  1 
ATOM   1219 C  CD  . PRO   A 1 100 ? -1.285  -8.098  -5.249  1.00 25.28  ? 109 PRO   A CD  1 
ATOM   1220 N  N   . HIS   A 1 101 ? -4.731  -8.637  -2.092  1.00 25.92  ? 110 HIS   A N   1 
ATOM   1221 C  CA  . HIS   A 1 101 ? -5.362  -9.511  -1.078  1.00 25.70  ? 110 HIS   A CA  1 
ATOM   1222 C  C   . HIS   A 1 101 ? -6.595  -10.169 -1.690  1.00 26.79  ? 110 HIS   A C   1 
ATOM   1223 O  O   . HIS   A 1 101 ? -7.551  -9.452  -2.062  1.00 26.13  ? 110 HIS   A O   1 
ATOM   1224 C  CB  . HIS   A 1 101 ? -5.730  -8.705  0.150   1.00 25.98  ? 110 HIS   A CB  1 
ATOM   1225 C  CG  . HIS   A 1 101 ? -6.228  -9.601  1.241   1.00 26.95  ? 110 HIS   A CG  1 
ATOM   1226 N  ND1 . HIS   A 1 101 ? -7.307  -9.276  2.051   1.00 32.42  ? 110 HIS   A ND1 1 
ATOM   1227 C  CD2 . HIS   A 1 101 ? -5.748  -10.776 1.694   1.00 25.14  ? 110 HIS   A CD2 1 
ATOM   1228 C  CE1 . HIS   A 1 101 ? -7.446  -10.234 2.958   1.00 32.98  ? 110 HIS   A CE1 1 
ATOM   1229 N  NE2 . HIS   A 1 101 ? -6.513  -11.159 2.770   1.00 25.00  ? 110 HIS   A NE2 1 
ATOM   1230 N  N   . VAL   A 1 102 ? -6.595  -11.495 -1.764  1.00 23.85  ? 111 VAL   A N   1 
ATOM   1231 C  CA  . VAL   A 1 102 ? -7.715  -12.250 -2.380  1.00 25.83  ? 111 VAL   A CA  1 
ATOM   1232 C  C   . VAL   A 1 102 ? -8.268  -13.252 -1.358  1.00 30.46  ? 111 VAL   A C   1 
ATOM   1233 O  O   . VAL   A 1 102 ? -8.823  -14.291 -1.798  1.00 35.81  ? 111 VAL   A O   1 
ATOM   1234 C  CB  . VAL   A 1 102 ? -7.306  -12.915 -3.710  1.00 27.32  ? 111 VAL   A CB  1 
ATOM   1235 C  CG1 . VAL   A 1 102 ? -6.905  -11.878 -4.741  1.00 28.94  ? 111 VAL   A CG1 1 
ATOM   1236 C  CG2 . VAL   A 1 102 ? -6.189  -13.909 -3.527  1.00 28.76  ? 111 VAL   A CG2 1 
ATOM   1237 N  N   . GLY   A 1 103 ? -8.182  -12.925 -0.067  1.00 29.34  ? 112 GLY   A N   1 
ATOM   1238 C  CA  . GLY   A 1 103 ? -8.799  -13.701 1.029   1.00 29.90  ? 112 GLY   A CA  1 
ATOM   1239 C  C   . GLY   A 1 103 ? -7.835  -14.556 1.816   1.00 28.20  ? 112 GLY   A C   1 
ATOM   1240 O  O   . GLY   A 1 103 ? -8.309  -15.294 2.674   1.00 31.05  ? 112 GLY   A O   1 
ATOM   1241 N  N   . GLU   A 1 104 ? -6.534  -14.403 1.620   1.00 26.10  ? 113 GLU   A N   1 
ATOM   1242 C  CA  . GLU   A 1 104 ? -5.501  -15.034 2.473   1.00 27.02  ? 113 GLU   A CA  1 
ATOM   1243 C  C   . GLU   A 1 104 ? -5.714  -14.592 3.923   1.00 28.62  ? 113 GLU   A C   1 
ATOM   1244 O  O   . GLU   A 1 104 ? -6.107  -13.460 4.203   1.00 27.84  ? 113 GLU   A O   1 
ATOM   1245 C  CB  . GLU   A 1 104 ? -4.075  -14.728 2.024   1.00 25.03  ? 113 GLU   A CB  1 
ATOM   1246 C  CG  . GLU   A 1 104 ? -3.782  -15.130 0.588   1.00 25.94  ? 113 GLU   A CG  1 
ATOM   1247 C  CD  . GLU   A 1 104 ? -3.995  -14.035 -0.450  1.00 25.89  ? 113 GLU   A CD  1 
ATOM   1248 O  OE1 . GLU   A 1 104 ? -4.858  -13.178 -0.244  1.00 26.51  ? 113 GLU   A OE1 1 
ATOM   1249 O  OE2 . GLU   A 1 104 ? -3.276  -14.068 -1.457  1.00 25.24  ? 113 GLU   A OE2 1 
ATOM   1250 N  N   . ILE   A 1 105 ? -5.498  -15.505 4.852   1.00 29.53  ? 114 ILE   A N   1 
ATOM   1251 C  CA  . ILE   A 1 105 ? -5.589  -15.190 6.301   1.00 27.20  ? 114 ILE   A CA  1 
ATOM   1252 C  C   . ILE   A 1 105 ? -4.327  -14.467 6.743   1.00 27.68  ? 114 ILE   A C   1 
ATOM   1253 O  O   . ILE   A 1 105 ? -3.199  -14.998 6.648   1.00 29.16  ? 114 ILE   A O   1 
ATOM   1254 C  CB  . ILE   A 1 105 ? -5.779  -16.495 7.099   1.00 29.40  ? 114 ILE   A CB  1 
ATOM   1255 C  CG1 . ILE   A 1 105 ? -7.007  -17.256 6.599   1.00 31.54  ? 114 ILE   A CG1 1 
ATOM   1256 C  CG2 . ILE   A 1 105 ? -5.814  -16.199 8.593   1.00 31.47  ? 114 ILE   A CG2 1 
ATOM   1257 C  CD1 . ILE   A 1 105 ? -8.270  -16.489 6.645   1.00 32.05  ? 114 ILE   A CD1 1 
ATOM   1258 N  N   . PRO   A 1 106 ? -4.467  -13.256 7.328   1.00 25.32  ? 115 PRO   A N   1 
ATOM   1259 C  CA  . PRO   A 1 106 ? -3.323  -12.519 7.827   1.00 27.09  ? 115 PRO   A CA  1 
ATOM   1260 C  C   . PRO   A 1 106 ? -2.756  -13.077 9.138   1.00 27.51  ? 115 PRO   A C   1 
ATOM   1261 O  O   . PRO   A 1 106 ? -3.441  -13.822 9.847   1.00 27.82  ? 115 PRO   A O   1 
ATOM   1262 C  CB  . PRO   A 1 106 ? -3.874  -11.100 8.007   1.00 28.86  ? 115 PRO   A CB  1 
ATOM   1263 C  CG  . PRO   A 1 106 ? -5.306  -11.315 8.333   1.00 28.03  ? 115 PRO   A CG  1 
ATOM   1264 C  CD  . PRO   A 1 106 ? -5.728  -12.525 7.528   1.00 28.62  ? 115 PRO   A CD  1 
ATOM   1265 N  N   . VAL   A 1 107 ? -1.533  -12.663 9.462   1.00 28.94  ? 116 VAL   A N   1 
ATOM   1266 C  CA  . VAL   A 1 107 ? -0.889  -12.943 10.777  1.00 31.22  ? 116 VAL   A CA  1 
ATOM   1267 C  C   . VAL   A 1 107 ? -0.992  -11.717 11.685  1.00 31.04  ? 116 VAL   A C   1 
ATOM   1268 O  O   . VAL   A 1 107 ? -0.735  -11.841 12.902  1.00 33.33  ? 116 VAL   A O   1 
ATOM   1269 C  CB  . VAL   A 1 107 ? 0.569   -13.396 10.578  1.00 30.85  ? 116 VAL   A CB  1 
ATOM   1270 C  CG1 . VAL   A 1 107 ? 0.603   -14.678 9.775   1.00 34.49  ? 116 VAL   A CG1 1 
ATOM   1271 C  CG2 . VAL   A 1 107 ? 1.426   -12.324 9.977   1.00 30.28  ? 116 VAL   A CG2 1 
ATOM   1272 N  N   . ALA   A 1 108 ? -1.306  -10.555 11.116  1.00 29.56  ? 117 ALA   A N   1 
ATOM   1273 C  CA  . ALA   A 1 108 ? -1.381  -9.283  11.858  1.00 31.19  ? 117 ALA   A CA  1 
ATOM   1274 C  C   . ALA   A 1 108 ? -1.999  -8.221  10.960  1.00 32.48  ? 117 ALA   A C   1 
ATOM   1275 O  O   . ALA   A 1 108 ? -2.232  -8.506  9.788   1.00 27.24  ? 117 ALA   A O   1 
ATOM   1276 C  CB  . ALA   A 1 108 ? -0.018  -8.823  12.296  1.00 34.38  ? 117 ALA   A CB  1 
ATOM   1277 N  N   . TYR   A 1 109 ? -2.236  -7.046  11.533  1.00 30.39  ? 118 TYR   A N   1 
ATOM   1278 C  CA  . TYR   A 1 109 ? -2.692  -5.846  10.796  1.00 34.33  ? 118 TYR   A CA  1 
ATOM   1279 C  C   . TYR   A 1 109 ? -1.712  -4.728  11.085  1.00 37.90  ? 118 TYR   A C   1 
ATOM   1280 O  O   . TYR   A 1 109 ? -1.200  -4.674  12.221  1.00 46.86  ? 118 TYR   A O   1 
ATOM   1281 C  CB  . TYR   A 1 109 ? -4.125  -5.489  11.181  1.00 32.33  ? 118 TYR   A CB  1 
ATOM   1282 C  CG  . TYR   A 1 109 ? -5.164  -6.433  10.645  1.00 33.52  ? 118 TYR   A CG  1 
ATOM   1283 C  CD1 . TYR   A 1 109 ? -5.718  -6.250  9.386   1.00 31.24  ? 118 TYR   A CD1 1 
ATOM   1284 C  CD2 . TYR   A 1 109 ? -5.537  -7.551  11.356  1.00 31.84  ? 118 TYR   A CD2 1 
ATOM   1285 C  CE1 . TYR   A 1 109 ? -6.634  -7.134  8.856   1.00 32.29  ? 118 TYR   A CE1 1 
ATOM   1286 C  CE2 . TYR   A 1 109 ? -6.462  -8.435  10.838  1.00 31.34  ? 118 TYR   A CE2 1 
ATOM   1287 C  CZ  . TYR   A 1 109 ? -7.019  -8.231  9.607   1.00 31.20  ? 118 TYR   A CZ  1 
ATOM   1288 O  OH  . TYR   A 1 109 ? -7.919  -9.110  9.087   1.00 36.81  ? 118 TYR   A OH  1 
ATOM   1289 N  N   . ARG   A 1 110 ? -1.419  -3.930  10.073  1.00 35.67  ? 119 ARG   A N   1 
ATOM   1290 C  CA  . ARG   A 1 110 ? -0.489  -2.778  10.111  1.00 38.78  ? 119 ARG   A CA  1 
ATOM   1291 C  C   . ARG   A 1 110 ? -1.313  -1.525  9.839   1.00 39.59  ? 119 ARG   A C   1 
ATOM   1292 O  O   . ARG   A 1 110 ? -1.840  -1.393  8.738   1.00 35.15  ? 119 ARG   A O   1 
ATOM   1293 C  CB  . ARG   A 1 110 ? 0.610   -2.988  9.069   1.00 45.66  ? 119 ARG   A CB  1 
ATOM   1294 C  CG  . ARG   A 1 110 ? 1.833   -2.115  9.277   1.00 50.91  ? 119 ARG   A CG  1 
ATOM   1295 C  CD  . ARG   A 1 110 ? 2.611   -2.531  10.509  1.00 55.16  ? 119 ARG   A CD  1 
ATOM   1296 N  NE  . ARG   A 1 110 ? 3.232   -1.333  11.026  1.00 59.85  ? 119 ARG   A NE  1 
ATOM   1297 C  CZ  . ARG   A 1 110 ? 4.515   -1.032  10.943  1.00 61.93  ? 119 ARG   A CZ  1 
ATOM   1298 N  NH1 . ARG   A 1 110 ? 5.375   -1.877  10.400  1.00 64.13  ? 119 ARG   A NH1 1 
ATOM   1299 N  NH2 . ARG   A 1 110 ? 4.938   0.121   11.432  1.00 67.39  ? 119 ARG   A NH2 1 
ATOM   1300 N  N   . LYS   A 1 111 ? -1.489  -0.691  10.858  1.00 41.82  ? 120 LYS   A N   1 
ATOM   1301 C  CA  . LYS   A 1 111 ? -2.253  0.578   10.759  1.00 44.36  ? 120 LYS   A CA  1 
ATOM   1302 C  C   . LYS   A 1 111 ? -1.314  1.606   10.131  1.00 37.78  ? 120 LYS   A C   1 
ATOM   1303 O  O   . LYS   A 1 111 ? -0.200  1.820   10.655  1.00 42.25  ? 120 LYS   A O   1 
ATOM   1304 C  CB  . LYS   A 1 111 ? -2.755  1.017   12.142  1.00 45.66  ? 120 LYS   A CB  1 
ATOM   1305 C  CG  . LYS   A 1 111 ? -3.665  0.019   12.842  1.00 52.84  ? 120 LYS   A CG  1 
ATOM   1306 C  CD  . LYS   A 1 111 ? -4.286  0.529   14.125  1.00 56.32  ? 120 LYS   A CD  1 
ATOM   1307 C  CE  . LYS   A 1 111 ? -3.263  0.701   15.228  1.00 66.08  ? 120 LYS   A CE  1 
ATOM   1308 N  NZ  . LYS   A 1 111 ? -3.722  1.669   16.257  1.00 71.56  ? 120 LYS   A NZ  1 
ATOM   1309 N  N   A VAL   A 1 112 ? -1.754  2.193   9.013   0.30 35.22  ? 121 VAL   A N   1 
ATOM   1310 N  N   B VAL   A 1 112 ? -1.753  2.193   9.013   0.29 35.26  ? 121 VAL   A N   1 
ATOM   1311 N  N   C VAL   A 1 112 ? -1.738  2.246   9.040   0.21 38.37  ? 121 VAL   A N   1 
ATOM   1312 N  N   D VAL   A 1 112 ? -1.738  2.246   9.040   0.20 38.45  ? 121 VAL   A N   1 
ATOM   1313 C  CA  A VAL   A 1 112 ? -0.985  3.207   8.231   0.30 34.43  ? 121 VAL   A CA  1 
ATOM   1314 C  CA  B VAL   A 1 112 ? -0.985  3.207   8.231   0.29 34.46  ? 121 VAL   A CA  1 
ATOM   1315 C  CA  C VAL   A 1 112 ? -0.939  3.316   8.371   0.21 39.06  ? 121 VAL   A CA  1 
ATOM   1316 C  CA  D VAL   A 1 112 ? -0.939  3.316   8.371   0.20 39.10  ? 121 VAL   A CA  1 
ATOM   1317 C  C   A VAL   A 1 112 ? -1.904  4.386   7.902   0.30 34.63  ? 121 VAL   A C   1 
ATOM   1318 C  C   B VAL   A 1 112 ? -1.903  4.387   7.901   0.29 34.65  ? 121 VAL   A C   1 
ATOM   1319 C  C   C VAL   A 1 112 ? -1.858  4.490   8.021   0.21 39.67  ? 121 VAL   A C   1 
ATOM   1320 C  C   D VAL   A 1 112 ? -1.857  4.490   8.021   0.20 39.70  ? 121 VAL   A C   1 
ATOM   1321 O  O   A VAL   A 1 112 ? -3.140  4.206   7.835   0.30 34.88  ? 121 VAL   A O   1 
ATOM   1322 O  O   B VAL   A 1 112 ? -3.139  4.205   7.836   0.29 34.87  ? 121 VAL   A O   1 
ATOM   1323 O  O   C VAL   A 1 112 ? -3.060  4.260   7.774   0.21 38.99  ? 121 VAL   A O   1 
ATOM   1324 O  O   D VAL   A 1 112 ? -3.060  4.260   7.774   0.20 39.02  ? 121 VAL   A O   1 
ATOM   1325 C  CB  A VAL   A 1 112 ? -0.350  2.608   6.959   0.30 34.32  ? 121 VAL   A CB  1 
ATOM   1326 C  CB  B VAL   A 1 112 ? -0.350  2.608   6.959   0.29 34.33  ? 121 VAL   A CB  1 
ATOM   1327 C  CB  C VAL   A 1 112 ? -0.191  2.792   7.128   0.21 38.96  ? 121 VAL   A CB  1 
ATOM   1328 C  CB  D VAL   A 1 112 ? -0.191  2.792   7.128   0.20 39.00  ? 121 VAL   A CB  1 
ATOM   1329 C  CG1 A VAL   A 1 112 ? 0.543   1.427   7.292   0.30 34.55  ? 121 VAL   A CG1 1 
ATOM   1330 C  CG1 B VAL   A 1 112 ? 0.544   1.428   7.292   0.29 34.55  ? 121 VAL   A CG1 1 
ATOM   1331 C  CG1 C VAL   A 1 112 ? 0.832   1.732   7.499   0.21 39.82  ? 121 VAL   A CG1 1 
ATOM   1332 C  CG1 D VAL   A 1 112 ? 0.832   1.732   7.499   0.20 39.80  ? 121 VAL   A CG1 1 
ATOM   1333 C  CG2 A VAL   A 1 112 ? -1.390  2.213   5.916   0.30 34.07  ? 121 VAL   A CG2 1 
ATOM   1334 C  CG2 B VAL   A 1 112 ? -1.390  2.212   5.916   0.29 34.08  ? 121 VAL   A CG2 1 
ATOM   1335 C  CG2 C VAL   A 1 112 ? -1.141  2.267   6.059   0.21 39.40  ? 121 VAL   A CG2 1 
ATOM   1336 C  CG2 D VAL   A 1 112 ? -1.141  2.268   6.059   0.20 39.40  ? 121 VAL   A CG2 1 
ATOM   1337 N  N   A LEU   A 1 113 ? -1.295  5.559   7.736   0.30 34.22  ? 122 LEU   A N   1 
ATOM   1338 N  N   B LEU   A 1 113 ? -1.293  5.559   7.736   0.29 34.25  ? 122 LEU   A N   1 
ATOM   1339 N  N   C LEU   A 1 113 ? -1.303  5.703   8.044   0.21 41.20  ? 122 LEU   A N   1 
ATOM   1340 N  N   D LEU   A 1 113 ? -1.303  5.703   8.044   0.20 41.23  ? 122 LEU   A N   1 
ATOM   1341 C  CA  A LEU   A 1 113 ? -1.933  6.789   7.214   0.30 35.83  ? 122 LEU   A CA  1 
ATOM   1342 C  CA  B LEU   A 1 113 ? -1.933  6.789   7.214   0.29 35.85  ? 122 LEU   A CA  1 
ATOM   1343 C  CA  C LEU   A 1 113 ? -1.922  6.911   7.446   0.21 42.74  ? 122 LEU   A CA  1 
ATOM   1344 C  CA  D LEU   A 1 113 ? -1.922  6.912   7.445   0.20 42.75  ? 122 LEU   A CA  1 
ATOM   1345 C  C   A LEU   A 1 113 ? -1.320  7.009   5.835   0.30 35.97  ? 122 LEU   A C   1 
ATOM   1346 C  C   B LEU   A 1 113 ? -1.320  7.010   5.835   0.29 35.98  ? 122 LEU   A C   1 
ATOM   1347 C  C   C LEU   A 1 113 ? -1.284  7.087   6.071   0.21 42.22  ? 122 LEU   A C   1 
ATOM   1348 C  C   D LEU   A 1 113 ? -1.285  7.088   6.070   0.20 42.24  ? 122 LEU   A C   1 
ATOM   1349 O  O   A LEU   A 1 113 ? -0.139  7.397   5.763   0.30 33.45  ? 122 LEU   A O   1 
ATOM   1350 O  O   B LEU   A 1 113 ? -0.139  7.400   5.764   0.29 33.47  ? 122 LEU   A O   1 
ATOM   1351 O  O   C LEU   A 1 113 ? -0.126  7.534   6.005   0.21 40.29  ? 122 LEU   A O   1 
ATOM   1352 O  O   D LEU   A 1 113 ? -0.127  7.537   6.003   0.20 40.36  ? 122 LEU   A O   1 
ATOM   1353 C  CB  A LEU   A 1 113 ? -1.656  7.940   8.192   0.30 38.73  ? 122 LEU   A CB  1 
ATOM   1354 C  CB  B LEU   A 1 113 ? -1.656  7.940   8.192   0.29 38.71  ? 122 LEU   A CB  1 
ATOM   1355 C  CB  C LEU   A 1 113 ? -1.696  8.133   8.345   0.21 45.09  ? 122 LEU   A CB  1 
ATOM   1356 C  CB  D LEU   A 1 113 ? -1.696  8.132   8.345   0.20 45.05  ? 122 LEU   A CB  1 
ATOM   1357 C  CG  A LEU   A 1 113 ? -2.544  9.182   8.091   0.30 39.98  ? 122 LEU   A CG  1 
ATOM   1358 C  CG  B LEU   A 1 113 ? -2.544  9.182   8.091   0.29 39.96  ? 122 LEU   A CG  1 
ATOM   1359 C  CG  C LEU   A 1 113 ? -2.509  9.374   7.977   0.21 46.71  ? 122 LEU   A CG  1 
ATOM   1360 C  CG  D LEU   A 1 113 ? -2.509  9.374   7.977   0.20 46.64  ? 122 LEU   A CG  1 
ATOM   1361 C  CD1 A LEU   A 1 113 ? -4.025  8.833   8.009   0.30 41.55  ? 122 LEU   A CD1 1 
ATOM   1362 C  CD1 B LEU   A 1 113 ? -4.024  8.833   8.010   0.29 41.50  ? 122 LEU   A CD1 1 
ATOM   1363 C  CD1 C LEU   A 1 113 ? -4.006  9.090   8.029   0.21 47.34  ? 122 LEU   A CD1 1 
ATOM   1364 C  CD1 D LEU   A 1 113 ? -4.005  9.090   8.029   0.20 47.26  ? 122 LEU   A CD1 1 
ATOM   1365 C  CD2 A LEU   A 1 113 ? -2.299  10.102  9.283   0.30 41.96  ? 122 LEU   A CD2 1 
ATOM   1366 C  CD2 B LEU   A 1 113 ? -2.299  10.103  9.283   0.29 41.91  ? 122 LEU   A CD2 1 
ATOM   1367 C  CD2 C LEU   A 1 113 ? -2.170  10.550  8.884   0.21 48.29  ? 122 LEU   A CD2 1 
ATOM   1368 C  CD2 D LEU   A 1 113 ? -2.169  10.550  8.885   0.20 48.16  ? 122 LEU   A CD2 1 
ATOM   1369 N  N   A LEU   A 1 114 ? -2.057  6.653   4.788   0.30 35.47  ? 123 LEU   A N   1 
ATOM   1370 N  N   B LEU   A 1 114 ? -2.057  6.653   4.788   0.29 35.52  ? 123 LEU   A N   1 
ATOM   1371 N  N   C LEU   A 1 114 ? -1.995  6.682   5.022   0.21 41.21  ? 123 LEU   A N   1 
ATOM   1372 N  N   D LEU   A 1 114 ? -1.996  6.682   5.022   0.20 41.33  ? 123 LEU   A N   1 
ATOM   1373 C  CA  A LEU   A 1 114 ? -1.537  6.645   3.400   0.30 38.64  ? 123 LEU   A CA  1 
ATOM   1374 C  CA  B LEU   A 1 114 ? -1.537  6.645   3.400   0.29 38.66  ? 123 LEU   A CA  1 
ATOM   1375 C  CA  C LEU   A 1 114 ? -1.432  6.601   3.654   0.21 43.22  ? 123 LEU   A CA  1 
ATOM   1376 C  CA  D LEU   A 1 114 ? -1.432  6.600   3.654   0.20 43.27  ? 123 LEU   A CA  1 
ATOM   1377 C  C   A LEU   A 1 114 ? -1.716  8.033   2.790   0.30 41.32  ? 123 LEU   A C   1 
ATOM   1378 C  C   B LEU   A 1 114 ? -1.716  8.032   2.789   0.29 41.35  ? 123 LEU   A C   1 
ATOM   1379 C  C   C LEU   A 1 114 ? -1.628  7.936   2.936   0.21 43.36  ? 123 LEU   A C   1 
ATOM   1380 C  C   D LEU   A 1 114 ? -1.627  7.935   2.937   0.20 43.42  ? 123 LEU   A C   1 
ATOM   1381 O  O   A LEU   A 1 114 ? -2.867  8.483   2.688   0.30 39.87  ? 123 LEU   A O   1 
ATOM   1382 O  O   B LEU   A 1 114 ? -2.867  8.483   2.687   0.29 39.89  ? 123 LEU   A O   1 
ATOM   1383 O  O   C LEU   A 1 114 ? -2.789  8.337   2.741   0.21 41.81  ? 123 LEU   A O   1 
ATOM   1384 O  O   D LEU   A 1 114 ? -2.789  8.338   2.741   0.20 41.87  ? 123 LEU   A O   1 
ATOM   1385 C  CB  A LEU   A 1 114 ? -2.280  5.595   2.572   0.30 38.41  ? 123 LEU   A CB  1 
ATOM   1386 C  CB  B LEU   A 1 114 ? -2.279  5.593   2.573   0.29 38.43  ? 123 LEU   A CB  1 
ATOM   1387 C  CB  C LEU   A 1 114 ? -2.112  5.462   2.894   0.21 44.65  ? 123 LEU   A CB  1 
ATOM   1388 C  CB  D LEU   A 1 114 ? -2.112  5.462   2.893   0.20 44.66  ? 123 LEU   A CB  1 
ATOM   1389 C  CG  A LEU   A 1 114 ? -2.020  5.654   1.069   0.30 39.27  ? 123 LEU   A CG  1 
ATOM   1390 C  CG  B LEU   A 1 114 ? -2.019  5.654   1.069   0.29 39.26  ? 123 LEU   A CG  1 
ATOM   1391 C  CG  C LEU   A 1 114 ? -1.570  5.221   1.487   0.21 46.44  ? 123 LEU   A CG  1 
ATOM   1392 C  CG  D LEU   A 1 114 ? -1.572  5.221   1.485   0.20 46.40  ? 123 LEU   A CG  1 
ATOM   1393 C  CD1 A LEU   A 1 114 ? -0.613  5.169   0.736   0.30 38.05  ? 123 LEU   A CD1 1 
ATOM   1394 C  CD1 B LEU   A 1 114 ? -0.613  5.168   0.738   0.29 38.07  ? 123 LEU   A CD1 1 
ATOM   1395 C  CD1 C LEU   A 1 114 ? -0.198  4.569   1.534   0.21 47.07  ? 123 LEU   A CD1 1 
ATOM   1396 C  CD1 D LEU   A 1 114 ? -0.199  4.569   1.532   0.20 47.01  ? 123 LEU   A CD1 1 
ATOM   1397 C  CD2 A LEU   A 1 114 ? -3.071  4.856   0.313   0.30 40.33  ? 123 LEU   A CD2 1 
ATOM   1398 C  CD2 B LEU   A 1 114 ? -3.071  4.856   0.313   0.29 40.30  ? 123 LEU   A CD2 1 
ATOM   1399 C  CD2 C LEU   A 1 114 ? -2.536  4.380   0.677   0.21 47.70  ? 123 LEU   A CD2 1 
ATOM   1400 C  CD2 D LEU   A 1 114 ? -2.540  4.380   0.677   0.20 47.60  ? 123 LEU   A CD2 1 
ATOM   1401 N  N   A ARG   A 1 115 ? -0.610  8.659   2.388   0.30 46.98  ? 124 ARG   A N   1 
ATOM   1402 N  N   B ARG   A 1 115 ? -0.610  8.657   2.387   0.29 47.01  ? 124 ARG   A N   1 
ATOM   1403 N  N   C ARG   A 1 115 ? -0.522  8.583   2.563   0.21 44.95  ? 124 ARG   A N   1 
ATOM   1404 N  N   D ARG   A 1 115 ? -0.521  8.584   2.564   0.20 45.01  ? 124 ARG   A N   1 
ATOM   1405 C  CA  A ARG   A 1 115 ? -0.604  9.840   1.491   0.30 52.90  ? 124 ARG   A CA  1 
ATOM   1406 C  CA  B ARG   A 1 115 ? -0.603  9.840   1.491   0.29 52.93  ? 124 ARG   A CA  1 
ATOM   1407 C  CA  C ARG   A 1 115 ? -0.505  9.643   1.525   0.21 46.99  ? 124 ARG   A CA  1 
ATOM   1408 C  CA  D ARG   A 1 115 ? -0.505  9.644   1.527   0.20 47.04  ? 124 ARG   A CA  1 
ATOM   1409 C  C   A ARG   A 1 115 ? -1.234  9.429   0.154   0.30 56.93  ? 124 ARG   A C   1 
ATOM   1410 C  C   B ARG   A 1 115 ? -1.233  9.430   0.153   0.29 56.92  ? 124 ARG   A C   1 
ATOM   1411 C  C   C ARG   A 1 115 ? -0.857  9.003   0.176   0.21 48.98  ? 124 ARG   A C   1 
ATOM   1412 C  C   D ARG   A 1 115 ? -0.856  9.005   0.177   0.20 48.94  ? 124 ARG   A C   1 
ATOM   1413 O  O   A ARG   A 1 115 ? -0.595  8.667   -0.607  0.30 60.58  ? 124 ARG   A O   1 
ATOM   1414 O  O   B ARG   A 1 115 ? -0.593  8.669   -0.608  0.29 60.52  ? 124 ARG   A O   1 
ATOM   1415 O  O   C ARG   A 1 115 ? -0.251  7.957   -0.156  0.21 49.73  ? 124 ARG   A O   1 
ATOM   1416 O  O   D ARG   A 1 115 ? -0.248  7.961   -0.155  0.20 49.66  ? 124 ARG   A O   1 
ATOM   1417 C  CB  A ARG   A 1 115 ? 0.827   10.361  1.336   0.30 57.76  ? 124 ARG   A CB  1 
ATOM   1418 C  CB  B ARG   A 1 115 ? 0.827   10.361  1.336   0.29 57.76  ? 124 ARG   A CB  1 
ATOM   1419 C  CB  C ARG   A 1 115 ? 0.867   10.311  1.398   0.21 49.49  ? 124 ARG   A CB  1 
ATOM   1420 C  CB  D ARG   A 1 115 ? 0.868   10.312  1.398   0.20 49.48  ? 124 ARG   A CB  1 
ATOM   1421 C  CG  A ARG   A 1 115 ? 0.924   11.723  0.670   0.30 62.36  ? 124 ARG   A CG  1 
ATOM   1422 C  CG  B ARG   A 1 115 ? 0.925   11.723  0.669   0.29 62.31  ? 124 ARG   A CG  1 
ATOM   1423 C  CG  C ARG   A 1 115 ? 0.861   11.498  0.447   0.21 51.43  ? 124 ARG   A CG  1 
ATOM   1424 C  CG  D ARG   A 1 115 ? 0.862   11.499  0.447   0.20 51.37  ? 124 ARG   A CG  1 
ATOM   1425 C  CD  A ARG   A 1 115 ? 2.352   12.234  0.704   0.30 66.22  ? 124 ARG   A CD  1 
ATOM   1426 C  CD  B ARG   A 1 115 ? 2.351   12.235  0.704   0.29 66.16  ? 124 ARG   A CD  1 
ATOM   1427 C  CD  C ARG   A 1 115 ? 2.257   11.897  0.011   0.21 52.93  ? 124 ARG   A CD  1 
ATOM   1428 C  CD  D ARG   A 1 115 ? 2.258   11.897  0.011   0.20 52.85  ? 124 ARG   A CD  1 
ATOM   1429 N  NE  A ARG   A 1 115 ? 2.792   12.496  2.069   0.30 69.82  ? 124 ARG   A NE  1 
ATOM   1430 N  NE  B ARG   A 1 115 ? 2.792   12.496  2.069   0.29 69.73  ? 124 ARG   A NE  1 
ATOM   1431 N  NE  C ARG   A 1 115 ? 2.235   13.086  -0.830  0.21 54.69  ? 124 ARG   A NE  1 
ATOM   1432 N  NE  D ARG   A 1 115 ? 2.234   13.086  -0.830  0.20 54.56  ? 124 ARG   A NE  1 
ATOM   1433 C  CZ  A ARG   A 1 115 ? 4.030   12.826  2.426   0.30 71.63  ? 124 ARG   A CZ  1 
ATOM   1434 C  CZ  B ARG   A 1 115 ? 4.031   12.826  2.426   0.29 71.54  ? 124 ARG   A CZ  1 
ATOM   1435 C  CZ  C ARG   A 1 115 ? 2.102   14.335  -0.389  0.21 54.00  ? 124 ARG   A CZ  1 
ATOM   1436 C  CZ  D ARG   A 1 115 ? 2.100   14.334  -0.391  0.20 53.93  ? 124 ARG   A CZ  1 
ATOM   1437 N  NH1 A ARG   A 1 115 ? 4.987   12.935  1.516   0.30 68.51  ? 124 ARG   A NH1 1 
ATOM   1438 N  NH1 B ARG   A 1 115 ? 4.987   12.935  1.516   0.29 68.51  ? 124 ARG   A NH1 1 
ATOM   1439 N  NH1 C ARG   A 1 115 ? 1.973   14.591  0.902   0.21 51.92  ? 124 ARG   A NH1 1 
ATOM   1440 N  NH1 D ARG   A 1 115 ? 1.972   14.590  0.901   0.20 51.96  ? 124 ARG   A NH1 1 
ATOM   1441 N  NH2 A ARG   A 1 115 ? 4.305   13.048  3.701   0.30 71.32  ? 124 ARG   A NH2 1 
ATOM   1442 N  NH2 B ARG   A 1 115 ? 4.305   13.048  3.702   0.29 71.26  ? 124 ARG   A NH2 1 
ATOM   1443 N  NH2 C ARG   A 1 115 ? 2.094   15.330  -1.256  0.21 53.25  ? 124 ARG   A NH2 1 
ATOM   1444 N  NH2 D ARG   A 1 115 ? 2.092   15.330  -1.257  0.20 53.23  ? 124 ARG   A NH2 1 
ATOM   1445 N  N   A LYS   A 1 116 ? -2.460  9.897   -0.096  0.30 59.12  ? 125 LYS   A N   1 
ATOM   1446 N  N   B LYS   A 1 116 ? -2.460  9.896   -0.095  0.29 59.11  ? 125 LYS   A N   1 
ATOM   1447 N  N   C LYS   A 1 116 ? -3.117  9.708   0.078   0.21 58.29  ? 125 LYS   A N   1 
ATOM   1448 N  N   D LYS   A 1 116 ? -3.118  9.712   0.081   0.20 58.24  ? 125 LYS   A N   1 
ATOM   1449 C  CA  A LYS   A 1 116 ? -3.325  9.514   -1.237  0.30 62.07  ? 125 LYS   A CA  1 
ATOM   1450 C  CA  B LYS   A 1 116 ? -3.324  9.514   -1.236  0.29 62.02  ? 125 LYS   A CA  1 
ATOM   1451 C  CA  C LYS   A 1 116 ? -3.656  9.174   -1.195  0.21 57.59  ? 125 LYS   A CA  1 
ATOM   1452 C  CA  D LYS   A 1 116 ? -3.655  9.176   -1.193  0.20 57.57  ? 125 LYS   A CA  1 
ATOM   1453 C  C   A LYS   A 1 116 ? -3.467  10.707  -2.191  0.30 64.15  ? 125 LYS   A C   1 
ATOM   1454 C  C   B LYS   A 1 116 ? -3.465  10.707  -2.193  0.29 64.09  ? 125 LYS   A C   1 
ATOM   1455 C  C   C LYS   A 1 116 ? -2.599  9.263   -2.307  0.21 57.96  ? 125 LYS   A C   1 
ATOM   1456 C  C   D LYS   A 1 116 ? -2.596  9.264   -2.302  0.20 57.96  ? 125 LYS   A C   1 
ATOM   1457 O  O   A LYS   A 1 116 ? -3.106  11.842  -1.860  0.30 66.00  ? 125 LYS   A O   1 
ATOM   1458 O  O   B LYS   A 1 116 ? -3.113  11.843  -1.858  0.29 65.95  ? 125 LYS   A O   1 
ATOM   1459 O  O   C LYS   A 1 116 ? -1.893  10.266  -2.453  0.21 60.49  ? 125 LYS   A O   1 
ATOM   1460 O  O   D LYS   A 1 116 ? -1.891  10.266  -2.451  0.20 60.41  ? 125 LYS   A O   1 
ATOM   1461 C  CB  A LYS   A 1 116 ? -4.669  9.054   -0.721  0.30 59.38  ? 125 LYS   A CB  1 
ATOM   1462 C  CB  B LYS   A 1 116 ? -4.670  9.055   -0.722  0.29 59.41  ? 125 LYS   A CB  1 
ATOM   1463 C  CB  C LYS   A 1 116 ? -4.930  9.947   -1.538  0.21 55.56  ? 125 LYS   A CB  1 
ATOM   1464 C  CB  D LYS   A 1 116 ? -4.928  9.949   -1.540  0.20 55.64  ? 125 LYS   A CB  1 
ATOM   1465 C  CG  C LYS   A 1 116 ? -6.182  9.337   -0.926  0.21 53.96  ? 125 LYS   A CG  1 
ATOM   1466 C  CG  D LYS   A 1 116 ? -6.182  9.338   -0.933  0.20 54.12  ? 125 LYS   A CG  1 
ATOM   1467 C  CD  C LYS   A 1 116 ? -7.327  10.292  -0.799  0.21 54.33  ? 125 LYS   A CD  1 
ATOM   1468 C  CD  D LYS   A 1 116 ? -7.327  10.296  -0.801  0.20 54.43  ? 125 LYS   A CD  1 
ATOM   1469 C  CE  C LYS   A 1 116 ? -8.137  10.034  0.450   0.21 54.83  ? 125 LYS   A CE  1 
ATOM   1470 C  CE  D LYS   A 1 116 ? -8.135  10.037  0.450   0.20 54.91  ? 125 LYS   A CE  1 
ATOM   1471 N  NZ  C LYS   A 1 116 ? -9.252  10.997  0.577   0.21 57.52  ? 125 LYS   A NZ  1 
ATOM   1472 N  NZ  D LYS   A 1 116 ? -9.251  10.998  0.578   0.20 57.45  ? 125 LYS   A NZ  1 
HETATM 1473 C  C10 C A1CS0 B 2 .   ? -6.402  7.053   -3.743  0.21 31.76  ? 201 A1CS0 A C10 1 
HETATM 1474 C  C10 D A1CS0 B 2 .   ? -5.403  5.607   -2.526  0.20 38.43  ? 201 A1CS0 A C10 1 
HETATM 1475 O  O01 C A1CS0 B 2 .   ? -9.866  4.643   1.150   0.21 36.43  ? 201 A1CS0 A O01 1 
HETATM 1476 O  O01 D A1CS0 B 2 .   ? -11.354 7.977   -1.929  0.20 39.97  ? 201 A1CS0 A O01 1 
HETATM 1477 C  C02 C A1CS0 B 2 .   ? -8.554  4.189   0.952   0.21 34.55  ? 201 A1CS0 A C02 1 
HETATM 1478 C  C02 D A1CS0 B 2 .   ? -11.059 6.724   -1.416  0.20 40.29  ? 201 A1CS0 A C02 1 
HETATM 1479 C  C03 C A1CS0 B 2 .   ? -7.963  4.904   -0.237  0.21 33.89  ? 201 A1CS0 A C03 1 
HETATM 1480 C  C03 D A1CS0 B 2 .   ? -9.598  6.440   -1.698  0.20 40.78  ? 201 A1CS0 A C03 1 
HETATM 1481 C  C04 C A1CS0 B 2 .   ? -8.739  5.779   -0.972  0.21 34.79  ? 201 A1CS0 A C04 1 
HETATM 1482 C  C04 D A1CS0 B 2 .   ? -8.987  6.915   -2.870  0.20 42.10  ? 201 A1CS0 A C04 1 
HETATM 1483 C  C05 C A1CS0 B 2 .   ? -8.204  6.452   -2.101  0.21 34.55  ? 201 A1CS0 A C05 1 
HETATM 1484 C  C05 D A1CS0 B 2 .   ? -7.612  6.638   -3.142  0.20 40.27  ? 201 A1CS0 A C05 1 
HETATM 1485 C  C06 C A1CS0 B 2 .   ? -6.886  6.256   -2.494  0.21 34.25  ? 201 A1CS0 A C06 1 
HETATM 1486 C  C06 D A1CS0 B 2 .   ? -6.875  5.886   -2.231  0.20 40.80  ? 201 A1CS0 A C06 1 
HETATM 1487 C  C07 C A1CS0 B 2 .   ? -6.145  5.384   -1.728  0.21 35.59  ? 201 A1CS0 A C07 1 
HETATM 1488 C  C07 D A1CS0 B 2 .   ? -7.515  5.443   -1.110  0.20 39.88  ? 201 A1CS0 A C07 1 
HETATM 1489 C  C08 C A1CS0 B 2 .   ? -6.648  4.703   -0.626  0.21 33.51  ? 201 A1CS0 A C08 1 
HETATM 1490 C  C08 D A1CS0 B 2 .   ? -8.845  5.694   -0.813  0.20 41.32  ? 201 A1CS0 A C08 1 
HETATM 1491 BR BR9 C A1CS0 B 2 .   ? -4.320  5.037   -2.171  0.21 41.28  ? 201 A1CS0 A BR9 1 
HETATM 1492 BR BR9 D A1CS0 B 2 .   ? -6.545  4.410   0.169   0.20 44.31  ? 201 A1CS0 A BR9 1 
HETATM 1493 O  O11 C A1CS0 B 2 .   ? -5.008  6.870   -3.954  0.21 30.09  ? 201 A1CS0 A O11 1 
HETATM 1494 O  O11 D A1CS0 B 2 .   ? -4.777  5.314   -1.295  0.20 40.24  ? 201 A1CS0 A O11 1 
HETATM 1495 O  O   . HOH   C 3 .   ? -8.562  -8.624  7.065   0.50 46.31  ? 301 HOH   A O   1 
HETATM 1496 O  O   . HOH   C 3 .   ? 2.499   17.589  -0.967  1.00 48.17  ? 302 HOH   A O   1 
HETATM 1497 O  O   . HOH   C 3 .   ? 0.470   17.004  -1.126  1.00 51.93  ? 303 HOH   A O   1 
HETATM 1498 O  O   . HOH   C 3 .   ? 13.742  0.535   -13.597 1.00 46.67  ? 304 HOH   A O   1 
HETATM 1499 O  O   . HOH   C 3 .   ? 15.492  -5.438  -4.887  1.00 54.15  ? 305 HOH   A O   1 
HETATM 1500 O  O   A HOH   C 3 .   ? -1.575  7.553   -3.430  0.30 42.77  ? 306 HOH   A O   1 
HETATM 1501 O  O   B HOH   C 3 .   ? -1.574  7.557   -3.431  0.29 42.85  ? 306 HOH   A O   1 
HETATM 1502 O  O   . HOH   C 3 .   ? 1.382   0.895   12.289  1.00 54.55  ? 307 HOH   A O   1 
HETATM 1503 O  O   . HOH   C 3 .   ? 7.597   -11.664 5.570   1.00 44.27  ? 308 HOH   A O   1 
HETATM 1504 O  O   . HOH   C 3 .   ? -8.494  -4.015  6.805   1.00 60.37  ? 309 HOH   A O   1 
HETATM 1505 O  O   . HOH   C 3 .   ? 5.110   -3.856  8.894   1.00 42.58  ? 310 HOH   A O   1 
HETATM 1506 O  O   . HOH   C 3 .   ? 5.055   8.126   -18.326 1.00 75.97  ? 311 HOH   A O   1 
HETATM 1507 O  O   . HOH   C 3 .   ? 14.870  -3.132  -2.625  1.00 51.18  ? 312 HOH   A O   1 
HETATM 1508 O  O   . HOH   C 3 .   ? 10.391  10.874  10.194  0.50 58.55  ? 313 HOH   A O   1 
HETATM 1509 O  O   . HOH   C 3 .   ? 6.771   -18.945 -2.437  1.00 54.77  ? 314 HOH   A O   1 
HETATM 1510 O  O   . HOH   C 3 .   ? 14.477  5.367   -3.178  1.00 42.65  ? 315 HOH   A O   1 
HETATM 1511 O  O   . HOH   C 3 .   ? 2.553   -9.413  -11.145 1.00 45.34  ? 316 HOH   A O   1 
HETATM 1512 O  O   . HOH   C 3 .   ? 12.722  -14.153 -8.305  1.00 45.66  ? 317 HOH   A O   1 
HETATM 1513 O  O   . HOH   C 3 .   ? -6.380  -3.009  12.952  1.00 54.99  ? 318 HOH   A O   1 
HETATM 1514 O  O   . HOH   C 3 .   ? 4.382   -5.425  -5.098  1.00 27.93  ? 319 HOH   A O   1 
HETATM 1515 O  O   . HOH   C 3 .   ? 11.264  -11.002 -7.885  1.00 37.02  ? 320 HOH   A O   1 
HETATM 1516 O  O   . HOH   C 3 .   ? 6.468   -13.603 4.737   1.00 40.86  ? 321 HOH   A O   1 
HETATM 1517 O  O   . HOH   C 3 .   ? 0.220   -8.938  -18.844 1.00 41.65  ? 322 HOH   A O   1 
HETATM 1518 O  O   . HOH   C 3 .   ? -6.578  -3.543  2.082   1.00 30.83  ? 323 HOH   A O   1 
HETATM 1519 O  O   . HOH   C 3 .   ? -2.921  -12.388 -3.486  1.00 24.43  ? 324 HOH   A O   1 
HETATM 1520 O  O   . HOH   C 3 .   ? 13.719  -9.999  0.421   1.00 43.68  ? 325 HOH   A O   1 
HETATM 1521 O  O   . HOH   C 3 .   ? 5.056   8.163   10.607  1.00 48.82  ? 326 HOH   A O   1 
HETATM 1522 O  O   . HOH   C 3 .   ? -10.130 4.839   -9.684  1.00 52.59  ? 327 HOH   A O   1 
HETATM 1523 O  O   . HOH   C 3 .   ? 4.703   -10.897 6.174   1.00 31.67  ? 328 HOH   A O   1 
HETATM 1524 O  O   . HOH   C 3 .   ? 5.017   -10.909 9.123   1.00 43.22  ? 329 HOH   A O   1 
HETATM 1525 O  O   . HOH   C 3 .   ? 5.389   -7.753  -5.955  1.00 27.21  ? 330 HOH   A O   1 
HETATM 1526 O  O   . HOH   C 3 .   ? 0.677   5.224   -11.835 1.00 40.88  ? 331 HOH   A O   1 
HETATM 1527 O  O   . HOH   C 3 .   ? -2.832  -16.218 10.955  1.00 42.51  ? 332 HOH   A O   1 
HETATM 1528 O  O   . HOH   C 3 .   ? 1.853   -2.094  -17.483 1.00 39.29  ? 333 HOH   A O   1 
HETATM 1529 O  O   . HOH   C 3 .   ? -6.245  13.961  14.559  1.00 68.74  ? 334 HOH   A O   1 
HETATM 1530 O  O   . HOH   C 3 .   ? -3.837  -2.074  -15.021 1.00 48.17  ? 335 HOH   A O   1 
HETATM 1531 O  O   . HOH   C 3 .   ? 13.976  4.413   1.558   1.00 53.45  ? 336 HOH   A O   1 
HETATM 1532 O  O   . HOH   C 3 .   ? -3.041  -5.439  -13.784 1.00 41.21  ? 337 HOH   A O   1 
HETATM 1533 O  O   . HOH   C 3 .   ? 14.643  -4.907  -8.303  1.00 40.07  ? 338 HOH   A O   1 
HETATM 1534 O  O   . HOH   C 3 .   ? 8.921   14.525  8.378   0.50 117.91 ? 339 HOH   A O   1 
HETATM 1535 O  O   . HOH   C 3 .   ? -6.969  -0.701  2.257   1.00 39.67  ? 340 HOH   A O   1 
HETATM 1536 O  O   . HOH   C 3 .   ? -0.819  -15.094 5.228   1.00 29.89  ? 341 HOH   A O   1 
HETATM 1537 O  O   . HOH   C 3 .   ? 3.574   -5.054  -7.802  1.00 28.27  ? 342 HOH   A O   1 
HETATM 1538 O  O   . HOH   C 3 .   ? 4.313   -7.157  -10.239 1.00 32.16  ? 343 HOH   A O   1 
HETATM 1539 O  O   . HOH   C 3 .   ? 9.158   -4.880  5.841   1.00 44.04  ? 344 HOH   A O   1 
HETATM 1540 O  O   . HOH   C 3 .   ? 0.918   -19.049 -3.161  1.00 44.03  ? 345 HOH   A O   1 
HETATM 1541 O  O   . HOH   C 3 .   ? 14.008  0.728   4.382   1.00 45.77  ? 346 HOH   A O   1 
HETATM 1542 O  O   . HOH   C 3 .   ? -7.518  -8.290  -4.617  1.00 52.97  ? 347 HOH   A O   1 
HETATM 1543 O  O   . HOH   C 3 .   ? 9.437   -10.584 -11.312 1.00 50.35  ? 348 HOH   A O   1 
HETATM 1544 O  O   . HOH   C 3 .   ? -13.749 -4.838  -1.966  1.00 53.66  ? 349 HOH   A O   1 
HETATM 1545 O  O   . HOH   C 3 .   ? -1.948  -16.748 8.474   1.00 44.67  ? 350 HOH   A O   1 
HETATM 1546 O  O   . HOH   C 3 .   ? -0.297  -1.012  13.398  1.00 50.80  ? 351 HOH   A O   1 
HETATM 1547 O  O   A HOH   C 3 .   ? -8.048  -3.224  -9.565  0.30 38.16  ? 352 HOH   A O   1 
HETATM 1548 O  O   B HOH   C 3 .   ? -8.052  -3.229  -9.574  0.29 37.99  ? 352 HOH   A O   1 
HETATM 1549 O  O   C HOH   C 3 .   ? -7.985  -2.665  -9.627  0.21 30.06  ? 352 HOH   A O   1 
HETATM 1550 O  O   D HOH   C 3 .   ? -7.999  -2.675  -9.629  0.20 30.42  ? 352 HOH   A O   1 
HETATM 1551 O  O   . HOH   C 3 .   ? -9.204  7.984   6.989   1.00 49.41  ? 353 HOH   A O   1 
HETATM 1552 O  O   . HOH   C 3 .   ? 8.169   0.215   -15.837 1.00 38.04  ? 354 HOH   A O   1 
HETATM 1553 O  O   . HOH   C 3 .   ? -3.426  -5.758  -9.880  1.00 38.63  ? 355 HOH   A O   1 
HETATM 1554 O  O   . HOH   C 3 .   ? 1.069   -14.589 -8.613  1.00 45.08  ? 356 HOH   A O   1 
HETATM 1555 O  O   . HOH   C 3 .   ? -3.461  -18.575 0.817   1.00 42.82  ? 357 HOH   A O   1 
HETATM 1556 O  O   . HOH   C 3 .   ? -7.835  -6.521  2.842   1.00 48.09  ? 358 HOH   A O   1 
HETATM 1557 O  O   . HOH   C 3 .   ? -7.852  1.612   10.477  1.00 49.11  ? 359 HOH   A O   1 
HETATM 1558 O  O   . HOH   C 3 .   ? 5.724   -17.504 4.329   1.00 30.90  ? 360 HOH   A O   1 
HETATM 1559 O  O   . HOH   C 3 .   ? 10.401  12.158  0.538   1.00 51.35  ? 361 HOH   A O   1 
HETATM 1560 O  O   . HOH   C 3 .   ? -8.903  -0.228  7.046   1.00 50.05  ? 362 HOH   A O   1 
HETATM 1561 O  O   . HOH   C 3 .   ? 0.602   -13.220 -10.399 1.00 50.21  ? 363 HOH   A O   1 
HETATM 1562 O  O   A HOH   C 3 .   ? 6.151   8.684   -3.050  0.30 45.83  ? 364 HOH   A O   1 
HETATM 1563 O  O   B HOH   C 3 .   ? 6.151   8.680   -3.046  0.29 45.83  ? 364 HOH   A O   1 
HETATM 1564 O  O   A HOH   C 3 .   ? 1.896   7.514   -1.708  0.30 33.41  ? 365 HOH   A O   1 
HETATM 1565 O  O   B HOH   C 3 .   ? 1.897   7.510   -1.707  0.29 33.33  ? 365 HOH   A O   1 
HETATM 1566 O  O   C HOH   C 3 .   ? 1.989   7.354   -1.781  0.21 33.83  ? 365 HOH   A O   1 
HETATM 1567 O  O   D HOH   C 3 .   ? 1.988   7.344   -1.783  0.20 34.09  ? 365 HOH   A O   1 
HETATM 1568 O  O   . HOH   C 3 .   ? 6.131   2.468   -16.048 1.00 52.36  ? 366 HOH   A O   1 
HETATM 1569 O  O   A HOH   C 3 .   ? 18.861  -1.504  -14.162 0.50 49.53  ? 367 HOH   A O   1 
HETATM 1570 O  O   B HOH   C 3 .   ? 18.861  -1.504  -14.162 0.50 49.53  ? 367 HOH   A O   1 
HETATM 1571 O  O   . HOH   C 3 .   ? -3.971  -17.998 4.081   1.00 40.58  ? 368 HOH   A O   1 
HETATM 1572 O  O   . HOH   C 3 .   ? 4.314   -20.588 -1.896  1.00 46.78  ? 369 HOH   A O   1 
HETATM 1573 O  O   . HOH   C 3 .   ? 14.226  6.026   -0.688  1.00 42.69  ? 370 HOH   A O   1 
HETATM 1574 O  O   . HOH   C 3 .   ? 10.226  -20.787 -2.407  1.00 51.67  ? 371 HOH   A O   1 
HETATM 1575 O  O   . HOH   C 3 .   ? -9.856  -9.937  -0.001  1.00 53.56  ? 372 HOH   A O   1 
HETATM 1576 O  O   . HOH   C 3 .   ? 5.515   1.869   -18.770 1.00 50.92  ? 373 HOH   A O   1 
HETATM 1577 O  O   . HOH   C 3 .   ? 13.598  8.742   -6.716  1.00 62.56  ? 374 HOH   A O   1 
HETATM 1578 O  O   . HOH   C 3 .   ? -8.265  -4.051  4.029   1.00 44.25  ? 375 HOH   A O   1 
HETATM 1579 O  O   A HOH   C 3 .   ? -5.335  5.599   -3.035  0.30 47.04  ? 376 HOH   A O   1 
HETATM 1580 O  O   B HOH   C 3 .   ? -5.338  5.599   -3.036  0.29 47.00  ? 376 HOH   A O   1 
HETATM 1581 O  O   . HOH   C 3 .   ? 17.175  -1.783  -3.790  1.00 42.41  ? 377 HOH   A O   1 
HETATM 1582 O  O   . HOH   C 3 .   ? 8.146   -1.966  -17.483 1.00 54.12  ? 378 HOH   A O   1 
HETATM 1583 O  O   . HOH   C 3 .   ? 10.338  1.962   -15.726 1.00 53.40  ? 379 HOH   A O   1 
HETATM 1584 O  O   . HOH   C 3 .   ? 16.252  -11.202 -0.902  1.00 60.43  ? 380 HOH   A O   1 
HETATM 1585 O  O   . HOH   C 3 .   ? 1.439   -19.202 -5.792  1.00 62.09  ? 381 HOH   A O   1 
# 
